data_2KUC
#
_entry.id   2KUC
#
_cell.length_a   1.000
_cell.length_b   1.000
_cell.length_c   1.000
_cell.angle_alpha   90.00
_cell.angle_beta   90.00
_cell.angle_gamma   90.00
#
_symmetry.space_group_name_H-M   'P 1'
#
_entity_poly.entity_id   1
_entity_poly.type   'polypeptide(L)'
_entity_poly.pdbx_seq_one_letter_code
;MSLAQADGIAFRELSFPEALKRAEVEDKLLFVDCFTTWCGPCKRLSKVVFKDSLVADYFNRHFVNLKMDMEKGEGVELRK
KYGVHAYPTLLFINSSGEVVYRLVGAEDAPELLKKVKLGVESEGHHHHHH
;
_entity_poly.pdbx_strand_id   A
#
# COMPACT_ATOMS: atom_id res chain seq x y z
N ALA A 4 -24.61 -11.68 -6.07
CA ALA A 4 -23.41 -11.16 -6.75
C ALA A 4 -22.22 -11.18 -5.79
N GLN A 5 -21.07 -11.61 -6.30
CA GLN A 5 -19.87 -11.69 -5.49
C GLN A 5 -18.64 -11.25 -6.28
N ALA A 6 -18.08 -10.12 -5.88
CA ALA A 6 -16.90 -9.58 -6.51
C ALA A 6 -16.02 -8.90 -5.47
N ASP A 7 -14.74 -9.23 -5.46
CA ASP A 7 -13.82 -8.65 -4.50
C ASP A 7 -12.76 -7.83 -5.24
N GLY A 8 -11.71 -7.44 -4.54
CA GLY A 8 -10.72 -6.57 -5.15
C GLY A 8 -9.34 -6.75 -4.56
N ILE A 9 -8.72 -5.64 -4.23
CA ILE A 9 -7.38 -5.63 -3.67
C ILE A 9 -7.33 -6.35 -2.33
N ALA A 10 -6.45 -7.32 -2.21
CA ALA A 10 -6.24 -8.03 -0.96
C ALA A 10 -4.75 -8.08 -0.64
N PHE A 11 -4.36 -7.37 0.41
CA PHE A 11 -2.96 -7.27 0.78
C PHE A 11 -2.54 -8.52 1.56
N ARG A 12 -1.35 -9.02 1.26
CA ARG A 12 -0.80 -10.14 2.01
C ARG A 12 -0.05 -9.62 3.23
N GLU A 13 0.22 -10.48 4.19
CA GLU A 13 0.91 -10.06 5.40
C GLU A 13 2.13 -10.94 5.67
N LEU A 14 3.30 -10.35 5.52
CA LEU A 14 4.55 -11.02 5.83
C LEU A 14 5.54 -10.03 6.46
N SER A 15 6.58 -10.57 7.07
CA SER A 15 7.55 -9.76 7.80
C SER A 15 8.42 -8.91 6.87
N PHE A 16 9.12 -7.94 7.46
CA PHE A 16 9.93 -6.97 6.71
C PHE A 16 10.93 -7.67 5.75
N PRO A 17 11.79 -8.60 6.25
CA PRO A 17 12.73 -9.31 5.39
C PRO A 17 12.05 -10.09 4.28
N GLU A 18 10.95 -10.75 4.63
CA GLU A 18 10.17 -11.52 3.69
C GLU A 18 9.58 -10.63 2.61
N ALA A 19 9.20 -9.41 3.00
CA ALA A 19 8.57 -8.48 2.08
C ALA A 19 9.50 -8.12 0.93
N LEU A 20 10.70 -7.66 1.27
CA LEU A 20 11.68 -7.26 0.26
C LEU A 20 12.04 -8.43 -0.64
N LYS A 21 12.27 -9.59 -0.04
CA LYS A 21 12.61 -10.79 -0.77
C LYS A 21 11.49 -11.20 -1.73
N ARG A 22 10.25 -11.14 -1.25
CA ARG A 22 9.11 -11.53 -2.04
C ARG A 22 8.87 -10.57 -3.18
N ALA A 23 9.08 -9.28 -2.93
CA ALA A 23 8.95 -8.26 -3.98
C ALA A 23 9.87 -8.58 -5.13
N GLU A 24 11.13 -8.86 -4.80
CA GLU A 24 12.16 -9.14 -5.80
C GLU A 24 11.83 -10.41 -6.58
N VAL A 25 11.41 -11.46 -5.88
CA VAL A 25 11.20 -12.75 -6.52
C VAL A 25 9.88 -12.81 -7.30
N GLU A 26 8.84 -12.16 -6.80
CA GLU A 26 7.53 -12.23 -7.44
C GLU A 26 7.46 -11.32 -8.66
N ASP A 27 8.10 -10.16 -8.56
CA ASP A 27 8.18 -9.24 -9.69
C ASP A 27 9.07 -8.07 -9.37
N LYS A 28 8.50 -7.14 -8.65
CA LYS A 28 9.13 -5.87 -8.35
C LYS A 28 8.18 -4.97 -7.57
N LEU A 29 8.76 -4.10 -6.74
CA LEU A 29 8.01 -3.03 -6.06
C LEU A 29 7.13 -3.57 -4.95
N LEU A 30 7.05 -2.82 -3.87
CA LEU A 30 6.26 -3.20 -2.73
C LEU A 30 5.25 -2.11 -2.41
N PHE A 31 3.98 -2.47 -2.42
CA PHE A 31 2.92 -1.55 -2.06
C PHE A 31 2.56 -1.76 -0.59
N VAL A 32 3.07 -0.88 0.27
CA VAL A 32 2.91 -1.03 1.69
C VAL A 32 1.69 -0.27 2.20
N ASP A 33 0.65 -1.02 2.53
CA ASP A 33 -0.56 -0.44 3.07
C ASP A 33 -0.43 -0.29 4.58
N CYS A 34 -0.19 0.94 5.02
CA CYS A 34 -0.07 1.23 6.43
C CYS A 34 -1.37 1.82 6.96
N PHE A 35 -1.97 1.13 7.91
CA PHE A 35 -3.25 1.55 8.45
C PHE A 35 -3.17 1.75 9.95
N THR A 36 -4.07 2.54 10.49
CA THR A 36 -4.15 2.75 11.92
C THR A 36 -5.26 1.87 12.49
N THR A 37 -5.09 1.43 13.74
CA THR A 37 -6.04 0.56 14.42
C THR A 37 -7.46 1.12 14.38
N TRP A 38 -7.53 2.44 14.17
CA TRP A 38 -8.78 3.17 14.06
C TRP A 38 -9.71 2.57 13.00
N CYS A 39 -9.10 2.05 11.95
CA CYS A 39 -9.82 1.55 10.78
C CYS A 39 -10.45 2.71 10.01
N GLY A 40 -11.67 3.08 10.37
CA GLY A 40 -12.34 4.23 9.74
C GLY A 40 -12.39 4.13 8.22
N PRO A 41 -11.71 5.04 7.51
CA PRO A 41 -11.71 5.11 6.04
C PRO A 41 -11.28 3.81 5.37
N CYS A 42 -10.51 2.99 6.09
CA CYS A 42 -10.00 1.74 5.55
C CYS A 42 -11.13 0.88 4.98
N LYS A 43 -12.26 0.82 5.68
CA LYS A 43 -13.38 0.00 5.25
C LYS A 43 -14.16 0.68 4.13
N ARG A 44 -14.07 2.01 4.06
CA ARG A 44 -14.70 2.75 2.97
C ARG A 44 -14.06 2.38 1.65
N LEU A 45 -12.73 2.42 1.62
CA LEU A 45 -11.97 2.01 0.44
C LEU A 45 -12.23 0.55 0.13
N SER A 46 -12.35 -0.25 1.17
CA SER A 46 -12.65 -1.67 1.04
C SER A 46 -14.02 -1.86 0.40
N LYS A 47 -14.92 -0.90 0.62
CA LYS A 47 -16.26 -0.96 0.07
C LYS A 47 -16.27 -0.70 -1.43
N VAL A 48 -15.73 0.46 -1.83
CA VAL A 48 -15.84 0.92 -3.21
C VAL A 48 -14.68 0.42 -4.08
N VAL A 49 -13.46 0.65 -3.62
CA VAL A 49 -12.28 0.37 -4.43
C VAL A 49 -12.05 -1.14 -4.55
N PHE A 50 -12.32 -1.86 -3.48
CA PHE A 50 -12.09 -3.30 -3.44
C PHE A 50 -13.22 -4.07 -4.13
N LYS A 51 -13.80 -3.46 -5.15
CA LYS A 51 -14.81 -4.13 -5.96
C LYS A 51 -14.45 -4.03 -7.43
N ASP A 52 -13.55 -3.11 -7.75
CA ASP A 52 -13.15 -2.88 -9.13
C ASP A 52 -12.00 -3.79 -9.53
N SER A 53 -12.22 -4.59 -10.56
CA SER A 53 -11.22 -5.56 -11.01
C SER A 53 -10.02 -4.87 -11.64
N LEU A 54 -10.25 -3.79 -12.37
CA LEU A 54 -9.18 -3.12 -13.10
C LEU A 54 -8.22 -2.45 -12.14
N VAL A 55 -8.75 -1.67 -11.21
CA VAL A 55 -7.92 -0.97 -10.23
C VAL A 55 -7.15 -1.98 -9.37
N ALA A 56 -7.83 -3.06 -9.01
CA ALA A 56 -7.22 -4.12 -8.24
C ALA A 56 -6.10 -4.80 -9.02
N ASP A 57 -6.40 -5.14 -10.27
CA ASP A 57 -5.45 -5.82 -11.14
C ASP A 57 -4.18 -5.00 -11.32
N TYR A 58 -4.34 -3.70 -11.56
CA TYR A 58 -3.22 -2.81 -11.78
C TYR A 58 -2.28 -2.83 -10.57
N PHE A 59 -2.87 -2.77 -9.38
CA PHE A 59 -2.11 -2.79 -8.15
C PHE A 59 -1.46 -4.15 -7.91
N ASN A 60 -2.27 -5.21 -7.97
CA ASN A 60 -1.82 -6.55 -7.64
C ASN A 60 -0.78 -7.08 -8.63
N ARG A 61 -0.86 -6.64 -9.87
CA ARG A 61 0.04 -7.14 -10.90
C ARG A 61 1.32 -6.30 -10.98
N HIS A 62 1.18 -4.99 -10.95
CA HIS A 62 2.32 -4.10 -11.17
C HIS A 62 3.15 -3.89 -9.91
N PHE A 63 2.63 -4.35 -8.78
CA PHE A 63 3.33 -4.23 -7.51
C PHE A 63 3.14 -5.51 -6.69
N VAL A 64 3.88 -5.64 -5.61
CA VAL A 64 3.63 -6.69 -4.64
C VAL A 64 2.97 -6.09 -3.41
N ASN A 65 1.78 -6.57 -3.08
CA ASN A 65 0.97 -5.95 -2.04
C ASN A 65 1.34 -6.46 -0.65
N LEU A 66 1.31 -5.57 0.31
CA LEU A 66 1.62 -5.90 1.69
C LEU A 66 0.85 -5.00 2.66
N LYS A 67 0.13 -5.61 3.58
CA LYS A 67 -0.51 -4.85 4.65
C LYS A 67 0.45 -4.79 5.83
N MET A 68 0.89 -3.60 6.17
CA MET A 68 1.87 -3.45 7.22
C MET A 68 1.22 -2.98 8.50
N ASP A 69 1.55 -3.62 9.60
CA ASP A 69 1.02 -3.25 10.89
C ASP A 69 1.65 -1.97 11.37
N MET A 70 0.96 -1.30 12.25
CA MET A 70 1.40 -0.04 12.80
C MET A 70 1.36 -0.08 14.32
N GLU A 71 0.81 -1.17 14.84
CA GLU A 71 0.66 -1.33 16.28
C GLU A 71 1.52 -2.51 16.74
N LYS A 72 1.64 -3.51 15.87
CA LYS A 72 2.49 -4.65 16.14
C LYS A 72 3.56 -4.79 15.05
N GLY A 73 4.44 -5.77 15.21
CA GLY A 73 5.38 -6.14 14.17
C GLY A 73 6.32 -5.01 13.77
N GLU A 74 6.94 -4.37 14.76
CA GLU A 74 7.96 -3.33 14.52
C GLU A 74 7.35 -2.11 13.81
N GLY A 75 6.03 -1.98 13.87
CA GLY A 75 5.34 -0.89 13.22
C GLY A 75 5.79 0.47 13.69
N VAL A 76 6.17 0.55 14.96
CA VAL A 76 6.60 1.80 15.58
C VAL A 76 7.71 2.51 14.81
N GLU A 77 8.64 1.74 14.24
CA GLU A 77 9.76 2.33 13.52
C GLU A 77 9.29 2.98 12.22
N LEU A 78 8.47 2.28 11.45
CA LEU A 78 7.98 2.83 10.20
C LEU A 78 7.06 4.01 10.46
N ARG A 79 6.30 3.92 11.54
CA ARG A 79 5.39 4.97 11.98
C ARG A 79 6.16 6.27 12.22
N LYS A 80 7.23 6.16 12.98
CA LYS A 80 8.01 7.31 13.37
C LYS A 80 8.91 7.80 12.24
N LYS A 81 9.43 6.87 11.48
CA LYS A 81 10.44 7.19 10.47
C LYS A 81 9.80 7.73 9.18
N TYR A 82 8.63 7.23 8.84
CA TYR A 82 7.96 7.64 7.62
C TYR A 82 6.91 8.72 7.87
N GLY A 83 6.82 9.14 9.13
CA GLY A 83 5.99 10.27 9.49
C GLY A 83 4.52 10.07 9.23
N VAL A 84 3.87 9.31 10.08
CA VAL A 84 2.43 9.14 9.99
C VAL A 84 1.73 10.38 10.55
N HIS A 85 0.62 10.77 9.95
CA HIS A 85 -0.11 11.97 10.37
C HIS A 85 -1.57 11.66 10.64
N ALA A 86 -2.12 10.70 9.90
CA ALA A 86 -3.52 10.33 10.05
C ALA A 86 -3.65 8.81 10.12
N TYR A 87 -4.76 8.28 9.63
CA TYR A 87 -5.05 6.86 9.79
C TYR A 87 -4.54 6.01 8.62
N PRO A 88 -4.88 6.34 7.35
CA PRO A 88 -4.43 5.60 6.19
C PRO A 88 -3.20 6.22 5.52
N THR A 89 -2.14 5.42 5.40
CA THR A 89 -0.92 5.89 4.76
C THR A 89 -0.41 4.83 3.78
N LEU A 90 -0.18 5.24 2.53
CA LEU A 90 0.29 4.30 1.51
C LEU A 90 1.75 4.56 1.19
N LEU A 91 2.58 3.54 1.31
CA LEU A 91 3.99 3.66 1.04
C LEU A 91 4.37 2.92 -0.23
N PHE A 92 4.91 3.65 -1.20
CA PHE A 92 5.40 3.05 -2.43
C PHE A 92 6.90 2.87 -2.33
N ILE A 93 7.33 1.62 -2.16
CA ILE A 93 8.73 1.35 -1.89
C ILE A 93 9.30 0.36 -2.90
N ASN A 94 10.53 0.60 -3.31
CA ASN A 94 11.21 -0.28 -4.26
C ASN A 94 11.73 -1.51 -3.53
N SER A 95 12.16 -2.50 -4.29
CA SER A 95 12.67 -3.74 -3.70
C SER A 95 13.99 -3.49 -2.96
N SER A 96 14.64 -2.37 -3.30
CA SER A 96 15.87 -1.97 -2.64
C SER A 96 15.59 -1.48 -1.21
N GLY A 97 14.33 -1.23 -0.90
CA GLY A 97 13.96 -0.77 0.42
C GLY A 97 13.92 0.74 0.53
N GLU A 98 13.83 1.42 -0.62
CA GLU A 98 13.71 2.87 -0.64
C GLU A 98 12.36 3.27 -1.20
N VAL A 99 11.72 4.25 -0.58
CA VAL A 99 10.42 4.71 -1.02
C VAL A 99 10.57 5.76 -2.11
N VAL A 100 9.67 5.75 -3.06
CA VAL A 100 9.66 6.75 -4.12
C VAL A 100 8.67 7.86 -3.80
N TYR A 101 7.69 7.53 -2.98
CA TYR A 101 6.63 8.46 -2.63
C TYR A 101 5.87 7.95 -1.42
N ARG A 102 5.59 8.86 -0.49
CA ARG A 102 4.76 8.54 0.66
C ARG A 102 3.42 9.23 0.53
N LEU A 103 2.37 8.44 0.40
CA LEU A 103 1.03 8.99 0.24
C LEU A 103 0.38 9.11 1.61
N VAL A 104 0.26 10.34 2.07
CA VAL A 104 -0.34 10.61 3.37
C VAL A 104 -1.80 11.01 3.20
N GLY A 105 -2.69 10.08 3.50
CA GLY A 105 -4.10 10.33 3.37
C GLY A 105 -4.75 9.46 2.33
N ALA A 106 -6.06 9.52 2.22
CA ALA A 106 -6.77 8.73 1.24
C ALA A 106 -7.81 9.57 0.54
N GLU A 107 -7.83 9.48 -0.78
CA GLU A 107 -8.80 10.20 -1.58
C GLU A 107 -9.63 9.20 -2.37
N ASP A 108 -10.54 9.68 -3.20
CA ASP A 108 -11.46 8.79 -3.91
C ASP A 108 -10.70 7.95 -4.95
N ALA A 109 -11.29 6.81 -5.33
CA ALA A 109 -10.60 5.82 -6.17
C ALA A 109 -9.82 6.41 -7.37
N PRO A 110 -10.46 7.20 -8.25
CA PRO A 110 -9.76 7.80 -9.41
C PRO A 110 -8.60 8.69 -8.99
N GLU A 111 -8.80 9.44 -7.92
CA GLU A 111 -7.79 10.33 -7.38
C GLU A 111 -6.66 9.51 -6.76
N LEU A 112 -7.02 8.44 -6.07
CA LEU A 112 -6.05 7.56 -5.42
C LEU A 112 -5.14 6.93 -6.48
N LEU A 113 -5.76 6.37 -7.52
CA LEU A 113 -5.01 5.77 -8.62
C LEU A 113 -4.09 6.80 -9.27
N LYS A 114 -4.59 8.02 -9.36
CA LYS A 114 -3.84 9.14 -9.91
C LYS A 114 -2.62 9.45 -9.05
N LYS A 115 -2.84 9.53 -7.73
CA LYS A 115 -1.76 9.81 -6.79
C LYS A 115 -0.69 8.72 -6.84
N VAL A 116 -1.12 7.48 -7.08
CA VAL A 116 -0.19 6.36 -7.22
C VAL A 116 0.77 6.60 -8.39
N LYS A 117 0.21 6.94 -9.54
CA LYS A 117 1.01 7.16 -10.73
C LYS A 117 1.93 8.36 -10.57
N LEU A 118 1.38 9.46 -10.06
CA LEU A 118 2.15 10.69 -9.87
C LEU A 118 3.27 10.48 -8.85
N GLY A 119 3.08 9.54 -7.94
CA GLY A 119 4.08 9.25 -6.94
C GLY A 119 5.22 8.42 -7.48
N VAL A 120 4.89 7.42 -8.29
CA VAL A 120 5.91 6.54 -8.85
C VAL A 120 6.58 7.20 -10.06
N GLU A 121 5.79 7.86 -10.88
CA GLU A 121 6.30 8.53 -12.06
C GLU A 121 5.84 9.99 -12.08
N SER A 122 6.61 10.84 -11.42
CA SER A 122 6.25 12.24 -11.27
C SER A 122 6.54 13.04 -12.54
N GLU A 123 5.50 13.58 -13.15
CA GLU A 123 5.66 14.46 -14.31
C GLU A 123 5.73 15.90 -13.85
N GLY A 124 6.23 16.78 -14.70
CA GLY A 124 6.36 18.18 -14.33
C GLY A 124 6.15 19.09 -15.51
N ALA A 4 -19.08 -11.42 -13.41
CA ALA A 4 -17.75 -11.90 -13.00
C ALA A 4 -17.71 -12.06 -11.48
N GLN A 5 -16.62 -12.61 -10.96
CA GLN A 5 -16.48 -12.83 -9.54
C GLN A 5 -15.69 -11.69 -8.90
N ALA A 6 -16.27 -11.06 -7.90
CA ALA A 6 -15.61 -9.97 -7.20
C ALA A 6 -15.05 -10.46 -5.88
N ASP A 7 -13.75 -10.70 -5.85
CA ASP A 7 -13.07 -11.13 -4.63
C ASP A 7 -12.35 -9.94 -3.99
N GLY A 8 -12.27 -8.85 -4.76
CA GLY A 8 -11.71 -7.62 -4.24
C GLY A 8 -10.20 -7.63 -4.17
N ILE A 9 -9.66 -6.91 -3.19
CA ILE A 9 -8.22 -6.79 -3.03
C ILE A 9 -7.69 -7.94 -2.19
N ALA A 10 -6.54 -8.48 -2.59
CA ALA A 10 -5.90 -9.57 -1.87
C ALA A 10 -4.56 -9.11 -1.32
N PHE A 11 -4.48 -8.97 -0.01
CA PHE A 11 -3.26 -8.52 0.64
C PHE A 11 -2.50 -9.69 1.25
N ARG A 12 -1.18 -9.59 1.23
CA ARG A 12 -0.32 -10.56 1.89
C ARG A 12 0.31 -9.92 3.12
N GLU A 13 0.54 -10.72 4.16
CA GLU A 13 1.13 -10.20 5.39
C GLU A 13 2.44 -10.90 5.72
N LEU A 14 3.54 -10.30 5.31
CA LEU A 14 4.87 -10.84 5.54
C LEU A 14 5.75 -9.78 6.22
N SER A 15 6.90 -10.21 6.72
CA SER A 15 7.85 -9.31 7.35
C SER A 15 8.61 -8.49 6.30
N PHE A 16 9.18 -7.37 6.73
CA PHE A 16 9.92 -6.47 5.83
C PHE A 16 11.01 -7.20 5.03
N PRO A 17 11.91 -7.97 5.68
CA PRO A 17 12.93 -8.77 4.97
C PRO A 17 12.33 -9.60 3.84
N GLU A 18 11.27 -10.34 4.15
CA GLU A 18 10.59 -11.15 3.15
C GLU A 18 10.02 -10.29 2.03
N ALA A 19 9.36 -9.21 2.39
CA ALA A 19 8.71 -8.33 1.42
C ALA A 19 9.70 -7.81 0.39
N LEU A 20 10.88 -7.43 0.84
CA LEU A 20 11.92 -6.90 -0.05
C LEU A 20 12.42 -8.00 -0.96
N LYS A 21 12.83 -9.09 -0.33
CA LYS A 21 13.41 -10.24 -1.03
C LYS A 21 12.45 -10.79 -2.10
N ARG A 22 11.19 -11.02 -1.72
CA ARG A 22 10.20 -11.57 -2.62
C ARG A 22 9.90 -10.63 -3.78
N ALA A 23 9.81 -9.33 -3.48
CA ALA A 23 9.50 -8.35 -4.51
C ALA A 23 10.63 -8.25 -5.52
N GLU A 24 11.87 -8.45 -5.07
CA GLU A 24 13.01 -8.39 -5.97
C GLU A 24 12.99 -9.57 -6.94
N VAL A 25 12.64 -10.75 -6.45
CA VAL A 25 12.68 -11.96 -7.27
C VAL A 25 11.40 -12.17 -8.08
N GLU A 26 10.25 -11.79 -7.53
CA GLU A 26 8.97 -12.08 -8.18
C GLU A 26 8.30 -10.84 -8.77
N ASP A 27 8.41 -9.71 -8.08
CA ASP A 27 7.54 -8.58 -8.38
C ASP A 27 8.31 -7.35 -8.85
N LYS A 28 7.78 -6.18 -8.53
CA LYS A 28 8.20 -4.93 -9.13
C LYS A 28 8.56 -3.92 -8.06
N LEU A 29 7.65 -3.73 -7.10
CA LEU A 29 7.86 -2.78 -6.00
C LEU A 29 7.16 -3.23 -4.73
N LEU A 30 7.65 -2.73 -3.60
CA LEU A 30 7.04 -2.99 -2.31
C LEU A 30 5.94 -1.98 -2.02
N PHE A 31 4.70 -2.43 -2.01
CA PHE A 31 3.58 -1.57 -1.71
C PHE A 31 2.97 -1.93 -0.35
N VAL A 32 3.07 -1.01 0.60
CA VAL A 32 2.55 -1.25 1.94
C VAL A 32 1.29 -0.45 2.20
N ASP A 33 0.21 -1.15 2.50
CA ASP A 33 -1.04 -0.52 2.91
C ASP A 33 -1.01 -0.31 4.41
N CYS A 34 -0.89 0.94 4.82
CA CYS A 34 -0.83 1.28 6.23
C CYS A 34 -2.05 2.10 6.62
N PHE A 35 -2.90 1.53 7.46
CA PHE A 35 -4.10 2.21 7.92
C PHE A 35 -4.11 2.29 9.44
N THR A 36 -4.88 3.20 9.98
CA THR A 36 -5.04 3.30 11.41
C THR A 36 -6.35 2.62 11.83
N THR A 37 -6.40 2.17 13.08
CA THR A 37 -7.55 1.39 13.57
C THR A 37 -8.86 2.20 13.54
N TRP A 38 -8.75 3.52 13.39
CA TRP A 38 -9.93 4.38 13.34
C TRP A 38 -10.80 4.02 12.15
N CYS A 39 -12.09 3.92 12.39
CA CYS A 39 -13.05 3.57 11.36
C CYS A 39 -13.40 4.80 10.52
N GLY A 40 -12.91 4.84 9.29
CA GLY A 40 -13.20 5.94 8.41
C GLY A 40 -13.11 5.57 6.95
N PRO A 41 -12.27 6.28 6.17
CA PRO A 41 -12.09 6.02 4.74
C PRO A 41 -11.78 4.57 4.43
N CYS A 42 -11.00 3.94 5.30
CA CYS A 42 -10.60 2.54 5.14
C CYS A 42 -11.81 1.63 4.98
N LYS A 43 -12.89 1.95 5.70
CA LYS A 43 -14.09 1.13 5.68
C LYS A 43 -14.84 1.32 4.36
N ARG A 44 -14.86 2.54 3.85
CA ARG A 44 -15.52 2.83 2.59
C ARG A 44 -14.73 2.22 1.44
N LEU A 45 -13.41 2.32 1.52
CA LEU A 45 -12.53 1.71 0.53
C LEU A 45 -12.82 0.21 0.43
N SER A 46 -13.00 -0.42 1.58
CA SER A 46 -13.29 -1.84 1.65
C SER A 46 -14.57 -2.20 0.90
N LYS A 47 -15.49 -1.26 0.82
CA LYS A 47 -16.78 -1.51 0.19
C LYS A 47 -16.72 -1.31 -1.33
N VAL A 48 -16.14 -0.19 -1.76
CA VAL A 48 -16.14 0.14 -3.18
C VAL A 48 -14.85 -0.30 -3.88
N VAL A 49 -13.72 0.11 -3.31
CA VAL A 49 -12.41 -0.18 -3.88
C VAL A 49 -12.10 -1.67 -3.81
N PHE A 50 -12.42 -2.28 -2.69
CA PHE A 50 -12.16 -3.71 -2.48
C PHE A 50 -13.26 -4.56 -3.13
N LYS A 51 -13.86 -4.04 -4.19
CA LYS A 51 -14.87 -4.77 -4.93
C LYS A 51 -14.63 -4.66 -6.44
N ASP A 52 -14.02 -3.55 -6.86
CA ASP A 52 -13.80 -3.29 -8.27
C ASP A 52 -12.70 -4.18 -8.84
N SER A 53 -13.00 -4.81 -9.98
CA SER A 53 -12.08 -5.74 -10.61
C SER A 53 -10.86 -5.01 -11.19
N LEU A 54 -11.09 -3.85 -11.80
CA LEU A 54 -10.03 -3.09 -12.44
C LEU A 54 -8.98 -2.67 -11.41
N VAL A 55 -9.45 -2.07 -10.33
CA VAL A 55 -8.57 -1.63 -9.26
C VAL A 55 -7.81 -2.81 -8.66
N ALA A 56 -8.54 -3.90 -8.40
CA ALA A 56 -7.94 -5.08 -7.79
C ALA A 56 -6.83 -5.66 -8.65
N ASP A 57 -7.13 -5.87 -9.93
CA ASP A 57 -6.19 -6.49 -10.85
C ASP A 57 -4.95 -5.60 -11.01
N TYR A 58 -5.16 -4.30 -11.08
CA TYR A 58 -4.06 -3.36 -11.22
C TYR A 58 -3.10 -3.44 -10.03
N PHE A 59 -3.63 -3.21 -8.84
CA PHE A 59 -2.81 -3.19 -7.63
C PHE A 59 -2.14 -4.54 -7.39
N ASN A 60 -2.91 -5.62 -7.51
CA ASN A 60 -2.43 -6.95 -7.13
C ASN A 60 -1.39 -7.48 -8.12
N ARG A 61 -1.69 -7.41 -9.41
CA ARG A 61 -0.87 -8.07 -10.41
C ARG A 61 0.39 -7.29 -10.74
N HIS A 62 0.36 -5.98 -10.52
CA HIS A 62 1.50 -5.14 -10.91
C HIS A 62 2.47 -4.90 -9.75
N PHE A 63 1.98 -4.98 -8.51
CA PHE A 63 2.84 -4.72 -7.35
C PHE A 63 2.50 -5.66 -6.19
N VAL A 64 3.40 -5.77 -5.22
CA VAL A 64 3.14 -6.57 -4.03
C VAL A 64 2.24 -5.82 -3.07
N ASN A 65 1.07 -6.38 -2.79
CA ASN A 65 0.13 -5.77 -1.86
C ASN A 65 0.40 -6.25 -0.45
N LEU A 66 1.16 -5.48 0.30
CA LEU A 66 1.52 -5.86 1.66
C LEU A 66 0.59 -5.16 2.65
N LYS A 67 -0.03 -5.95 3.50
CA LYS A 67 -0.93 -5.42 4.51
C LYS A 67 -0.21 -5.36 5.85
N MET A 68 -0.13 -4.18 6.43
CA MET A 68 0.58 -4.02 7.70
C MET A 68 -0.25 -3.22 8.70
N ASP A 69 0.07 -3.41 9.96
CA ASP A 69 -0.53 -2.67 11.05
C ASP A 69 0.43 -1.58 11.50
N MET A 70 -0.10 -0.53 12.10
CA MET A 70 0.75 0.58 12.55
C MET A 70 1.45 0.20 13.85
N GLU A 71 0.90 -0.79 14.54
CA GLU A 71 1.48 -1.32 15.77
C GLU A 71 1.31 -2.83 15.78
N LYS A 72 2.40 -3.51 16.10
CA LYS A 72 2.53 -4.97 16.00
C LYS A 72 2.73 -5.38 14.55
N GLY A 73 3.93 -5.88 14.25
CA GLY A 73 4.26 -6.24 12.89
C GLY A 73 5.17 -5.23 12.24
N GLU A 74 6.22 -4.82 12.98
CA GLU A 74 7.23 -3.89 12.50
C GLU A 74 6.64 -2.49 12.24
N GLY A 75 5.44 -2.27 12.75
CA GLY A 75 4.77 -1.00 12.53
C GLY A 75 5.39 0.13 13.32
N VAL A 76 5.85 -0.17 14.52
CA VAL A 76 6.48 0.83 15.39
C VAL A 76 7.72 1.42 14.73
N GLU A 77 8.47 0.57 14.00
CA GLU A 77 9.65 1.02 13.30
C GLU A 77 9.25 1.96 12.18
N LEU A 78 8.29 1.54 11.39
CA LEU A 78 7.81 2.34 10.26
C LEU A 78 7.26 3.69 10.72
N ARG A 79 6.56 3.70 11.85
CA ARG A 79 6.00 4.93 12.40
C ARG A 79 7.10 5.95 12.71
N LYS A 80 8.12 5.50 13.42
CA LYS A 80 9.23 6.39 13.80
C LYS A 80 10.09 6.72 12.58
N LYS A 81 10.09 5.79 11.64
CA LYS A 81 10.93 5.86 10.45
C LYS A 81 10.51 7.03 9.55
N TYR A 82 9.23 7.13 9.26
CA TYR A 82 8.74 8.11 8.29
C TYR A 82 8.06 9.30 8.98
N GLY A 83 7.50 9.06 10.15
CA GLY A 83 6.81 10.11 10.88
C GLY A 83 5.50 10.50 10.24
N VAL A 84 4.66 9.51 9.96
CA VAL A 84 3.36 9.74 9.36
C VAL A 84 2.36 10.27 10.40
N HIS A 85 1.31 10.96 9.95
CA HIS A 85 0.32 11.53 10.87
C HIS A 85 -1.09 11.45 10.29
N ALA A 86 -1.28 10.59 9.30
CA ALA A 86 -2.58 10.41 8.67
C ALA A 86 -3.20 9.09 9.09
N TYR A 87 -4.38 8.77 8.57
CA TYR A 87 -5.01 7.49 8.87
C TYR A 87 -4.63 6.44 7.82
N PRO A 88 -4.92 6.68 6.52
CA PRO A 88 -4.51 5.81 5.45
C PRO A 88 -3.24 6.30 4.76
N THR A 89 -2.19 5.49 4.78
CA THR A 89 -0.92 5.87 4.20
C THR A 89 -0.41 4.79 3.24
N LEU A 90 0.16 5.21 2.12
CA LEU A 90 0.71 4.28 1.16
C LEU A 90 2.23 4.36 1.19
N LEU A 91 2.86 3.29 1.63
CA LEU A 91 4.31 3.27 1.74
C LEU A 91 4.92 2.54 0.55
N PHE A 92 5.76 3.26 -0.19
CA PHE A 92 6.40 2.70 -1.38
C PHE A 92 7.88 2.51 -1.15
N ILE A 93 8.37 1.30 -1.41
CA ILE A 93 9.78 1.00 -1.29
C ILE A 93 10.27 0.28 -2.55
N ASN A 94 11.44 0.68 -3.03
CA ASN A 94 11.98 0.11 -4.26
C ASN A 94 12.94 -1.02 -3.94
N SER A 95 13.48 -1.65 -4.98
CA SER A 95 14.30 -2.85 -4.83
C SER A 95 15.59 -2.57 -4.05
N SER A 96 15.98 -1.30 -3.95
CA SER A 96 17.17 -0.94 -3.19
C SER A 96 16.89 -1.01 -1.68
N GLY A 97 15.63 -1.15 -1.32
CA GLY A 97 15.26 -1.23 0.09
C GLY A 97 15.07 0.13 0.72
N GLU A 98 14.79 1.13 -0.12
CA GLU A 98 14.61 2.48 0.36
C GLU A 98 13.29 3.06 -0.13
N VAL A 99 12.77 4.02 0.61
CA VAL A 99 11.57 4.74 0.20
C VAL A 99 11.96 5.99 -0.58
N VAL A 100 11.39 6.14 -1.76
CA VAL A 100 11.66 7.31 -2.59
C VAL A 100 10.63 8.39 -2.32
N TYR A 101 9.35 8.00 -2.31
CA TYR A 101 8.27 8.93 -2.11
C TYR A 101 7.25 8.37 -1.11
N ARG A 102 6.82 9.22 -0.19
CA ARG A 102 5.81 8.84 0.78
C ARG A 102 4.44 9.41 0.39
N LEU A 103 3.45 8.56 0.26
CA LEU A 103 2.11 9.02 -0.09
C LEU A 103 1.23 9.00 1.16
N VAL A 104 0.92 10.17 1.67
CA VAL A 104 0.08 10.29 2.85
C VAL A 104 -1.34 10.71 2.46
N GLY A 105 -2.32 10.06 3.06
CA GLY A 105 -3.70 10.38 2.78
C GLY A 105 -4.21 9.64 1.58
N ALA A 106 -5.22 8.83 1.79
CA ALA A 106 -5.83 8.06 0.72
C ALA A 106 -7.13 8.71 0.28
N GLU A 107 -7.42 8.60 -1.00
CA GLU A 107 -8.61 9.21 -1.58
C GLU A 107 -9.51 8.11 -2.14
N ASP A 108 -10.59 8.52 -2.79
CA ASP A 108 -11.41 7.58 -3.55
C ASP A 108 -10.57 6.95 -4.65
N ALA A 109 -11.00 5.79 -5.14
CA ALA A 109 -10.19 4.99 -6.07
C ALA A 109 -9.53 5.82 -7.20
N PRO A 110 -10.29 6.59 -8.02
CA PRO A 110 -9.71 7.35 -9.12
C PRO A 110 -8.74 8.43 -8.65
N GLU A 111 -9.10 9.11 -7.56
CA GLU A 111 -8.30 10.21 -7.04
C GLU A 111 -7.00 9.68 -6.43
N LEU A 112 -7.08 8.54 -5.76
CA LEU A 112 -5.90 7.90 -5.18
C LEU A 112 -4.95 7.48 -6.28
N LEU A 113 -5.52 6.86 -7.32
CA LEU A 113 -4.75 6.44 -8.48
C LEU A 113 -3.94 7.60 -9.06
N LYS A 114 -4.54 8.80 -9.06
CA LYS A 114 -3.86 9.99 -9.54
C LYS A 114 -2.62 10.28 -8.70
N LYS A 115 -2.80 10.25 -7.37
CA LYS A 115 -1.71 10.52 -6.44
C LYS A 115 -0.60 9.48 -6.55
N VAL A 116 -1.00 8.22 -6.69
CA VAL A 116 -0.06 7.11 -6.79
C VAL A 116 0.74 7.22 -8.10
N LYS A 117 0.04 7.43 -9.20
CA LYS A 117 0.67 7.53 -10.51
C LYS A 117 1.61 8.73 -10.57
N LEU A 118 1.18 9.83 -9.95
CA LEU A 118 1.98 11.05 -9.92
C LEU A 118 3.11 10.93 -8.89
N GLY A 119 2.94 10.04 -7.92
CA GLY A 119 3.91 9.90 -6.87
C GLY A 119 5.04 8.94 -7.21
N VAL A 120 4.72 7.86 -7.91
CA VAL A 120 5.72 6.86 -8.27
C VAL A 120 6.50 7.28 -9.51
N GLU A 121 5.77 7.71 -10.54
CA GLU A 121 6.40 8.14 -11.78
C GLU A 121 7.01 9.53 -11.60
N SER A 122 8.16 9.74 -12.22
CA SER A 122 8.90 11.00 -12.07
C SER A 122 8.12 12.15 -12.70
N GLU A 123 7.55 11.90 -13.88
CA GLU A 123 6.77 12.91 -14.57
C GLU A 123 5.45 12.32 -15.06
N GLY A 124 5.55 11.45 -16.07
CA GLY A 124 4.36 10.85 -16.65
C GLY A 124 4.70 10.01 -17.85
N ALA A 4 -9.08 -12.24 -13.78
CA ALA A 4 -10.47 -11.76 -13.94
C ALA A 4 -11.20 -11.79 -12.60
N GLN A 5 -11.18 -12.94 -11.93
CA GLN A 5 -11.84 -13.08 -10.64
C GLN A 5 -10.88 -12.65 -9.54
N ALA A 6 -11.21 -11.58 -8.84
CA ALA A 6 -10.37 -11.05 -7.79
C ALA A 6 -11.13 -10.91 -6.48
N ASP A 7 -12.39 -10.48 -6.58
CA ASP A 7 -13.23 -10.19 -5.42
C ASP A 7 -12.64 -9.03 -4.62
N GLY A 8 -11.79 -8.26 -5.27
CA GLY A 8 -11.15 -7.14 -4.63
C GLY A 8 -9.65 -7.25 -4.70
N ILE A 9 -8.95 -6.42 -3.94
CA ILE A 9 -7.50 -6.43 -3.94
C ILE A 9 -6.98 -7.46 -2.96
N ALA A 10 -6.20 -8.41 -3.46
CA ALA A 10 -5.63 -9.44 -2.62
C ALA A 10 -4.41 -8.91 -1.86
N PHE A 11 -4.67 -8.41 -0.66
CA PHE A 11 -3.60 -7.99 0.22
C PHE A 11 -3.06 -9.18 1.00
N ARG A 12 -1.76 -9.37 0.95
CA ARG A 12 -1.11 -10.43 1.70
C ARG A 12 -0.65 -9.88 3.04
N GLU A 13 -0.40 -10.76 4.00
CA GLU A 13 0.13 -10.35 5.28
C GLU A 13 1.39 -11.14 5.59
N LEU A 14 2.53 -10.55 5.23
CA LEU A 14 3.81 -11.20 5.36
C LEU A 14 4.76 -10.32 6.15
N SER A 15 5.82 -10.92 6.67
CA SER A 15 6.86 -10.18 7.38
C SER A 15 7.66 -9.30 6.42
N PHE A 16 8.37 -8.33 6.98
CA PHE A 16 9.14 -7.37 6.18
C PHE A 16 10.16 -8.07 5.27
N PRO A 17 11.05 -8.95 5.82
CA PRO A 17 12.00 -9.72 4.99
C PRO A 17 11.30 -10.51 3.89
N GLU A 18 10.22 -11.18 4.27
CA GLU A 18 9.46 -12.02 3.38
C GLU A 18 8.96 -11.23 2.18
N ALA A 19 8.28 -10.13 2.46
CA ALA A 19 7.68 -9.31 1.42
C ALA A 19 8.72 -8.78 0.45
N LEU A 20 9.79 -8.21 0.98
CA LEU A 20 10.84 -7.62 0.15
C LEU A 20 11.48 -8.67 -0.76
N LYS A 21 11.94 -9.75 -0.15
CA LYS A 21 12.70 -10.77 -0.88
C LYS A 21 11.83 -11.47 -1.92
N ARG A 22 10.60 -11.79 -1.57
CA ARG A 22 9.70 -12.45 -2.48
C ARG A 22 9.46 -11.58 -3.71
N ALA A 23 9.34 -10.27 -3.47
CA ALA A 23 9.14 -9.32 -4.55
C ALA A 23 10.40 -9.19 -5.40
N GLU A 24 11.54 -9.15 -4.74
CA GLU A 24 12.82 -9.03 -5.43
C GLU A 24 13.05 -10.20 -6.39
N VAL A 25 12.58 -11.37 -6.00
CA VAL A 25 12.79 -12.58 -6.79
C VAL A 25 11.70 -12.78 -7.85
N GLU A 26 10.44 -12.80 -7.42
CA GLU A 26 9.35 -13.17 -8.31
C GLU A 26 8.52 -11.97 -8.75
N ASP A 27 8.37 -10.99 -7.88
CA ASP A 27 7.45 -9.88 -8.13
C ASP A 27 8.20 -8.65 -8.63
N LYS A 28 7.62 -7.46 -8.47
CA LYS A 28 8.27 -6.24 -8.89
C LYS A 28 8.50 -5.29 -7.72
N LEU A 29 7.53 -4.41 -7.47
CA LEU A 29 7.70 -3.34 -6.49
C LEU A 29 6.95 -3.64 -5.20
N LEU A 30 7.33 -2.94 -4.13
CA LEU A 30 6.71 -3.12 -2.83
C LEU A 30 5.63 -2.06 -2.59
N PHE A 31 4.42 -2.53 -2.30
CA PHE A 31 3.33 -1.62 -1.94
C PHE A 31 2.94 -1.88 -0.50
N VAL A 32 3.30 -0.95 0.37
CA VAL A 32 3.05 -1.10 1.79
C VAL A 32 1.84 -0.29 2.21
N ASP A 33 0.77 -0.99 2.57
CA ASP A 33 -0.44 -0.34 3.04
C ASP A 33 -0.44 -0.23 4.56
N CYS A 34 -0.12 0.95 5.05
CA CYS A 34 -0.12 1.20 6.48
C CYS A 34 -1.31 2.07 6.87
N PHE A 35 -2.23 1.50 7.62
CA PHE A 35 -3.42 2.21 8.06
C PHE A 35 -3.54 2.15 9.57
N THR A 36 -4.30 3.09 10.15
CA THR A 36 -4.52 3.08 11.58
C THR A 36 -5.88 2.47 11.91
N THR A 37 -6.00 2.01 13.15
CA THR A 37 -7.22 1.41 13.64
C THR A 37 -8.12 2.45 14.27
N TRP A 38 -7.84 3.71 13.95
CA TRP A 38 -8.47 4.86 14.56
C TRP A 38 -9.99 4.82 14.43
N CYS A 39 -10.48 4.98 13.22
CA CYS A 39 -11.91 4.98 12.97
C CYS A 39 -12.28 3.88 11.98
N GLY A 40 -11.95 4.10 10.71
CA GLY A 40 -12.17 3.07 9.71
C GLY A 40 -11.93 3.54 8.29
N PRO A 41 -10.79 4.20 7.98
CA PRO A 41 -10.46 4.62 6.62
C PRO A 41 -10.26 3.42 5.69
N CYS A 42 -9.71 2.33 6.23
CA CYS A 42 -9.52 1.11 5.47
C CYS A 42 -10.88 0.52 5.09
N LYS A 43 -11.86 0.73 5.95
CA LYS A 43 -13.21 0.24 5.70
C LYS A 43 -13.88 1.07 4.61
N ARG A 44 -13.52 2.35 4.55
CA ARG A 44 -13.97 3.22 3.48
C ARG A 44 -13.49 2.70 2.13
N LEU A 45 -12.19 2.39 2.06
CA LEU A 45 -11.59 1.87 0.84
C LEU A 45 -12.14 0.50 0.50
N SER A 46 -12.70 -0.18 1.50
CA SER A 46 -13.27 -1.50 1.32
C SER A 46 -14.49 -1.45 0.41
N LYS A 47 -15.19 -0.32 0.41
CA LYS A 47 -16.42 -0.16 -0.38
C LYS A 47 -16.18 -0.40 -1.87
N VAL A 48 -15.42 0.48 -2.50
CA VAL A 48 -15.19 0.41 -3.94
C VAL A 48 -13.76 -0.04 -4.25
N VAL A 49 -12.80 0.62 -3.63
CA VAL A 49 -11.38 0.41 -3.94
C VAL A 49 -10.99 -1.06 -3.82
N PHE A 50 -11.33 -1.67 -2.68
CA PHE A 50 -10.94 -3.05 -2.42
C PHE A 50 -11.94 -4.04 -3.01
N LYS A 51 -12.76 -3.59 -3.94
CA LYS A 51 -13.74 -4.47 -4.58
C LYS A 51 -13.70 -4.36 -6.10
N ASP A 52 -12.82 -3.50 -6.61
CA ASP A 52 -12.71 -3.30 -8.05
C ASP A 52 -11.75 -4.33 -8.65
N SER A 53 -12.24 -5.10 -9.61
CA SER A 53 -11.44 -6.16 -10.23
C SER A 53 -10.33 -5.58 -11.12
N LEU A 54 -10.66 -4.56 -11.89
CA LEU A 54 -9.73 -3.99 -12.86
C LEU A 54 -8.54 -3.33 -12.15
N VAL A 55 -8.83 -2.52 -11.14
CA VAL A 55 -7.79 -1.84 -10.40
C VAL A 55 -6.93 -2.84 -9.62
N ALA A 56 -7.58 -3.90 -9.12
CA ALA A 56 -6.88 -4.94 -8.38
C ALA A 56 -5.81 -5.60 -9.24
N ASP A 57 -6.18 -5.91 -10.49
CA ASP A 57 -5.24 -6.49 -11.45
C ASP A 57 -4.05 -5.57 -11.66
N TYR A 58 -4.34 -4.28 -11.79
CA TYR A 58 -3.31 -3.26 -12.01
C TYR A 58 -2.32 -3.24 -10.84
N PHE A 59 -2.85 -3.25 -9.63
CA PHE A 59 -2.02 -3.27 -8.42
C PHE A 59 -1.22 -4.55 -8.30
N ASN A 60 -1.88 -5.69 -8.51
CA ASN A 60 -1.22 -6.99 -8.42
C ASN A 60 -0.12 -7.13 -9.46
N ARG A 61 -0.31 -6.46 -10.59
CA ARG A 61 0.64 -6.53 -11.69
C ARG A 61 1.88 -5.68 -11.42
N HIS A 62 1.66 -4.48 -10.86
CA HIS A 62 2.75 -3.53 -10.67
C HIS A 62 3.50 -3.76 -9.36
N PHE A 63 2.76 -4.04 -8.29
CA PHE A 63 3.37 -4.14 -6.97
C PHE A 63 2.90 -5.40 -6.26
N VAL A 64 3.47 -5.64 -5.09
CA VAL A 64 2.94 -6.63 -4.18
C VAL A 64 2.04 -5.93 -3.17
N ASN A 65 0.80 -6.40 -3.07
CA ASN A 65 -0.16 -5.77 -2.19
C ASN A 65 -0.02 -6.32 -0.78
N LEU A 66 0.67 -5.57 0.05
CA LEU A 66 0.93 -5.99 1.43
C LEU A 66 0.28 -5.02 2.40
N LYS A 67 -0.53 -5.54 3.29
CA LYS A 67 -1.12 -4.73 4.35
C LYS A 67 -0.25 -4.84 5.58
N MET A 68 0.07 -3.71 6.19
CA MET A 68 0.93 -3.70 7.36
C MET A 68 0.34 -2.81 8.44
N ASP A 69 -0.03 -3.42 9.56
CA ASP A 69 -0.55 -2.64 10.68
C ASP A 69 0.57 -1.83 11.31
N MET A 70 0.25 -0.62 11.69
CA MET A 70 1.24 0.32 12.17
C MET A 70 1.36 0.28 13.68
N GLU A 71 0.66 -0.66 14.28
CA GLU A 71 0.73 -0.87 15.73
C GLU A 71 1.22 -2.29 16.05
N LYS A 72 1.62 -3.01 15.02
CA LYS A 72 2.07 -4.39 15.16
C LYS A 72 3.48 -4.55 14.60
N GLY A 73 4.22 -5.49 15.16
CA GLY A 73 5.57 -5.76 14.66
C GLY A 73 6.46 -4.55 14.72
N GLU A 74 7.11 -4.24 13.60
CA GLU A 74 7.94 -3.05 13.49
C GLU A 74 7.13 -1.89 12.94
N GLY A 75 5.82 -2.08 12.85
CA GLY A 75 4.93 -1.04 12.36
C GLY A 75 4.98 0.21 13.22
N VAL A 76 5.16 0.01 14.52
CA VAL A 76 5.29 1.14 15.44
C VAL A 76 6.57 1.92 15.13
N GLU A 77 7.62 1.19 14.75
CA GLU A 77 8.86 1.80 14.34
C GLU A 77 8.65 2.58 13.04
N LEU A 78 7.93 1.96 12.12
CA LEU A 78 7.58 2.61 10.85
C LEU A 78 6.83 3.90 11.09
N ARG A 79 5.99 3.90 12.13
CA ARG A 79 5.25 5.09 12.54
C ARG A 79 6.21 6.23 12.86
N LYS A 80 7.29 5.91 13.56
CA LYS A 80 8.32 6.89 13.88
C LYS A 80 9.20 7.20 12.66
N LYS A 81 9.33 6.22 11.78
CA LYS A 81 10.21 6.32 10.63
C LYS A 81 9.65 7.23 9.55
N TYR A 82 8.38 7.02 9.19
CA TYR A 82 7.79 7.70 8.05
C TYR A 82 6.92 8.87 8.48
N GLY A 83 6.82 9.09 9.79
CA GLY A 83 6.11 10.25 10.32
C GLY A 83 4.66 10.31 9.85
N VAL A 84 3.85 9.40 10.36
CA VAL A 84 2.44 9.34 9.99
C VAL A 84 1.73 10.65 10.38
N HIS A 85 0.88 11.14 9.49
CA HIS A 85 0.13 12.36 9.75
C HIS A 85 -1.37 12.10 9.67
N ALA A 86 -1.79 11.43 8.59
CA ALA A 86 -3.19 11.09 8.40
C ALA A 86 -3.49 9.73 9.02
N TYR A 87 -4.58 9.10 8.57
CA TYR A 87 -4.94 7.77 9.06
C TYR A 87 -4.32 6.68 8.17
N PRO A 88 -4.56 6.72 6.84
CA PRO A 88 -3.90 5.81 5.92
C PRO A 88 -2.59 6.40 5.39
N THR A 89 -1.58 5.57 5.26
CA THR A 89 -0.30 5.99 4.73
C THR A 89 0.21 4.99 3.70
N LEU A 90 0.21 5.42 2.44
CA LEU A 90 0.68 4.57 1.35
C LEU A 90 2.20 4.66 1.25
N LEU A 91 2.85 3.53 1.36
CA LEU A 91 4.30 3.49 1.31
C LEU A 91 4.80 2.74 0.09
N PHE A 92 5.79 3.31 -0.58
CA PHE A 92 6.32 2.75 -1.81
C PHE A 92 7.80 2.44 -1.63
N ILE A 93 8.13 1.16 -1.58
CA ILE A 93 9.49 0.72 -1.42
C ILE A 93 10.00 0.10 -2.72
N ASN A 94 11.18 0.51 -3.15
CA ASN A 94 11.76 -0.04 -4.36
C ASN A 94 12.71 -1.18 -4.02
N SER A 95 13.28 -1.81 -5.03
CA SER A 95 14.17 -2.96 -4.85
C SER A 95 15.38 -2.59 -4.01
N SER A 96 15.79 -1.33 -4.10
CA SER A 96 16.99 -0.87 -3.41
C SER A 96 16.70 -0.54 -1.94
N GLY A 97 15.42 -0.48 -1.58
CA GLY A 97 15.05 -0.18 -0.21
C GLY A 97 15.17 1.30 0.10
N GLU A 98 15.07 2.13 -0.92
CA GLU A 98 15.14 3.57 -0.75
C GLU A 98 13.73 4.16 -0.77
N VAL A 99 13.55 5.27 -0.07
CA VAL A 99 12.25 5.90 0.02
C VAL A 99 11.95 6.68 -1.25
N VAL A 100 11.14 6.10 -2.12
CA VAL A 100 10.80 6.72 -3.39
C VAL A 100 9.76 7.82 -3.18
N TYR A 101 8.63 7.45 -2.60
CA TYR A 101 7.54 8.39 -2.38
C TYR A 101 6.82 8.06 -1.09
N ARG A 102 6.38 9.08 -0.37
CA ARG A 102 5.59 8.89 0.84
C ARG A 102 4.24 9.59 0.67
N LEU A 103 3.17 8.88 0.95
CA LEU A 103 1.84 9.41 0.73
C LEU A 103 0.99 9.25 2.00
N VAL A 104 0.67 10.38 2.64
CA VAL A 104 -0.19 10.35 3.80
C VAL A 104 -1.59 10.84 3.45
N GLY A 105 -2.58 9.98 3.67
CA GLY A 105 -3.94 10.31 3.33
C GLY A 105 -4.47 9.42 2.22
N ALA A 106 -5.79 9.36 2.10
CA ALA A 106 -6.41 8.54 1.06
C ALA A 106 -7.54 9.30 0.39
N GLU A 107 -7.55 9.26 -0.93
CA GLU A 107 -8.59 9.90 -1.70
C GLU A 107 -9.70 8.91 -2.03
N ASP A 108 -10.67 9.36 -2.82
CA ASP A 108 -11.72 8.49 -3.33
C ASP A 108 -11.14 7.49 -4.33
N ALA A 109 -11.90 6.45 -4.65
CA ALA A 109 -11.42 5.39 -5.56
C ALA A 109 -10.78 5.96 -6.85
N PRO A 110 -11.45 6.86 -7.60
CA PRO A 110 -10.87 7.42 -8.83
C PRO A 110 -9.58 8.19 -8.57
N GLU A 111 -9.60 9.03 -7.54
CA GLU A 111 -8.47 9.88 -7.23
C GLU A 111 -7.32 9.09 -6.62
N LEU A 112 -7.64 7.96 -5.97
CA LEU A 112 -6.63 7.09 -5.39
C LEU A 112 -5.63 6.68 -6.47
N LEU A 113 -6.16 6.30 -7.62
CA LEU A 113 -5.35 5.85 -8.75
C LEU A 113 -4.53 6.99 -9.32
N LYS A 114 -5.13 8.17 -9.43
CA LYS A 114 -4.42 9.32 -9.98
C LYS A 114 -3.33 9.82 -9.04
N LYS A 115 -3.65 9.84 -7.75
CA LYS A 115 -2.72 10.35 -6.74
C LYS A 115 -1.47 9.49 -6.68
N VAL A 116 -1.64 8.18 -6.70
CA VAL A 116 -0.49 7.27 -6.66
C VAL A 116 0.29 7.31 -7.97
N LYS A 117 -0.42 7.42 -9.08
CA LYS A 117 0.20 7.46 -10.40
C LYS A 117 1.06 8.71 -10.54
N LEU A 118 0.46 9.86 -10.28
CA LEU A 118 1.15 11.14 -10.40
C LEU A 118 2.23 11.29 -9.32
N GLY A 119 2.03 10.60 -8.22
CA GLY A 119 2.99 10.65 -7.12
C GLY A 119 4.22 9.80 -7.40
N VAL A 120 4.00 8.57 -7.85
CA VAL A 120 5.11 7.65 -8.12
C VAL A 120 5.88 8.07 -9.36
N GLU A 121 5.18 8.59 -10.37
CA GLU A 121 5.83 9.05 -11.58
C GLU A 121 6.39 10.46 -11.39
N SER A 122 7.66 10.53 -11.01
CA SER A 122 8.34 11.80 -10.91
C SER A 122 9.32 11.96 -12.06
N GLU A 123 8.98 12.83 -12.99
CA GLU A 123 9.78 13.02 -14.19
C GLU A 123 10.91 14.02 -13.93
N GLY A 124 12.02 13.82 -14.62
CA GLY A 124 13.14 14.72 -14.49
C GLY A 124 14.16 14.52 -15.60
N ALA A 4 -6.79 -16.23 -0.57
CA ALA A 4 -6.97 -14.98 -1.33
C ALA A 4 -8.18 -15.09 -2.26
N GLN A 5 -8.65 -13.94 -2.75
CA GLN A 5 -9.74 -13.89 -3.72
C GLN A 5 -9.27 -13.10 -4.95
N ALA A 6 -10.10 -13.09 -5.98
CA ALA A 6 -9.79 -12.33 -7.18
C ALA A 6 -10.37 -10.92 -7.07
N ASP A 7 -11.63 -10.84 -6.69
CA ASP A 7 -12.30 -9.56 -6.51
C ASP A 7 -12.00 -9.02 -5.13
N GLY A 8 -11.11 -8.04 -5.10
CA GLY A 8 -10.62 -7.54 -3.84
C GLY A 8 -9.14 -7.82 -3.71
N ILE A 9 -8.34 -6.77 -3.61
CA ILE A 9 -6.89 -6.91 -3.59
C ILE A 9 -6.43 -7.76 -2.41
N ALA A 10 -5.78 -8.86 -2.72
CA ALA A 10 -5.23 -9.74 -1.70
C ALA A 10 -3.94 -9.16 -1.15
N PHE A 11 -4.04 -8.43 -0.05
CA PHE A 11 -2.87 -7.89 0.60
C PHE A 11 -2.09 -8.99 1.28
N ARG A 12 -0.79 -9.00 1.00
CA ARG A 12 0.10 -10.02 1.51
C ARG A 12 0.44 -9.74 2.97
N GLU A 13 0.43 -10.78 3.79
CA GLU A 13 0.88 -10.66 5.16
C GLU A 13 2.29 -11.24 5.28
N LEU A 14 3.28 -10.36 5.20
CA LEU A 14 4.67 -10.77 5.20
C LEU A 14 5.49 -9.88 6.13
N SER A 15 6.71 -10.31 6.41
CA SER A 15 7.64 -9.50 7.18
C SER A 15 8.26 -8.42 6.29
N PHE A 16 8.86 -7.41 6.90
CA PHE A 16 9.43 -6.27 6.18
C PHE A 16 10.44 -6.72 5.11
N PRO A 17 11.54 -7.43 5.48
CA PRO A 17 12.54 -7.88 4.51
C PRO A 17 11.98 -8.92 3.54
N GLU A 18 11.10 -9.77 4.06
CA GLU A 18 10.48 -10.81 3.26
C GLU A 18 9.72 -10.22 2.09
N ALA A 19 8.81 -9.30 2.40
CA ALA A 19 7.92 -8.73 1.40
C ALA A 19 8.71 -8.00 0.32
N LEU A 20 9.76 -7.30 0.73
CA LEU A 20 10.62 -6.58 -0.21
C LEU A 20 11.20 -7.54 -1.24
N LYS A 21 11.82 -8.59 -0.74
CA LYS A 21 12.45 -9.59 -1.57
C LYS A 21 11.43 -10.31 -2.45
N ARG A 22 10.25 -10.59 -1.89
CA ARG A 22 9.17 -11.22 -2.64
C ARG A 22 8.78 -10.36 -3.84
N ALA A 23 8.72 -9.04 -3.62
CA ALA A 23 8.36 -8.10 -4.68
C ALA A 23 9.37 -8.14 -5.81
N GLU A 24 10.66 -8.16 -5.46
CA GLU A 24 11.74 -8.17 -6.43
C GLU A 24 11.60 -9.36 -7.39
N VAL A 25 11.24 -10.50 -6.84
CA VAL A 25 11.20 -11.73 -7.62
C VAL A 25 9.83 -11.98 -8.26
N GLU A 26 8.76 -11.89 -7.48
CA GLU A 26 7.46 -12.35 -7.93
C GLU A 26 6.73 -11.31 -8.76
N ASP A 27 6.85 -10.05 -8.38
CA ASP A 27 6.09 -9.00 -9.02
C ASP A 27 6.93 -7.74 -9.22
N LYS A 28 6.40 -6.63 -8.76
CA LYS A 28 7.02 -5.34 -8.96
C LYS A 28 6.56 -4.34 -7.91
N LEU A 29 7.52 -3.70 -7.25
CA LEU A 29 7.24 -2.63 -6.28
C LEU A 29 6.53 -3.16 -5.04
N LEU A 30 6.88 -2.60 -3.89
CA LEU A 30 6.24 -2.96 -2.65
C LEU A 30 5.29 -1.86 -2.23
N PHE A 31 4.00 -2.13 -2.35
CA PHE A 31 2.96 -1.18 -1.96
C PHE A 31 2.60 -1.42 -0.50
N VAL A 32 3.12 -0.58 0.38
CA VAL A 32 2.89 -0.75 1.80
C VAL A 32 1.72 0.10 2.27
N ASP A 33 0.67 -0.55 2.74
CA ASP A 33 -0.46 0.17 3.31
C ASP A 33 -0.39 0.13 4.83
N CYS A 34 -0.06 1.26 5.41
CA CYS A 34 -0.02 1.40 6.85
C CYS A 34 -1.35 1.97 7.34
N PHE A 35 -2.08 1.16 8.08
CA PHE A 35 -3.37 1.58 8.59
C PHE A 35 -3.35 1.55 10.10
N THR A 36 -4.21 2.34 10.72
CA THR A 36 -4.37 2.32 12.16
C THR A 36 -5.59 1.48 12.51
N THR A 37 -5.79 1.22 13.79
CA THR A 37 -6.92 0.42 14.23
C THR A 37 -8.22 1.20 14.06
N TRP A 38 -8.11 2.52 14.03
CA TRP A 38 -9.26 3.38 13.78
C TRP A 38 -9.72 3.24 12.33
N CYS A 39 -10.98 2.86 12.14
CA CYS A 39 -11.51 2.66 10.81
C CYS A 39 -12.31 3.87 10.35
N GLY A 40 -11.89 4.44 9.24
CA GLY A 40 -12.58 5.56 8.65
C GLY A 40 -12.13 5.82 7.23
N PRO A 41 -11.06 6.61 7.05
CA PRO A 41 -10.48 6.90 5.74
C PRO A 41 -10.10 5.63 4.97
N CYS A 42 -9.55 4.65 5.67
CA CYS A 42 -9.13 3.40 5.02
C CYS A 42 -10.35 2.58 4.60
N LYS A 43 -11.49 2.83 5.23
CA LYS A 43 -12.72 2.11 4.90
C LYS A 43 -13.22 2.51 3.52
N ARG A 44 -12.92 3.75 3.14
CA ARG A 44 -13.23 4.24 1.80
C ARG A 44 -12.51 3.40 0.76
N LEU A 45 -11.27 3.03 1.08
CA LEU A 45 -10.45 2.20 0.19
C LEU A 45 -11.06 0.80 0.09
N SER A 46 -11.53 0.29 1.22
CA SER A 46 -12.13 -1.04 1.27
C SER A 46 -13.38 -1.11 0.39
N LYS A 47 -14.16 -0.03 0.39
CA LYS A 47 -15.42 0.02 -0.34
C LYS A 47 -15.24 -0.27 -1.83
N VAL A 48 -14.40 0.51 -2.49
CA VAL A 48 -14.28 0.43 -3.94
C VAL A 48 -13.10 -0.44 -4.39
N VAL A 49 -11.96 -0.23 -3.77
CA VAL A 49 -10.72 -0.87 -4.23
C VAL A 49 -10.72 -2.36 -3.92
N PHE A 50 -11.40 -2.75 -2.86
CA PHE A 50 -11.51 -4.15 -2.48
C PHE A 50 -12.79 -4.77 -3.03
N LYS A 51 -13.33 -4.15 -4.06
CA LYS A 51 -14.59 -4.62 -4.64
C LYS A 51 -14.50 -4.67 -6.16
N ASP A 52 -13.94 -3.61 -6.76
CA ASP A 52 -13.83 -3.51 -8.21
C ASP A 52 -12.86 -4.54 -8.76
N SER A 53 -13.31 -5.27 -9.77
CA SER A 53 -12.53 -6.34 -10.36
C SER A 53 -11.27 -5.82 -11.06
N LEU A 54 -11.43 -4.77 -11.86
CA LEU A 54 -10.34 -4.25 -12.67
C LEU A 54 -9.27 -3.58 -11.80
N VAL A 55 -9.72 -2.79 -10.84
CA VAL A 55 -8.80 -2.11 -9.93
C VAL A 55 -7.99 -3.13 -9.13
N ALA A 56 -8.69 -4.09 -8.54
CA ALA A 56 -8.04 -5.13 -7.74
C ALA A 56 -7.05 -5.92 -8.58
N ASP A 57 -7.45 -6.20 -9.82
CA ASP A 57 -6.62 -6.96 -10.75
C ASP A 57 -5.33 -6.21 -11.09
N TYR A 58 -5.48 -4.94 -11.43
CA TYR A 58 -4.35 -4.12 -11.85
C TYR A 58 -3.31 -3.99 -10.73
N PHE A 59 -3.77 -3.60 -9.54
CA PHE A 59 -2.86 -3.35 -8.43
C PHE A 59 -2.21 -4.64 -7.93
N ASN A 60 -2.91 -5.75 -8.05
CA ASN A 60 -2.38 -7.03 -7.58
C ASN A 60 -1.23 -7.51 -8.47
N ARG A 61 -1.33 -7.23 -9.77
CA ARG A 61 -0.31 -7.66 -10.72
C ARG A 61 0.89 -6.70 -10.74
N HIS A 62 0.61 -5.40 -10.75
CA HIS A 62 1.65 -4.41 -10.98
C HIS A 62 2.32 -3.99 -9.68
N PHE A 63 1.75 -4.40 -8.55
CA PHE A 63 2.29 -4.05 -7.25
C PHE A 63 2.15 -5.22 -6.29
N VAL A 64 3.10 -5.37 -5.38
CA VAL A 64 2.94 -6.30 -4.28
C VAL A 64 2.34 -5.55 -3.11
N ASN A 65 1.09 -5.86 -2.81
CA ASN A 65 0.35 -5.15 -1.78
C ASN A 65 0.61 -5.75 -0.41
N LEU A 66 1.22 -4.95 0.45
CA LEU A 66 1.56 -5.39 1.79
C LEU A 66 0.76 -4.63 2.83
N LYS A 67 0.08 -5.35 3.70
CA LYS A 67 -0.67 -4.74 4.79
C LYS A 67 0.10 -4.90 6.09
N MET A 68 0.21 -3.83 6.85
CA MET A 68 0.91 -3.90 8.13
C MET A 68 0.30 -2.95 9.15
N ASP A 69 0.21 -3.41 10.39
CA ASP A 69 -0.33 -2.62 11.47
C ASP A 69 0.67 -1.56 11.92
N MET A 70 0.16 -0.50 12.52
CA MET A 70 1.01 0.51 13.13
C MET A 70 1.08 0.25 14.63
N GLU A 71 0.31 -0.75 15.05
CA GLU A 71 0.35 -1.25 16.41
C GLU A 71 0.58 -2.75 16.37
N LYS A 72 1.75 -3.15 16.82
CA LYS A 72 2.22 -4.54 16.74
C LYS A 72 2.60 -4.89 15.30
N GLY A 73 3.38 -5.95 15.14
CA GLY A 73 3.83 -6.35 13.82
C GLY A 73 4.98 -5.49 13.33
N GLU A 74 5.76 -4.97 14.28
CA GLU A 74 6.90 -4.09 13.99
C GLU A 74 6.43 -2.73 13.46
N GLY A 75 5.16 -2.44 13.66
CA GLY A 75 4.61 -1.16 13.24
C GLY A 75 5.23 0.00 13.97
N VAL A 76 5.60 -0.23 15.23
CA VAL A 76 6.23 0.80 16.06
C VAL A 76 7.49 1.36 15.39
N GLU A 77 8.24 0.49 14.71
CA GLU A 77 9.47 0.90 14.03
C GLU A 77 9.14 1.89 12.92
N LEU A 78 8.20 1.53 12.06
CA LEU A 78 7.86 2.34 10.90
C LEU A 78 7.13 3.61 11.32
N ARG A 79 6.35 3.53 12.40
CA ARG A 79 5.64 4.68 12.93
C ARG A 79 6.63 5.79 13.30
N LYS A 80 7.73 5.40 13.91
CA LYS A 80 8.78 6.34 14.28
C LYS A 80 9.62 6.72 13.05
N LYS A 81 9.72 5.79 12.12
CA LYS A 81 10.61 5.95 10.97
C LYS A 81 10.03 6.91 9.93
N TYR A 82 8.78 6.70 9.56
CA TYR A 82 8.16 7.46 8.49
C TYR A 82 7.31 8.59 9.06
N GLY A 83 6.99 8.49 10.34
CA GLY A 83 6.25 9.55 11.01
C GLY A 83 4.76 9.35 10.93
N VAL A 84 4.16 9.05 12.08
CA VAL A 84 2.72 8.89 12.16
C VAL A 84 2.03 10.26 12.03
N HIS A 85 1.00 10.32 11.22
CA HIS A 85 0.24 11.55 11.04
C HIS A 85 -1.25 11.26 11.06
N ALA A 86 -1.72 10.60 10.01
CA ALA A 86 -3.15 10.31 9.86
C ALA A 86 -3.43 8.85 10.19
N TYR A 87 -4.58 8.36 9.72
CA TYR A 87 -4.98 6.99 9.95
C TYR A 87 -4.49 6.08 8.82
N PRO A 88 -4.69 6.48 7.54
CA PRO A 88 -4.07 5.80 6.42
C PRO A 88 -2.70 6.39 6.08
N THR A 89 -1.77 5.54 5.69
CA THR A 89 -0.45 6.00 5.30
C THR A 89 0.14 5.08 4.23
N LEU A 90 0.31 5.63 3.03
CA LEU A 90 0.83 4.85 1.91
C LEU A 90 2.34 4.99 1.80
N LEU A 91 3.03 3.87 1.97
CA LEU A 91 4.48 3.84 1.82
C LEU A 91 4.84 3.14 0.52
N PHE A 92 5.65 3.81 -0.28
CA PHE A 92 6.03 3.29 -1.58
C PHE A 92 7.49 2.86 -1.57
N ILE A 93 7.70 1.55 -1.56
CA ILE A 93 9.04 0.97 -1.46
C ILE A 93 9.42 0.25 -2.74
N ASN A 94 10.48 0.71 -3.39
CA ASN A 94 10.98 0.06 -4.59
C ASN A 94 12.07 -0.95 -4.22
N SER A 95 12.71 -1.54 -5.23
CA SER A 95 13.72 -2.57 -5.01
C SER A 95 14.86 -2.08 -4.12
N SER A 96 15.11 -0.77 -4.12
CA SER A 96 16.17 -0.19 -3.33
C SER A 96 15.88 -0.32 -1.82
N GLY A 97 14.61 -0.39 -1.46
CA GLY A 97 14.23 -0.43 -0.06
C GLY A 97 14.01 0.96 0.50
N GLU A 98 14.41 1.96 -0.28
CA GLU A 98 14.24 3.36 0.10
C GLU A 98 12.88 3.85 -0.35
N VAL A 99 12.47 5.02 0.13
CA VAL A 99 11.20 5.60 -0.28
C VAL A 99 11.37 6.55 -1.45
N VAL A 100 10.64 6.30 -2.52
CA VAL A 100 10.63 7.19 -3.67
C VAL A 100 9.81 8.45 -3.33
N TYR A 101 8.67 8.24 -2.69
CA TYR A 101 7.86 9.33 -2.16
C TYR A 101 6.90 8.77 -1.13
N ARG A 102 6.30 9.63 -0.32
CA ARG A 102 5.37 9.20 0.72
C ARG A 102 4.03 9.92 0.55
N LEU A 103 2.94 9.19 0.77
CA LEU A 103 1.62 9.75 0.56
C LEU A 103 0.77 9.59 1.82
N VAL A 104 0.23 10.70 2.31
CA VAL A 104 -0.64 10.68 3.47
C VAL A 104 -2.10 10.81 3.05
N GLY A 105 -2.84 9.71 3.16
CA GLY A 105 -4.25 9.73 2.79
C GLY A 105 -4.57 8.76 1.68
N ALA A 106 -5.78 8.21 1.71
CA ALA A 106 -6.20 7.27 0.69
C ALA A 106 -7.49 7.74 0.04
N GLU A 107 -7.42 8.06 -1.24
CA GLU A 107 -8.58 8.53 -1.97
C GLU A 107 -9.25 7.37 -2.72
N ASP A 108 -10.27 7.69 -3.51
CA ASP A 108 -11.00 6.68 -4.27
C ASP A 108 -10.11 6.03 -5.32
N ALA A 109 -10.59 4.91 -5.88
CA ALA A 109 -9.79 4.09 -6.80
C ALA A 109 -9.17 4.88 -7.95
N PRO A 110 -9.95 5.69 -8.72
CA PRO A 110 -9.41 6.47 -9.84
C PRO A 110 -8.30 7.43 -9.40
N GLU A 111 -8.54 8.13 -8.29
CA GLU A 111 -7.59 9.09 -7.77
C GLU A 111 -6.37 8.39 -7.22
N LEU A 112 -6.59 7.27 -6.54
CA LEU A 112 -5.51 6.45 -5.98
C LEU A 112 -4.48 6.12 -7.05
N LEU A 113 -4.97 5.52 -8.13
CA LEU A 113 -4.12 5.14 -9.26
C LEU A 113 -3.36 6.34 -9.81
N LYS A 114 -4.03 7.48 -9.88
CA LYS A 114 -3.43 8.71 -10.37
C LYS A 114 -2.31 9.17 -9.44
N LYS A 115 -2.55 9.11 -8.13
CA LYS A 115 -1.57 9.57 -7.15
C LYS A 115 -0.31 8.70 -7.17
N VAL A 116 -0.47 7.44 -7.56
CA VAL A 116 0.67 6.53 -7.67
C VAL A 116 1.54 6.93 -8.86
N LYS A 117 0.93 7.05 -10.03
CA LYS A 117 1.66 7.40 -11.24
C LYS A 117 2.23 8.81 -11.18
N LEU A 118 1.41 9.75 -10.72
CA LEU A 118 1.80 11.15 -10.63
C LEU A 118 2.88 11.36 -9.58
N GLY A 119 3.00 10.40 -8.67
CA GLY A 119 3.95 10.52 -7.59
C GLY A 119 5.31 9.93 -7.93
N VAL A 120 5.31 8.78 -8.61
CA VAL A 120 6.56 8.09 -8.92
C VAL A 120 7.42 8.88 -9.90
N GLU A 121 6.78 9.57 -10.84
CA GLU A 121 7.49 10.44 -11.76
C GLU A 121 7.36 11.88 -11.31
N SER A 122 8.27 12.73 -11.76
CA SER A 122 8.30 14.11 -11.31
C SER A 122 7.81 15.07 -12.39
N GLU A 123 7.32 14.50 -13.50
CA GLU A 123 6.86 15.29 -14.65
C GLU A 123 8.05 16.01 -15.29
N GLY A 124 8.63 15.37 -16.29
CA GLY A 124 9.82 15.91 -16.93
C GLY A 124 11.05 15.14 -16.51
N ALA A 4 -23.22 -14.18 -7.02
CA ALA A 4 -21.77 -14.29 -7.21
C ALA A 4 -21.05 -13.18 -6.47
N GLN A 5 -19.80 -13.42 -6.11
CA GLN A 5 -19.02 -12.45 -5.37
C GLN A 5 -17.62 -12.30 -5.93
N ALA A 6 -17.09 -11.09 -5.82
CA ALA A 6 -15.72 -10.82 -6.25
C ALA A 6 -15.11 -9.76 -5.35
N ASP A 7 -14.17 -10.17 -4.51
CA ASP A 7 -13.47 -9.26 -3.64
C ASP A 7 -12.35 -8.55 -4.39
N GLY A 8 -11.88 -7.45 -3.84
CA GLY A 8 -10.91 -6.63 -4.54
C GLY A 8 -9.49 -6.85 -4.08
N ILE A 9 -8.80 -5.74 -3.85
CA ILE A 9 -7.39 -5.75 -3.45
C ILE A 9 -7.18 -6.55 -2.17
N ALA A 10 -6.31 -7.55 -2.24
CA ALA A 10 -5.98 -8.37 -1.09
C ALA A 10 -4.53 -8.14 -0.67
N PHE A 11 -4.33 -7.57 0.50
CA PHE A 11 -3.00 -7.33 1.02
C PHE A 11 -2.47 -8.57 1.71
N ARG A 12 -1.16 -8.78 1.59
CA ARG A 12 -0.51 -9.94 2.19
C ARG A 12 0.05 -9.58 3.56
N GLU A 13 -0.28 -10.38 4.57
CA GLU A 13 0.29 -10.20 5.90
C GLU A 13 1.66 -10.87 5.93
N LEU A 14 2.70 -10.09 5.69
CA LEU A 14 4.05 -10.61 5.59
C LEU A 14 5.00 -9.65 6.28
N SER A 15 6.24 -10.08 6.50
CA SER A 15 7.23 -9.20 7.09
C SER A 15 7.86 -8.33 6.02
N PHE A 16 8.61 -7.34 6.47
CA PHE A 16 9.28 -6.41 5.56
C PHE A 16 10.32 -7.12 4.68
N PRO A 17 11.27 -7.89 5.26
CA PRO A 17 12.33 -8.55 4.47
C PRO A 17 11.77 -9.56 3.47
N GLU A 18 10.73 -10.30 3.89
CA GLU A 18 10.10 -11.28 3.03
C GLU A 18 9.46 -10.64 1.82
N ALA A 19 8.59 -9.66 2.06
CA ALA A 19 7.93 -8.94 0.97
C ALA A 19 8.95 -8.28 0.04
N LEU A 20 9.99 -7.70 0.64
CA LEU A 20 11.07 -7.07 -0.13
C LEU A 20 11.72 -8.07 -1.07
N LYS A 21 12.08 -9.21 -0.50
CA LYS A 21 12.68 -10.30 -1.28
C LYS A 21 11.76 -10.72 -2.42
N ARG A 22 10.46 -10.83 -2.13
CA ARG A 22 9.48 -11.19 -3.14
C ARG A 22 9.47 -10.22 -4.30
N ALA A 23 9.43 -8.93 -4.00
CA ALA A 23 9.39 -7.91 -5.04
C ALA A 23 10.70 -7.89 -5.83
N GLU A 24 11.80 -8.22 -5.17
CA GLU A 24 13.10 -8.29 -5.80
C GLU A 24 13.13 -9.37 -6.88
N VAL A 25 12.61 -10.55 -6.52
CA VAL A 25 12.62 -11.69 -7.43
C VAL A 25 11.51 -11.56 -8.48
N GLU A 26 10.35 -11.08 -8.06
CA GLU A 26 9.19 -10.97 -8.94
C GLU A 26 9.23 -9.67 -9.73
N ASP A 27 10.27 -8.88 -9.50
CA ASP A 27 10.59 -7.70 -10.31
C ASP A 27 9.47 -6.66 -10.26
N LYS A 28 9.05 -6.29 -9.07
CA LYS A 28 8.01 -5.29 -8.90
C LYS A 28 8.26 -4.42 -7.68
N LEU A 29 7.36 -3.50 -7.40
CA LEU A 29 7.53 -2.54 -6.31
C LEU A 29 6.73 -2.95 -5.09
N LEU A 30 7.15 -2.47 -3.94
CA LEU A 30 6.46 -2.74 -2.68
C LEU A 30 5.41 -1.69 -2.40
N PHE A 31 4.17 -2.11 -2.31
CA PHE A 31 3.10 -1.24 -1.86
C PHE A 31 2.72 -1.63 -0.45
N VAL A 32 3.20 -0.86 0.52
CA VAL A 32 2.95 -1.17 1.91
C VAL A 32 1.78 -0.36 2.44
N ASP A 33 0.70 -1.05 2.73
CA ASP A 33 -0.49 -0.42 3.31
C ASP A 33 -0.28 -0.22 4.80
N CYS A 34 0.10 1.00 5.16
CA CYS A 34 0.31 1.33 6.55
C CYS A 34 -0.92 2.04 7.09
N PHE A 35 -1.63 1.38 7.98
CA PHE A 35 -2.86 1.93 8.53
C PHE A 35 -2.96 1.62 10.01
N THR A 36 -3.71 2.43 10.72
CA THR A 36 -3.98 2.18 12.12
C THR A 36 -5.37 1.56 12.26
N THR A 37 -5.56 0.77 13.30
CA THR A 37 -6.81 0.03 13.50
C THR A 37 -7.94 0.94 13.99
N TRP A 38 -7.74 2.25 13.84
CA TRP A 38 -8.73 3.26 14.21
C TRP A 38 -10.08 2.98 13.54
N CYS A 39 -10.03 2.43 12.32
CA CYS A 39 -11.20 2.15 11.51
C CYS A 39 -11.74 3.44 10.88
N GLY A 40 -12.59 3.30 9.87
CA GLY A 40 -13.12 4.46 9.18
C GLY A 40 -12.63 4.54 7.74
N PRO A 41 -11.62 5.38 7.46
CA PRO A 41 -11.09 5.60 6.10
C PRO A 41 -10.69 4.31 5.40
N CYS A 42 -10.00 3.42 6.10
CA CYS A 42 -9.52 2.17 5.53
C CYS A 42 -10.69 1.27 5.13
N LYS A 43 -11.79 1.37 5.87
CA LYS A 43 -12.97 0.56 5.59
C LYS A 43 -13.75 1.16 4.42
N ARG A 44 -13.85 2.49 4.39
CA ARG A 44 -14.50 3.18 3.29
C ARG A 44 -13.77 2.90 1.98
N LEU A 45 -12.45 2.90 2.05
CA LEU A 45 -11.61 2.60 0.89
C LEU A 45 -11.94 1.21 0.36
N SER A 46 -12.22 0.29 1.28
CA SER A 46 -12.54 -1.08 0.93
C SER A 46 -13.90 -1.18 0.24
N LYS A 47 -14.80 -0.27 0.57
CA LYS A 47 -16.15 -0.27 0.03
C LYS A 47 -16.15 -0.05 -1.48
N VAL A 48 -15.26 0.82 -1.94
CA VAL A 48 -15.24 1.21 -3.35
C VAL A 48 -14.07 0.61 -4.11
N VAL A 49 -12.88 0.82 -3.59
CA VAL A 49 -11.65 0.39 -4.25
C VAL A 49 -11.49 -1.13 -4.22
N PHE A 50 -11.85 -1.73 -3.10
CA PHE A 50 -11.70 -3.18 -2.93
C PHE A 50 -12.90 -3.92 -3.52
N LYS A 51 -13.37 -3.43 -4.65
CA LYS A 51 -14.54 -4.01 -5.31
C LYS A 51 -14.28 -4.19 -6.80
N ASP A 52 -13.80 -3.12 -7.43
CA ASP A 52 -13.64 -3.09 -8.89
C ASP A 52 -12.63 -4.14 -9.36
N SER A 53 -13.05 -4.96 -10.30
CA SER A 53 -12.24 -6.07 -10.79
C SER A 53 -11.00 -5.58 -11.52
N LEU A 54 -11.13 -4.53 -12.30
CA LEU A 54 -10.02 -3.99 -13.07
C LEU A 54 -9.00 -3.33 -12.17
N VAL A 55 -9.45 -2.41 -11.33
CA VAL A 55 -8.58 -1.69 -10.41
C VAL A 55 -7.85 -2.66 -9.48
N ALA A 56 -8.62 -3.55 -8.86
CA ALA A 56 -8.06 -4.51 -7.91
C ALA A 56 -7.03 -5.41 -8.56
N ASP A 57 -7.33 -5.87 -9.76
CA ASP A 57 -6.44 -6.78 -10.48
C ASP A 57 -5.16 -6.06 -10.91
N TYR A 58 -5.33 -4.91 -11.56
CA TYR A 58 -4.21 -4.14 -12.06
C TYR A 58 -3.27 -3.73 -10.92
N PHE A 59 -3.88 -3.32 -9.81
CA PHE A 59 -3.12 -2.86 -8.65
C PHE A 59 -2.34 -3.99 -8.01
N ASN A 60 -3.04 -5.09 -7.75
CA ASN A 60 -2.46 -6.23 -7.03
C ASN A 60 -1.36 -6.92 -7.85
N ARG A 61 -1.50 -6.89 -9.17
CA ARG A 61 -0.50 -7.51 -10.03
C ARG A 61 0.78 -6.67 -10.08
N HIS A 62 0.64 -5.39 -10.36
CA HIS A 62 1.80 -4.53 -10.60
C HIS A 62 2.54 -4.19 -9.31
N PHE A 63 1.80 -4.06 -8.21
CA PHE A 63 2.42 -3.73 -6.95
C PHE A 63 2.22 -4.84 -5.94
N VAL A 64 3.27 -5.17 -5.21
CA VAL A 64 3.18 -6.19 -4.18
C VAL A 64 2.45 -5.61 -2.98
N ASN A 65 1.24 -6.09 -2.74
CA ASN A 65 0.40 -5.55 -1.68
C ASN A 65 0.79 -6.12 -0.34
N LEU A 66 1.47 -5.31 0.46
CA LEU A 66 1.90 -5.69 1.78
C LEU A 66 1.04 -5.01 2.84
N LYS A 67 0.47 -5.80 3.73
CA LYS A 67 -0.38 -5.27 4.79
C LYS A 67 0.44 -5.09 6.07
N MET A 68 0.53 -3.86 6.55
CA MET A 68 1.23 -3.60 7.79
C MET A 68 0.48 -2.62 8.65
N ASP A 69 -0.18 -3.15 9.67
CA ASP A 69 -0.85 -2.34 10.66
C ASP A 69 0.18 -1.55 11.45
N MET A 70 -0.13 -0.30 11.75
CA MET A 70 0.77 0.51 12.55
C MET A 70 0.66 0.14 14.02
N GLU A 71 -0.18 -0.84 14.29
CA GLU A 71 -0.20 -1.50 15.57
C GLU A 71 0.27 -2.92 15.39
N LYS A 72 1.53 -3.10 15.67
CA LYS A 72 2.26 -4.31 15.35
C LYS A 72 3.72 -4.13 15.74
N GLY A 73 4.54 -5.14 15.51
CA GLY A 73 5.96 -5.04 15.80
C GLY A 73 6.61 -3.89 15.07
N GLU A 74 6.72 -4.00 13.75
CA GLU A 74 7.30 -2.93 12.94
C GLU A 74 6.32 -1.79 12.73
N GLY A 75 5.06 -2.02 13.10
CA GLY A 75 4.03 -1.02 12.92
C GLY A 75 4.34 0.29 13.61
N VAL A 76 4.71 0.20 14.88
CA VAL A 76 5.08 1.37 15.67
C VAL A 76 6.35 2.01 15.10
N GLU A 77 7.23 1.18 14.55
CA GLU A 77 8.46 1.67 13.96
C GLU A 77 8.14 2.50 12.73
N LEU A 78 7.32 1.95 11.84
CA LEU A 78 6.98 2.62 10.58
C LEU A 78 6.29 3.95 10.83
N ARG A 79 5.40 3.98 11.82
CA ARG A 79 4.65 5.18 12.15
C ARG A 79 5.59 6.31 12.55
N LYS A 80 6.59 5.96 13.35
CA LYS A 80 7.60 6.93 13.81
C LYS A 80 8.61 7.23 12.69
N LYS A 81 8.89 6.20 11.91
CA LYS A 81 9.95 6.23 10.90
C LYS A 81 9.61 7.16 9.75
N TYR A 82 8.40 7.01 9.22
CA TYR A 82 7.99 7.76 8.05
C TYR A 82 7.09 8.93 8.45
N GLY A 83 7.08 9.22 9.74
CA GLY A 83 6.35 10.37 10.26
C GLY A 83 4.88 10.36 9.90
N VAL A 84 4.20 9.29 10.27
CA VAL A 84 2.78 9.16 9.96
C VAL A 84 1.94 9.98 10.93
N HIS A 85 1.41 11.09 10.43
CA HIS A 85 0.56 11.95 11.24
C HIS A 85 -0.88 11.86 10.75
N ALA A 86 -1.19 10.76 10.08
CA ALA A 86 -2.54 10.51 9.61
C ALA A 86 -2.97 9.11 10.03
N TYR A 87 -4.12 8.67 9.55
CA TYR A 87 -4.60 7.32 9.85
C TYR A 87 -4.15 6.31 8.79
N PRO A 88 -4.42 6.58 7.49
CA PRO A 88 -3.88 5.78 6.42
C PRO A 88 -2.63 6.39 5.79
N THR A 89 -1.69 5.55 5.40
CA THR A 89 -0.48 6.01 4.73
C THR A 89 0.04 4.95 3.77
N LEU A 90 0.11 5.29 2.50
CA LEU A 90 0.56 4.36 1.48
C LEU A 90 2.05 4.54 1.25
N LEU A 91 2.82 3.49 1.52
CA LEU A 91 4.26 3.57 1.42
C LEU A 91 4.76 2.86 0.17
N PHE A 92 5.51 3.57 -0.65
CA PHE A 92 6.02 3.03 -1.90
C PHE A 92 7.52 2.76 -1.79
N ILE A 93 7.89 1.49 -1.85
CA ILE A 93 9.27 1.09 -1.68
C ILE A 93 9.76 0.32 -2.90
N ASN A 94 11.01 0.55 -3.29
CA ASN A 94 11.60 -0.18 -4.40
C ASN A 94 12.34 -1.42 -3.90
N SER A 95 12.72 -2.28 -4.82
CA SER A 95 13.37 -3.55 -4.47
C SER A 95 14.70 -3.34 -3.74
N SER A 96 15.29 -2.15 -3.90
CA SER A 96 16.59 -1.88 -3.28
C SER A 96 16.46 -1.51 -1.80
N GLY A 97 15.22 -1.51 -1.30
CA GLY A 97 15.01 -1.33 0.12
C GLY A 97 14.60 0.09 0.50
N GLU A 98 15.10 1.08 -0.22
CA GLU A 98 14.82 2.48 0.13
C GLU A 98 13.42 2.90 -0.32
N VAL A 99 12.95 4.02 0.21
CA VAL A 99 11.61 4.52 -0.07
C VAL A 99 11.66 5.63 -1.12
N VAL A 100 10.85 5.49 -2.16
CA VAL A 100 10.83 6.47 -3.23
C VAL A 100 9.82 7.59 -2.94
N TYR A 101 8.69 7.22 -2.34
CA TYR A 101 7.65 8.18 -2.04
C TYR A 101 6.68 7.58 -1.02
N ARG A 102 6.00 8.45 -0.28
CA ARG A 102 4.98 8.03 0.66
C ARG A 102 3.75 8.93 0.53
N LEU A 103 2.58 8.32 0.56
CA LEU A 103 1.35 9.06 0.44
C LEU A 103 0.64 9.13 1.79
N VAL A 104 0.62 10.31 2.38
CA VAL A 104 -0.06 10.50 3.65
C VAL A 104 -1.54 10.78 3.43
N GLY A 105 -2.36 9.77 3.67
CA GLY A 105 -3.78 9.86 3.43
C GLY A 105 -4.24 8.84 2.44
N ALA A 106 -5.45 9.01 1.92
CA ALA A 106 -6.02 8.07 0.96
C ALA A 106 -7.15 8.72 0.17
N GLU A 107 -6.95 8.86 -1.13
CA GLU A 107 -7.97 9.41 -2.00
C GLU A 107 -8.92 8.30 -2.45
N ASP A 108 -10.03 8.70 -3.08
CA ASP A 108 -11.01 7.75 -3.58
C ASP A 108 -10.45 6.98 -4.78
N ALA A 109 -11.20 6.00 -5.27
CA ALA A 109 -10.70 5.04 -6.26
C ALA A 109 -9.98 5.70 -7.45
N PRO A 110 -10.60 6.67 -8.17
CA PRO A 110 -9.96 7.31 -9.33
C PRO A 110 -8.71 8.08 -8.94
N GLU A 111 -8.82 8.89 -7.89
CA GLU A 111 -7.71 9.74 -7.46
C GLU A 111 -6.56 8.91 -6.92
N LEU A 112 -6.89 7.84 -6.21
CA LEU A 112 -5.88 6.95 -5.61
C LEU A 112 -5.00 6.36 -6.70
N LEU A 113 -5.64 5.87 -7.76
CA LEU A 113 -4.92 5.27 -8.88
C LEU A 113 -4.02 6.30 -9.56
N LYS A 114 -4.47 7.55 -9.55
CA LYS A 114 -3.70 8.65 -10.12
C LYS A 114 -2.51 8.98 -9.22
N LYS A 115 -2.75 9.01 -7.92
CA LYS A 115 -1.72 9.33 -6.94
C LYS A 115 -0.61 8.29 -6.95
N VAL A 116 -0.99 7.01 -6.97
CA VAL A 116 0.00 5.93 -6.95
C VAL A 116 0.83 5.92 -8.23
N LYS A 117 0.18 6.13 -9.37
CA LYS A 117 0.88 6.12 -10.65
C LYS A 117 1.86 7.29 -10.74
N LEU A 118 1.37 8.49 -10.49
CA LEU A 118 2.18 9.70 -10.61
C LEU A 118 3.14 9.85 -9.44
N GLY A 119 2.91 9.07 -8.39
CA GLY A 119 3.85 9.03 -7.28
C GLY A 119 5.10 8.27 -7.64
N VAL A 120 4.93 7.20 -8.42
CA VAL A 120 6.06 6.42 -8.89
C VAL A 120 6.65 7.05 -10.15
N GLU A 121 5.78 7.60 -10.99
CA GLU A 121 6.20 8.33 -12.17
C GLU A 121 6.53 9.77 -11.78
N SER A 122 7.64 9.92 -11.08
CA SER A 122 8.04 11.21 -10.53
C SER A 122 8.59 12.15 -11.59
N GLU A 123 8.42 13.44 -11.38
CA GLU A 123 8.91 14.45 -12.29
C GLU A 123 10.34 14.85 -11.93
N GLY A 124 10.68 14.71 -10.66
CA GLY A 124 11.99 15.09 -10.20
C GLY A 124 12.73 13.92 -9.57
N ALA A 4 -11.43 -15.44 -0.90
CA ALA A 4 -11.72 -14.12 -1.50
C ALA A 4 -12.93 -14.22 -2.43
N GLN A 5 -13.84 -13.26 -2.31
CA GLN A 5 -15.06 -13.26 -3.10
C GLN A 5 -14.84 -12.47 -4.39
N ALA A 6 -15.30 -11.22 -4.38
CA ALA A 6 -15.07 -10.30 -5.49
C ALA A 6 -15.00 -8.89 -4.94
N ASP A 7 -14.73 -8.82 -3.64
CA ASP A 7 -14.76 -7.56 -2.90
C ASP A 7 -13.57 -6.69 -3.29
N GLY A 8 -12.47 -7.35 -3.61
CA GLY A 8 -11.28 -6.64 -4.02
C GLY A 8 -10.03 -7.44 -3.79
N ILE A 9 -8.89 -6.76 -3.76
CA ILE A 9 -7.60 -7.40 -3.53
C ILE A 9 -7.48 -7.93 -2.10
N ALA A 10 -7.00 -9.17 -1.98
CA ALA A 10 -6.69 -9.74 -0.68
C ALA A 10 -5.23 -9.47 -0.33
N PHE A 11 -5.02 -8.71 0.73
CA PHE A 11 -3.67 -8.35 1.16
C PHE A 11 -2.96 -9.53 1.78
N ARG A 12 -1.63 -9.46 1.82
CA ARG A 12 -0.84 -10.46 2.50
C ARG A 12 -0.05 -9.80 3.62
N GLU A 13 -0.35 -10.18 4.85
CA GLU A 13 0.36 -9.65 6.00
C GLU A 13 1.68 -10.40 6.21
N LEU A 14 2.77 -9.71 5.97
CA LEU A 14 4.09 -10.30 6.03
C LEU A 14 5.10 -9.28 6.55
N SER A 15 6.27 -9.74 6.95
CA SER A 15 7.31 -8.83 7.42
C SER A 15 8.05 -8.24 6.23
N PHE A 16 8.67 -7.08 6.42
CA PHE A 16 9.29 -6.34 5.32
C PHE A 16 10.33 -7.19 4.57
N PRO A 17 11.37 -7.73 5.25
CA PRO A 17 12.38 -8.57 4.59
C PRO A 17 11.76 -9.69 3.74
N GLU A 18 10.75 -10.35 4.28
CA GLU A 18 10.08 -11.44 3.57
C GLU A 18 9.37 -10.94 2.33
N ALA A 19 8.51 -9.95 2.49
CA ALA A 19 7.75 -9.40 1.38
C ALA A 19 8.66 -8.80 0.32
N LEU A 20 9.80 -8.26 0.76
CA LEU A 20 10.78 -7.67 -0.15
C LEU A 20 11.33 -8.72 -1.11
N LYS A 21 11.76 -9.85 -0.55
CA LYS A 21 12.25 -10.97 -1.34
C LYS A 21 11.21 -11.42 -2.36
N ARG A 22 9.95 -11.47 -1.93
CA ARG A 22 8.85 -11.85 -2.80
C ARG A 22 8.69 -10.85 -3.93
N ALA A 23 8.79 -9.56 -3.60
CA ALA A 23 8.66 -8.49 -4.58
C ALA A 23 9.74 -8.58 -5.65
N GLU A 24 10.99 -8.67 -5.23
CA GLU A 24 12.11 -8.67 -6.17
C GLU A 24 12.05 -9.84 -7.16
N VAL A 25 11.62 -11.00 -6.68
CA VAL A 25 11.64 -12.20 -7.51
C VAL A 25 10.37 -12.37 -8.34
N GLU A 26 9.22 -12.31 -7.69
CA GLU A 26 7.97 -12.72 -8.31
C GLU A 26 7.15 -11.55 -8.86
N ASP A 27 7.35 -10.37 -8.30
CA ASP A 27 6.56 -9.20 -8.70
C ASP A 27 7.49 -8.04 -9.03
N LYS A 28 7.07 -6.82 -8.73
CA LYS A 28 7.88 -5.65 -9.01
C LYS A 28 8.11 -4.81 -7.76
N LEU A 29 7.18 -3.91 -7.47
CA LEU A 29 7.32 -3.01 -6.33
C LEU A 29 6.47 -3.47 -5.15
N LEU A 30 6.77 -2.96 -3.98
CA LEU A 30 6.09 -3.37 -2.77
C LEU A 30 5.05 -2.33 -2.37
N PHE A 31 3.78 -2.73 -2.36
CA PHE A 31 2.70 -1.86 -1.95
C PHE A 31 2.43 -2.05 -0.46
N VAL A 32 2.82 -1.08 0.34
CA VAL A 32 2.70 -1.19 1.78
C VAL A 32 1.50 -0.40 2.30
N ASP A 33 0.52 -1.14 2.82
CA ASP A 33 -0.63 -0.54 3.47
C ASP A 33 -0.35 -0.38 4.96
N CYS A 34 -0.31 0.86 5.43
CA CYS A 34 -0.06 1.14 6.82
C CYS A 34 -1.25 1.85 7.44
N PHE A 35 -1.91 1.17 8.37
CA PHE A 35 -3.07 1.73 9.05
C PHE A 35 -2.94 1.49 10.54
N THR A 36 -3.59 2.34 11.32
CA THR A 36 -3.65 2.13 12.76
C THR A 36 -5.05 1.65 13.17
N THR A 37 -5.21 1.28 14.42
CA THR A 37 -6.45 0.69 14.93
C THR A 37 -7.58 1.72 15.04
N TRP A 38 -7.28 2.97 14.75
CA TRP A 38 -8.28 4.02 14.82
C TRP A 38 -9.17 4.01 13.58
N CYS A 39 -10.39 3.50 13.73
CA CYS A 39 -11.36 3.42 12.63
C CYS A 39 -10.84 2.54 11.50
N GLY A 40 -11.59 2.47 10.40
CA GLY A 40 -11.16 1.67 9.27
C GLY A 40 -11.38 2.38 7.94
N PRO A 41 -10.70 3.51 7.69
CA PRO A 41 -10.80 4.22 6.41
C PRO A 41 -10.36 3.35 5.22
N CYS A 42 -9.28 2.59 5.41
CA CYS A 42 -8.78 1.71 4.37
C CYS A 42 -9.81 0.62 4.05
N LYS A 43 -10.59 0.22 5.06
CA LYS A 43 -11.64 -0.79 4.88
C LYS A 43 -12.78 -0.23 4.03
N ARG A 44 -12.97 1.08 4.11
CA ARG A 44 -13.98 1.74 3.30
C ARG A 44 -13.51 1.84 1.87
N LEU A 45 -12.20 1.97 1.70
CA LEU A 45 -11.58 2.00 0.37
C LEU A 45 -11.82 0.67 -0.34
N SER A 46 -11.86 -0.41 0.43
CA SER A 46 -12.07 -1.75 -0.12
C SER A 46 -13.42 -1.83 -0.83
N LYS A 47 -14.40 -1.10 -0.32
CA LYS A 47 -15.74 -1.12 -0.89
C LYS A 47 -15.76 -0.46 -2.27
N VAL A 48 -15.30 0.79 -2.33
CA VAL A 48 -15.42 1.58 -3.55
C VAL A 48 -14.27 1.32 -4.54
N VAL A 49 -13.04 1.30 -4.04
CA VAL A 49 -11.86 1.23 -4.91
C VAL A 49 -11.61 -0.21 -5.35
N PHE A 50 -11.61 -1.13 -4.40
CA PHE A 50 -11.22 -2.51 -4.66
C PHE A 50 -12.27 -3.25 -5.49
N LYS A 51 -13.38 -2.59 -5.73
CA LYS A 51 -14.46 -3.16 -6.52
C LYS A 51 -14.11 -3.16 -8.00
N ASP A 52 -13.25 -2.24 -8.40
CA ASP A 52 -12.85 -2.11 -9.80
C ASP A 52 -11.90 -3.23 -10.19
N SER A 53 -12.22 -3.90 -11.28
CA SER A 53 -11.46 -5.07 -11.74
C SER A 53 -10.07 -4.68 -12.24
N LEU A 54 -10.01 -3.65 -13.09
CA LEU A 54 -8.75 -3.24 -13.70
C LEU A 54 -7.78 -2.72 -12.66
N VAL A 55 -8.30 -1.93 -11.73
CA VAL A 55 -7.50 -1.39 -10.63
C VAL A 55 -7.04 -2.53 -9.71
N ALA A 56 -7.87 -3.55 -9.57
CA ALA A 56 -7.53 -4.71 -8.75
C ALA A 56 -6.37 -5.48 -9.37
N ASP A 57 -6.50 -5.82 -10.65
CA ASP A 57 -5.46 -6.54 -11.37
C ASP A 57 -4.15 -5.75 -11.36
N TYR A 58 -4.27 -4.45 -11.50
CA TYR A 58 -3.11 -3.57 -11.57
C TYR A 58 -2.27 -3.66 -10.30
N PHE A 59 -2.88 -3.38 -9.16
CA PHE A 59 -2.15 -3.39 -7.90
C PHE A 59 -1.76 -4.80 -7.46
N ASN A 60 -2.67 -5.74 -7.66
CA ASN A 60 -2.47 -7.11 -7.20
C ASN A 60 -1.36 -7.81 -7.98
N ARG A 61 -1.34 -7.61 -9.29
CA ARG A 61 -0.42 -8.34 -10.15
C ARG A 61 0.93 -7.65 -10.30
N HIS A 62 0.93 -6.32 -10.35
CA HIS A 62 2.17 -5.59 -10.61
C HIS A 62 2.90 -5.26 -9.31
N PHE A 63 2.19 -5.32 -8.20
CA PHE A 63 2.78 -4.97 -6.92
C PHE A 63 2.49 -6.05 -5.88
N VAL A 64 3.30 -6.09 -4.83
CA VAL A 64 3.06 -6.98 -3.71
C VAL A 64 2.19 -6.28 -2.68
N ASN A 65 0.99 -6.81 -2.46
CA ASN A 65 0.04 -6.20 -1.55
C ASN A 65 0.37 -6.57 -0.11
N LEU A 66 1.01 -5.65 0.60
CA LEU A 66 1.41 -5.88 1.98
C LEU A 66 0.51 -5.10 2.93
N LYS A 67 -0.02 -5.79 3.92
CA LYS A 67 -0.88 -5.16 4.93
C LYS A 67 -0.22 -5.27 6.29
N MET A 68 0.05 -4.12 6.92
CA MET A 68 0.72 -4.12 8.21
C MET A 68 0.17 -3.03 9.12
N ASP A 69 0.22 -3.28 10.42
CA ASP A 69 -0.32 -2.37 11.41
C ASP A 69 0.73 -1.35 11.83
N MET A 70 0.28 -0.21 12.35
CA MET A 70 1.18 0.81 12.87
C MET A 70 1.52 0.54 14.32
N GLU A 71 1.01 -0.57 14.82
CA GLU A 71 1.20 -0.98 16.20
C GLU A 71 2.05 -2.24 16.28
N LYS A 72 1.79 -3.15 15.36
CA LYS A 72 2.45 -4.46 15.37
C LYS A 72 3.73 -4.45 14.53
N GLY A 73 4.79 -5.03 15.10
CA GLY A 73 6.00 -5.31 14.35
C GLY A 73 6.82 -4.07 14.05
N GLU A 74 6.96 -3.78 12.77
CA GLU A 74 7.81 -2.69 12.30
C GLU A 74 7.00 -1.41 12.10
N GLY A 75 5.73 -1.47 12.46
CA GLY A 75 4.85 -0.32 12.29
C GLY A 75 5.36 0.91 13.01
N VAL A 76 5.79 0.74 14.25
CA VAL A 76 6.31 1.83 15.06
C VAL A 76 7.60 2.41 14.44
N GLU A 77 8.38 1.55 13.80
CA GLU A 77 9.64 1.95 13.21
C GLU A 77 9.40 2.87 12.01
N LEU A 78 8.55 2.41 11.09
CA LEU A 78 8.21 3.20 9.92
C LEU A 78 7.43 4.45 10.31
N ARG A 79 6.68 4.33 11.40
CA ARG A 79 5.89 5.43 11.94
C ARG A 79 6.76 6.65 12.18
N LYS A 80 7.88 6.46 12.88
CA LYS A 80 8.82 7.55 13.13
C LYS A 80 9.66 7.83 11.88
N LYS A 81 9.89 6.80 11.08
CA LYS A 81 10.68 6.93 9.86
C LYS A 81 10.06 7.96 8.90
N TYR A 82 8.78 7.80 8.64
CA TYR A 82 8.10 8.67 7.69
C TYR A 82 7.39 9.83 8.39
N GLY A 83 7.45 9.81 9.72
CA GLY A 83 6.87 10.88 10.51
C GLY A 83 5.37 10.97 10.36
N VAL A 84 4.73 9.82 10.19
CA VAL A 84 3.30 9.79 9.96
C VAL A 84 2.53 9.79 11.27
N HIS A 85 1.48 10.60 11.32
CA HIS A 85 0.61 10.66 12.50
C HIS A 85 -0.83 10.43 12.07
N ALA A 86 -1.01 10.08 10.80
CA ALA A 86 -2.33 9.88 10.23
C ALA A 86 -2.83 8.46 10.50
N TYR A 87 -4.02 8.16 10.03
CA TYR A 87 -4.60 6.83 10.24
C TYR A 87 -4.35 5.91 9.05
N PRO A 88 -4.75 6.32 7.81
CA PRO A 88 -4.41 5.60 6.61
C PRO A 88 -3.16 6.17 5.92
N THR A 89 -2.10 5.38 5.88
CA THR A 89 -0.85 5.80 5.25
C THR A 89 -0.43 4.80 4.18
N LEU A 90 -0.32 5.27 2.95
CA LEU A 90 0.08 4.41 1.85
C LEU A 90 1.56 4.62 1.53
N LEU A 91 2.34 3.56 1.66
CA LEU A 91 3.77 3.63 1.41
C LEU A 91 4.13 2.85 0.14
N PHE A 92 4.87 3.49 -0.75
CA PHE A 92 5.30 2.86 -1.97
C PHE A 92 6.82 2.70 -1.92
N ILE A 93 7.26 1.47 -1.73
CA ILE A 93 8.66 1.21 -1.41
C ILE A 93 9.33 0.35 -2.50
N ASN A 94 10.59 0.65 -2.77
CA ASN A 94 11.37 -0.09 -3.76
C ASN A 94 12.07 -1.28 -3.11
N SER A 95 12.92 -1.97 -3.87
CA SER A 95 13.60 -3.16 -3.40
C SER A 95 14.68 -2.84 -2.37
N SER A 96 15.24 -1.63 -2.44
CA SER A 96 16.25 -1.20 -1.48
C SER A 96 15.60 -0.84 -0.14
N GLY A 97 14.30 -0.60 -0.16
CA GLY A 97 13.61 -0.16 1.04
C GLY A 97 13.42 1.35 1.04
N GLU A 98 13.63 1.96 -0.11
CA GLU A 98 13.45 3.41 -0.25
C GLU A 98 12.03 3.70 -0.71
N VAL A 99 11.43 4.74 -0.15
CA VAL A 99 10.09 5.14 -0.54
C VAL A 99 10.15 6.14 -1.69
N VAL A 100 9.34 5.93 -2.72
CA VAL A 100 9.34 6.82 -3.88
C VAL A 100 8.47 8.04 -3.60
N TYR A 101 7.44 7.86 -2.79
CA TYR A 101 6.51 8.91 -2.45
C TYR A 101 5.66 8.48 -1.27
N ARG A 102 5.33 9.43 -0.40
CA ARG A 102 4.55 9.13 0.79
C ARG A 102 3.12 9.65 0.65
N LEU A 103 2.17 8.75 0.76
CA LEU A 103 0.76 9.10 0.66
C LEU A 103 0.16 9.29 2.04
N VAL A 104 -0.57 10.37 2.23
CA VAL A 104 -1.23 10.65 3.50
C VAL A 104 -2.74 10.71 3.28
N GLY A 105 -3.45 9.78 3.88
CA GLY A 105 -4.88 9.71 3.68
C GLY A 105 -5.21 8.94 2.43
N ALA A 106 -6.41 9.16 1.90
CA ALA A 106 -6.84 8.44 0.71
C ALA A 106 -7.95 9.20 -0.02
N GLU A 107 -7.94 9.09 -1.33
CA GLU A 107 -8.98 9.68 -2.16
C GLU A 107 -9.73 8.58 -2.90
N ASP A 108 -10.64 8.96 -3.78
CA ASP A 108 -11.44 7.99 -4.54
C ASP A 108 -10.55 7.20 -5.50
N ALA A 109 -11.09 6.14 -6.08
CA ALA A 109 -10.31 5.20 -6.91
C ALA A 109 -9.44 5.90 -7.96
N PRO A 110 -10.01 6.80 -8.81
CA PRO A 110 -9.23 7.49 -9.84
C PRO A 110 -8.15 8.39 -9.24
N GLU A 111 -8.48 9.05 -8.13
CA GLU A 111 -7.56 9.95 -7.46
C GLU A 111 -6.48 9.17 -6.71
N LEU A 112 -6.84 7.99 -6.22
CA LEU A 112 -5.90 7.11 -5.53
C LEU A 112 -4.78 6.72 -6.49
N LEU A 113 -5.18 6.23 -7.65
CA LEU A 113 -4.22 5.86 -8.70
C LEU A 113 -3.47 7.10 -9.18
N LYS A 114 -4.17 8.22 -9.23
CA LYS A 114 -3.58 9.49 -9.66
C LYS A 114 -2.42 9.88 -8.75
N LYS A 115 -2.63 9.80 -7.45
CA LYS A 115 -1.61 10.19 -6.48
C LYS A 115 -0.36 9.32 -6.60
N VAL A 116 -0.55 8.01 -6.63
CA VAL A 116 0.59 7.09 -6.70
C VAL A 116 1.31 7.19 -8.05
N LYS A 117 0.52 7.25 -9.13
CA LYS A 117 1.07 7.30 -10.47
C LYS A 117 1.87 8.58 -10.67
N LEU A 118 1.36 9.68 -10.14
CA LEU A 118 2.03 10.97 -10.30
C LEU A 118 3.22 11.07 -9.33
N GLY A 119 3.10 10.41 -8.19
CA GLY A 119 4.15 10.48 -7.18
C GLY A 119 5.46 9.86 -7.64
N VAL A 120 5.37 8.76 -8.38
CA VAL A 120 6.55 8.07 -8.87
C VAL A 120 6.72 8.30 -10.37
N GLU A 121 5.67 8.84 -10.98
CA GLU A 121 5.61 9.08 -12.42
C GLU A 121 5.71 7.77 -13.19
N SER A 122 4.76 6.87 -12.92
CA SER A 122 4.58 5.64 -13.68
C SER A 122 5.77 4.67 -13.54
N GLU A 123 5.56 3.43 -13.98
CA GLU A 123 6.62 2.43 -14.01
C GLU A 123 6.24 1.29 -14.95
N GLY A 124 5.25 0.50 -14.54
CA GLY A 124 4.81 -0.61 -15.34
C GLY A 124 4.09 -1.66 -14.52
N ALA A 4 -12.44 -12.57 -6.55
CA ALA A 4 -13.04 -13.74 -7.23
C ALA A 4 -14.51 -13.90 -6.85
N GLN A 5 -14.78 -13.90 -5.55
CA GLN A 5 -16.15 -13.96 -5.05
C GLN A 5 -16.78 -12.58 -5.13
N ALA A 6 -16.19 -11.67 -4.37
CA ALA A 6 -16.56 -10.27 -4.36
C ALA A 6 -15.42 -9.49 -3.73
N ASP A 7 -14.25 -10.11 -3.78
CA ASP A 7 -13.08 -9.63 -3.10
C ASP A 7 -12.14 -8.92 -4.08
N GLY A 8 -11.77 -7.70 -3.75
CA GLY A 8 -10.88 -6.93 -4.58
C GLY A 8 -9.43 -7.06 -4.15
N ILE A 9 -8.74 -5.94 -4.08
CA ILE A 9 -7.35 -5.89 -3.63
C ILE A 9 -7.23 -6.41 -2.20
N ALA A 10 -6.41 -7.43 -2.02
CA ALA A 10 -6.12 -7.96 -0.71
C ALA A 10 -4.63 -7.79 -0.40
N PHE A 11 -4.32 -7.07 0.67
CA PHE A 11 -2.94 -6.85 1.05
C PHE A 11 -2.40 -8.07 1.77
N ARG A 12 -1.31 -8.61 1.26
CA ARG A 12 -0.77 -9.87 1.77
C ARG A 12 0.17 -9.62 2.94
N GLU A 13 0.20 -10.54 3.88
CA GLU A 13 0.98 -10.37 5.10
C GLU A 13 2.30 -11.15 5.02
N LEU A 14 3.38 -10.42 4.80
CA LEU A 14 4.70 -11.00 4.75
C LEU A 14 5.65 -10.23 5.67
N SER A 15 6.76 -10.86 6.04
CA SER A 15 7.77 -10.20 6.85
C SER A 15 8.54 -9.19 6.00
N PHE A 16 9.17 -8.22 6.63
CA PHE A 16 9.86 -7.13 5.93
C PHE A 16 10.90 -7.69 4.93
N PRO A 17 11.88 -8.51 5.37
CA PRO A 17 12.82 -9.16 4.45
C PRO A 17 12.12 -10.03 3.41
N GLU A 18 11.15 -10.81 3.87
CA GLU A 18 10.41 -11.73 3.01
C GLU A 18 9.74 -11.01 1.85
N ALA A 19 8.99 -9.97 2.17
CA ALA A 19 8.23 -9.24 1.17
C ALA A 19 9.16 -8.58 0.14
N LEU A 20 10.26 -8.04 0.63
CA LEU A 20 11.26 -7.41 -0.23
C LEU A 20 11.80 -8.42 -1.22
N LYS A 21 12.23 -9.55 -0.70
CA LYS A 21 12.76 -10.66 -1.49
C LYS A 21 11.70 -11.14 -2.50
N ARG A 22 10.47 -11.29 -2.02
CA ARG A 22 9.37 -11.76 -2.82
C ARG A 22 9.09 -10.82 -3.99
N ALA A 23 9.00 -9.53 -3.70
CA ALA A 23 8.78 -8.51 -4.72
C ALA A 23 9.91 -8.51 -5.74
N GLU A 24 11.12 -8.67 -5.24
CA GLU A 24 12.31 -8.62 -6.06
C GLU A 24 12.34 -9.74 -7.10
N VAL A 25 11.88 -10.92 -6.72
CA VAL A 25 12.00 -12.09 -7.57
C VAL A 25 10.81 -12.28 -8.52
N GLU A 26 9.58 -12.06 -8.03
CA GLU A 26 8.41 -12.36 -8.83
C GLU A 26 7.81 -11.12 -9.48
N ASP A 27 7.80 -10.01 -8.77
CA ASP A 27 7.09 -8.84 -9.25
C ASP A 27 8.03 -7.67 -9.48
N LYS A 28 7.62 -6.48 -9.09
CA LYS A 28 8.29 -5.27 -9.48
C LYS A 28 8.89 -4.53 -8.28
N LEU A 29 8.02 -4.04 -7.41
CA LEU A 29 8.45 -3.16 -6.33
C LEU A 29 7.64 -3.42 -5.06
N LEU A 30 8.18 -2.99 -3.93
CA LEU A 30 7.58 -3.24 -2.63
C LEU A 30 6.58 -2.16 -2.28
N PHE A 31 5.29 -2.49 -2.37
CA PHE A 31 4.24 -1.55 -2.02
C PHE A 31 3.64 -1.92 -0.67
N VAL A 32 3.82 -1.05 0.30
CA VAL A 32 3.37 -1.34 1.67
C VAL A 32 2.15 -0.50 2.03
N ASP A 33 1.15 -1.14 2.59
CA ASP A 33 -0.03 -0.45 3.10
C ASP A 33 -0.04 -0.49 4.62
N CYS A 34 -0.03 0.68 5.24
CA CYS A 34 -0.10 0.79 6.68
C CYS A 34 -1.37 1.52 7.06
N PHE A 35 -2.28 0.83 7.70
CA PHE A 35 -3.55 1.42 8.11
C PHE A 35 -3.54 1.72 9.60
N THR A 36 -4.22 2.78 9.98
CA THR A 36 -4.39 3.13 11.38
C THR A 36 -5.75 2.63 11.85
N THR A 37 -5.81 2.22 13.11
CA THR A 37 -6.98 1.55 13.68
C THR A 37 -8.28 2.36 13.60
N TRP A 38 -8.16 3.63 13.21
CA TRP A 38 -9.33 4.49 13.01
C TRP A 38 -10.22 3.95 11.90
N CYS A 39 -9.59 3.56 10.79
CA CYS A 39 -10.28 2.96 9.65
C CYS A 39 -11.37 3.89 9.07
N GLY A 40 -11.18 5.19 9.22
CA GLY A 40 -12.12 6.15 8.68
C GLY A 40 -12.17 6.13 7.16
N PRO A 41 -11.12 6.64 6.49
CA PRO A 41 -11.00 6.59 5.03
C PRO A 41 -11.10 5.17 4.48
N CYS A 42 -10.55 4.21 5.22
CA CYS A 42 -10.56 2.82 4.83
C CYS A 42 -12.00 2.31 4.64
N LYS A 43 -12.93 2.91 5.39
CA LYS A 43 -14.33 2.51 5.32
C LYS A 43 -14.88 2.79 3.92
N ARG A 44 -14.58 3.98 3.39
CA ARG A 44 -15.00 4.34 2.05
C ARG A 44 -14.27 3.50 1.01
N LEU A 45 -13.00 3.20 1.28
CA LEU A 45 -12.19 2.41 0.38
C LEU A 45 -12.73 0.98 0.28
N SER A 46 -13.24 0.47 1.40
CA SER A 46 -13.73 -0.90 1.45
C SER A 46 -14.92 -1.12 0.50
N LYS A 47 -15.69 -0.07 0.26
CA LYS A 47 -16.88 -0.17 -0.56
C LYS A 47 -16.53 -0.34 -2.04
N VAL A 48 -15.68 0.53 -2.54
CA VAL A 48 -15.38 0.56 -3.97
C VAL A 48 -14.00 -0.02 -4.30
N VAL A 49 -12.99 0.49 -3.63
CA VAL A 49 -11.60 0.12 -3.90
C VAL A 49 -11.38 -1.38 -3.71
N PHE A 50 -11.87 -1.92 -2.61
CA PHE A 50 -11.66 -3.33 -2.28
C PHE A 50 -12.66 -4.24 -2.98
N LYS A 51 -13.20 -3.79 -4.11
CA LYS A 51 -14.18 -4.58 -4.84
C LYS A 51 -13.88 -4.60 -6.35
N ASP A 52 -13.44 -3.47 -6.89
CA ASP A 52 -13.17 -3.35 -8.32
C ASP A 52 -12.10 -4.34 -8.77
N SER A 53 -12.51 -5.31 -9.58
CA SER A 53 -11.61 -6.38 -10.03
C SER A 53 -10.55 -5.87 -10.99
N LEU A 54 -10.87 -4.84 -11.76
CA LEU A 54 -9.93 -4.29 -12.72
C LEU A 54 -8.74 -3.65 -12.01
N VAL A 55 -9.03 -2.87 -10.98
CA VAL A 55 -7.98 -2.25 -10.17
C VAL A 55 -7.26 -3.32 -9.36
N ALA A 56 -8.00 -4.34 -8.94
CA ALA A 56 -7.43 -5.44 -8.17
C ALA A 56 -6.28 -6.13 -8.91
N ASP A 57 -6.53 -6.51 -10.16
CA ASP A 57 -5.52 -7.18 -10.97
C ASP A 57 -4.34 -6.25 -11.22
N TYR A 58 -4.64 -5.01 -11.52
CA TYR A 58 -3.63 -3.99 -11.81
C TYR A 58 -2.62 -3.88 -10.66
N PHE A 59 -3.12 -3.61 -9.47
CA PHE A 59 -2.25 -3.45 -8.31
C PHE A 59 -1.56 -4.76 -7.93
N ASN A 60 -2.35 -5.81 -7.75
CA ASN A 60 -1.84 -7.07 -7.19
C ASN A 60 -0.81 -7.74 -8.09
N ARG A 61 -0.94 -7.55 -9.40
CA ARG A 61 -0.05 -8.20 -10.35
C ARG A 61 1.21 -7.37 -10.61
N HIS A 62 1.06 -6.05 -10.61
CA HIS A 62 2.18 -5.17 -10.97
C HIS A 62 3.03 -4.81 -9.76
N PHE A 63 2.38 -4.69 -8.61
CA PHE A 63 3.10 -4.39 -7.38
C PHE A 63 2.76 -5.44 -6.33
N VAL A 64 3.63 -5.58 -5.35
CA VAL A 64 3.36 -6.50 -4.25
C VAL A 64 2.62 -5.77 -3.15
N ASN A 65 1.44 -6.25 -2.82
CA ASN A 65 0.62 -5.66 -1.78
C ASN A 65 1.00 -6.23 -0.42
N LEU A 66 1.41 -5.37 0.48
CA LEU A 66 1.87 -5.78 1.79
C LEU A 66 1.04 -5.12 2.89
N LYS A 67 0.47 -5.94 3.76
CA LYS A 67 -0.32 -5.43 4.88
C LYS A 67 0.54 -5.27 6.12
N MET A 68 0.59 -4.07 6.65
CA MET A 68 1.31 -3.82 7.90
C MET A 68 0.43 -3.07 8.88
N ASP A 69 0.43 -3.53 10.13
CA ASP A 69 -0.33 -2.87 11.19
C ASP A 69 0.56 -1.85 11.87
N MET A 70 -0.06 -0.87 12.47
CA MET A 70 0.67 0.17 13.19
C MET A 70 1.29 -0.36 14.48
N GLU A 71 0.68 -1.39 15.06
CA GLU A 71 1.18 -1.93 16.32
C GLU A 71 1.68 -3.35 16.16
N LYS A 72 1.91 -3.76 14.93
CA LYS A 72 2.41 -5.10 14.64
C LYS A 72 3.87 -5.05 14.20
N GLY A 73 4.73 -5.59 15.05
CA GLY A 73 6.15 -5.69 14.74
C GLY A 73 6.77 -4.36 14.37
N GLU A 74 7.26 -4.28 13.15
CA GLU A 74 7.98 -3.10 12.66
C GLU A 74 7.03 -1.91 12.44
N GLY A 75 5.74 -2.15 12.62
CA GLY A 75 4.75 -1.10 12.42
C GLY A 75 5.03 0.12 13.27
N VAL A 76 5.40 -0.09 14.52
CA VAL A 76 5.68 1.01 15.43
C VAL A 76 6.93 1.77 15.00
N GLU A 77 7.88 1.04 14.43
CA GLU A 77 9.12 1.63 13.94
C GLU A 77 8.82 2.47 12.71
N LEU A 78 8.06 1.92 11.78
CA LEU A 78 7.72 2.60 10.54
C LEU A 78 6.91 3.86 10.83
N ARG A 79 5.94 3.75 11.74
CA ARG A 79 5.08 4.87 12.07
C ARG A 79 5.88 6.05 12.60
N LYS A 80 6.84 5.77 13.49
CA LYS A 80 7.67 6.82 14.05
C LYS A 80 8.71 7.28 13.05
N LYS A 81 9.03 6.41 12.10
CA LYS A 81 10.01 6.72 11.06
C LYS A 81 9.47 7.74 10.07
N TYR A 82 8.27 7.49 9.56
CA TYR A 82 7.68 8.35 8.54
C TYR A 82 6.85 9.45 9.18
N GLY A 83 6.67 9.36 10.49
CA GLY A 83 5.94 10.39 11.23
C GLY A 83 4.53 10.57 10.70
N VAL A 84 3.85 9.46 10.49
CA VAL A 84 2.51 9.50 9.93
C VAL A 84 1.49 9.98 10.95
N HIS A 85 0.82 11.07 10.62
CA HIS A 85 -0.24 11.62 11.46
C HIS A 85 -1.58 11.41 10.78
N ALA A 86 -1.56 10.65 9.69
CA ALA A 86 -2.75 10.37 8.91
C ALA A 86 -3.29 8.99 9.20
N TYR A 87 -4.37 8.63 8.53
CA TYR A 87 -5.01 7.35 8.75
C TYR A 87 -4.54 6.31 7.73
N PRO A 88 -4.66 6.58 6.41
CA PRO A 88 -4.13 5.70 5.38
C PRO A 88 -2.68 6.04 5.06
N THR A 89 -1.81 5.04 5.06
CA THR A 89 -0.41 5.28 4.76
C THR A 89 0.08 4.36 3.66
N LEU A 90 0.26 4.90 2.47
CA LEU A 90 0.79 4.15 1.35
C LEU A 90 2.29 4.40 1.24
N LEU A 91 3.04 3.33 0.98
CA LEU A 91 4.49 3.41 1.03
C LEU A 91 5.11 2.71 -0.18
N PHE A 92 6.00 3.42 -0.85
CA PHE A 92 6.69 2.87 -2.01
C PHE A 92 8.17 2.65 -1.69
N ILE A 93 8.55 1.39 -1.52
CA ILE A 93 9.93 1.06 -1.19
C ILE A 93 10.59 0.30 -2.34
N ASN A 94 11.79 0.72 -2.70
CA ASN A 94 12.53 0.05 -3.76
C ASN A 94 13.18 -1.23 -3.23
N SER A 95 13.75 -2.02 -4.12
CA SER A 95 14.36 -3.30 -3.74
C SER A 95 15.68 -3.11 -3.00
N SER A 96 16.09 -1.85 -2.86
CA SER A 96 17.31 -1.53 -2.13
C SER A 96 17.01 -1.39 -0.65
N GLY A 97 15.81 -0.93 -0.32
CA GLY A 97 15.43 -0.75 1.07
C GLY A 97 15.20 0.71 1.42
N GLU A 98 15.07 1.55 0.39
CA GLU A 98 14.81 2.96 0.60
C GLU A 98 13.42 3.34 0.08
N VAL A 99 12.80 4.31 0.72
CA VAL A 99 11.49 4.78 0.30
C VAL A 99 11.62 5.86 -0.78
N VAL A 100 10.89 5.68 -1.86
CA VAL A 100 10.93 6.64 -2.95
C VAL A 100 9.80 7.66 -2.78
N TYR A 101 8.62 7.19 -2.41
CA TYR A 101 7.48 8.06 -2.23
C TYR A 101 6.62 7.58 -1.06
N ARG A 102 6.17 8.52 -0.26
CA ARG A 102 5.26 8.22 0.85
C ARG A 102 3.94 8.97 0.63
N LEU A 103 2.83 8.30 0.84
CA LEU A 103 1.53 8.93 0.67
C LEU A 103 0.69 8.76 1.92
N VAL A 104 0.52 9.84 2.67
CA VAL A 104 -0.31 9.83 3.86
C VAL A 104 -1.65 10.48 3.57
N GLY A 105 -2.72 9.74 3.79
CA GLY A 105 -4.04 10.23 3.46
C GLY A 105 -4.49 9.71 2.12
N ALA A 106 -5.79 9.55 1.94
CA ALA A 106 -6.32 8.99 0.71
C ALA A 106 -7.74 9.47 0.43
N GLU A 107 -8.03 9.72 -0.83
CA GLU A 107 -9.38 10.07 -1.26
C GLU A 107 -10.05 8.85 -1.88
N ASP A 108 -11.24 9.02 -2.45
CA ASP A 108 -11.98 7.89 -3.03
C ASP A 108 -11.19 7.23 -4.17
N ALA A 109 -11.69 6.08 -4.63
CA ALA A 109 -10.97 5.20 -5.54
C ALA A 109 -10.30 5.93 -6.73
N PRO A 110 -11.04 6.68 -7.56
CA PRO A 110 -10.47 7.29 -8.77
C PRO A 110 -9.38 8.31 -8.44
N GLU A 111 -9.64 9.13 -7.43
CA GLU A 111 -8.72 10.18 -7.06
C GLU A 111 -7.49 9.61 -6.36
N LEU A 112 -7.69 8.52 -5.62
CA LEU A 112 -6.59 7.80 -5.00
C LEU A 112 -5.69 7.20 -6.06
N LEU A 113 -6.31 6.48 -6.99
CA LEU A 113 -5.59 5.84 -8.09
C LEU A 113 -4.74 6.87 -8.85
N LYS A 114 -5.35 8.01 -9.16
CA LYS A 114 -4.68 9.09 -9.85
C LYS A 114 -3.52 9.62 -9.01
N LYS A 115 -3.73 9.71 -7.69
CA LYS A 115 -2.71 10.22 -6.78
C LYS A 115 -1.53 9.28 -6.69
N VAL A 116 -1.83 7.98 -6.68
CA VAL A 116 -0.79 6.95 -6.66
C VAL A 116 0.04 7.01 -7.93
N LYS A 117 -0.63 7.09 -9.07
CA LYS A 117 0.06 7.20 -10.35
C LYS A 117 0.90 8.46 -10.41
N LEU A 118 0.34 9.57 -9.93
CA LEU A 118 1.04 10.85 -9.94
C LEU A 118 2.13 10.87 -8.88
N GLY A 119 2.13 9.87 -8.02
CA GLY A 119 3.17 9.74 -7.01
C GLY A 119 4.43 9.13 -7.57
N VAL A 120 4.29 8.42 -8.68
CA VAL A 120 5.41 7.79 -9.35
C VAL A 120 5.71 8.50 -10.67
N GLU A 121 4.64 8.76 -11.42
CA GLU A 121 4.71 9.41 -12.73
C GLU A 121 5.40 8.53 -13.77
N SER A 122 5.48 9.02 -14.99
CA SER A 122 6.16 8.32 -16.06
C SER A 122 7.58 8.86 -16.24
N GLU A 123 7.70 10.18 -16.27
CA GLU A 123 9.00 10.83 -16.43
C GLU A 123 9.44 11.39 -15.08
N GLY A 124 10.66 11.92 -15.05
CA GLY A 124 11.17 12.50 -13.83
C GLY A 124 12.67 12.69 -13.91
N ALA A 4 -19.68 -15.70 -6.23
CA ALA A 4 -19.28 -14.71 -7.25
C ALA A 4 -17.98 -14.04 -6.87
N GLN A 5 -17.20 -13.64 -7.87
CA GLN A 5 -15.90 -13.06 -7.62
C GLN A 5 -16.02 -11.60 -7.20
N ALA A 6 -16.00 -11.39 -5.89
CA ALA A 6 -16.03 -10.07 -5.32
C ALA A 6 -15.37 -10.11 -3.95
N ASP A 7 -14.05 -10.06 -3.94
CA ASP A 7 -13.29 -10.18 -2.70
C ASP A 7 -12.49 -8.92 -2.44
N GLY A 8 -12.05 -8.27 -3.52
CA GLY A 8 -11.37 -7.00 -3.38
C GLY A 8 -9.87 -7.13 -3.33
N ILE A 9 -9.20 -6.01 -3.08
CA ILE A 9 -7.75 -5.98 -3.00
C ILE A 9 -7.28 -6.71 -1.74
N ALA A 10 -6.58 -7.82 -1.94
CA ALA A 10 -6.04 -8.56 -0.81
C ALA A 10 -4.59 -8.20 -0.60
N PHE A 11 -4.34 -7.29 0.32
CA PHE A 11 -2.98 -6.93 0.69
C PHE A 11 -2.35 -8.07 1.47
N ARG A 12 -1.35 -8.70 0.87
CA ARG A 12 -0.73 -9.88 1.43
C ARG A 12 0.04 -9.55 2.70
N GLU A 13 -0.15 -10.36 3.72
CA GLU A 13 0.54 -10.17 4.99
C GLU A 13 1.94 -10.78 4.91
N LEU A 14 2.90 -9.94 4.58
CA LEU A 14 4.29 -10.33 4.57
C LEU A 14 5.03 -9.57 5.66
N SER A 15 6.09 -10.15 6.17
CA SER A 15 6.93 -9.47 7.13
C SER A 15 7.90 -8.54 6.40
N PHE A 16 8.59 -7.69 7.15
CA PHE A 16 9.57 -6.77 6.57
C PHE A 16 10.61 -7.52 5.74
N PRO A 17 11.30 -8.53 6.33
CA PRO A 17 12.28 -9.34 5.59
C PRO A 17 11.63 -10.10 4.43
N GLU A 18 10.43 -10.62 4.66
CA GLU A 18 9.69 -11.36 3.64
C GLU A 18 9.47 -10.53 2.39
N ALA A 19 8.89 -9.36 2.58
CA ALA A 19 8.55 -8.49 1.46
C ALA A 19 9.81 -8.02 0.74
N LEU A 20 10.83 -7.69 1.52
CA LEU A 20 12.10 -7.22 0.98
C LEU A 20 12.75 -8.31 0.14
N LYS A 21 12.75 -9.52 0.69
CA LYS A 21 13.31 -10.69 0.02
C LYS A 21 12.66 -10.89 -1.36
N ARG A 22 11.34 -10.88 -1.37
CA ARG A 22 10.58 -11.08 -2.61
C ARG A 22 10.85 -9.97 -3.61
N ALA A 23 11.01 -8.76 -3.11
CA ALA A 23 11.36 -7.62 -3.95
C ALA A 23 12.66 -7.88 -4.70
N GLU A 24 13.68 -8.26 -3.94
CA GLU A 24 15.01 -8.49 -4.50
C GLU A 24 15.03 -9.63 -5.51
N VAL A 25 14.49 -10.78 -5.14
CA VAL A 25 14.64 -11.99 -5.94
C VAL A 25 13.68 -12.03 -7.13
N GLU A 26 12.49 -11.46 -6.99
CA GLU A 26 11.48 -11.56 -8.04
C GLU A 26 11.43 -10.31 -8.91
N ASP A 27 11.90 -9.19 -8.36
CA ASP A 27 11.95 -7.91 -9.08
C ASP A 27 10.56 -7.39 -9.43
N LYS A 28 10.01 -6.60 -8.52
CA LYS A 28 8.72 -5.95 -8.70
C LYS A 28 8.45 -5.07 -7.48
N LEU A 29 8.25 -3.78 -7.74
CA LEU A 29 8.16 -2.79 -6.67
C LEU A 29 6.95 -3.03 -5.77
N LEU A 30 7.05 -2.55 -4.54
CA LEU A 30 6.05 -2.82 -3.52
C LEU A 30 5.12 -1.63 -3.33
N PHE A 31 3.85 -1.93 -3.08
CA PHE A 31 2.89 -0.94 -2.65
C PHE A 31 2.31 -1.37 -1.31
N VAL A 32 2.72 -0.69 -0.26
CA VAL A 32 2.37 -1.09 1.09
C VAL A 32 1.27 -0.21 1.67
N ASP A 33 0.23 -0.84 2.15
CA ASP A 33 -0.84 -0.15 2.86
C ASP A 33 -0.63 -0.29 4.36
N CYS A 34 -0.32 0.82 5.01
CA CYS A 34 -0.14 0.83 6.46
C CYS A 34 -1.12 1.80 7.08
N PHE A 35 -2.07 1.29 7.82
CA PHE A 35 -3.11 2.12 8.38
C PHE A 35 -3.24 1.93 9.87
N THR A 36 -3.94 2.85 10.50
CA THR A 36 -4.28 2.75 11.90
C THR A 36 -5.71 2.23 12.02
N THR A 37 -6.02 1.54 13.12
CA THR A 37 -7.37 1.03 13.38
C THR A 37 -8.42 2.09 13.05
N TRP A 38 -8.16 3.32 13.47
CA TRP A 38 -8.97 4.45 13.07
C TRP A 38 -8.51 4.93 11.70
N CYS A 39 -9.16 4.44 10.66
CA CYS A 39 -8.83 4.84 9.29
C CYS A 39 -10.09 5.17 8.50
N GLY A 40 -10.58 6.38 8.67
CA GLY A 40 -11.80 6.81 8.01
C GLY A 40 -11.74 6.67 6.50
N PRO A 41 -10.87 7.46 5.83
CA PRO A 41 -10.71 7.41 4.38
C PRO A 41 -10.43 6.00 3.86
N CYS A 42 -9.66 5.21 4.62
CA CYS A 42 -9.34 3.85 4.21
C CYS A 42 -10.60 2.99 4.18
N LYS A 43 -11.38 3.03 5.26
CA LYS A 43 -12.62 2.25 5.31
C LYS A 43 -13.64 2.78 4.31
N ARG A 44 -13.54 4.06 4.01
CA ARG A 44 -14.40 4.68 3.01
C ARG A 44 -14.14 4.06 1.63
N LEU A 45 -12.86 3.93 1.28
CA LEU A 45 -12.50 3.36 0.00
C LEU A 45 -12.59 1.84 0.02
N SER A 46 -12.56 1.26 1.22
CA SER A 46 -12.67 -0.19 1.38
C SER A 46 -13.97 -0.73 0.79
N LYS A 47 -15.01 0.09 0.79
CA LYS A 47 -16.29 -0.35 0.26
C LYS A 47 -16.31 -0.29 -1.26
N VAL A 48 -15.85 0.82 -1.82
CA VAL A 48 -15.94 1.05 -3.25
C VAL A 48 -14.73 0.53 -4.03
N VAL A 49 -13.53 0.71 -3.49
CA VAL A 49 -12.33 0.30 -4.19
C VAL A 49 -12.11 -1.21 -4.05
N PHE A 50 -12.51 -1.76 -2.92
CA PHE A 50 -12.28 -3.18 -2.65
C PHE A 50 -13.44 -4.05 -3.12
N LYS A 51 -14.27 -3.53 -4.01
CA LYS A 51 -15.29 -4.32 -4.65
C LYS A 51 -14.99 -4.48 -6.14
N ASP A 52 -14.04 -3.69 -6.61
CA ASP A 52 -13.64 -3.68 -8.01
C ASP A 52 -12.49 -4.66 -8.25
N SER A 53 -12.75 -5.70 -9.02
CA SER A 53 -11.76 -6.73 -9.26
C SER A 53 -10.61 -6.21 -10.13
N LEU A 54 -10.93 -5.28 -11.03
CA LEU A 54 -9.94 -4.76 -11.97
C LEU A 54 -8.91 -3.89 -11.26
N VAL A 55 -9.36 -3.06 -10.34
CA VAL A 55 -8.47 -2.23 -9.54
C VAL A 55 -7.56 -3.12 -8.70
N ALA A 56 -8.14 -4.15 -8.10
CA ALA A 56 -7.39 -5.11 -7.30
C ALA A 56 -6.35 -5.83 -8.16
N ASP A 57 -6.78 -6.32 -9.31
CA ASP A 57 -5.90 -7.00 -10.26
C ASP A 57 -4.74 -6.10 -10.68
N TYR A 58 -5.07 -4.84 -10.94
CA TYR A 58 -4.07 -3.84 -11.36
C TYR A 58 -2.94 -3.74 -10.35
N PHE A 59 -3.29 -3.64 -9.06
CA PHE A 59 -2.30 -3.52 -8.01
C PHE A 59 -1.60 -4.85 -7.75
N ASN A 60 -2.38 -5.92 -7.73
CA ASN A 60 -1.85 -7.26 -7.40
C ASN A 60 -0.80 -7.70 -8.40
N ARG A 61 -1.00 -7.38 -9.66
CA ARG A 61 -0.09 -7.82 -10.70
C ARG A 61 1.12 -6.90 -10.83
N HIS A 62 0.88 -5.59 -10.86
CA HIS A 62 1.94 -4.64 -11.17
C HIS A 62 2.77 -4.27 -9.95
N PHE A 63 2.25 -4.53 -8.75
CA PHE A 63 2.98 -4.23 -7.53
C PHE A 63 2.84 -5.37 -6.52
N VAL A 64 3.63 -5.30 -5.47
CA VAL A 64 3.51 -6.24 -4.36
C VAL A 64 2.57 -5.69 -3.31
N ASN A 65 1.50 -6.42 -3.01
CA ASN A 65 0.52 -5.97 -2.05
C ASN A 65 0.97 -6.33 -0.64
N LEU A 66 1.21 -5.31 0.17
CA LEU A 66 1.64 -5.54 1.55
C LEU A 66 0.75 -4.81 2.54
N LYS A 67 0.27 -5.54 3.54
CA LYS A 67 -0.53 -4.96 4.62
C LYS A 67 0.22 -5.06 5.93
N MET A 68 0.35 -3.93 6.63
CA MET A 68 1.02 -3.90 7.91
C MET A 68 0.32 -2.92 8.86
N ASP A 69 -0.10 -3.44 10.00
CA ASP A 69 -0.91 -2.69 10.94
C ASP A 69 -0.04 -2.02 12.00
N MET A 70 -0.54 -0.94 12.59
CA MET A 70 0.20 -0.16 13.57
C MET A 70 0.21 -0.84 14.94
N GLU A 71 -0.35 -2.02 15.02
CA GLU A 71 -0.43 -2.76 16.27
C GLU A 71 0.41 -4.02 16.17
N LYS A 72 1.17 -4.15 15.11
CA LYS A 72 1.98 -5.34 14.89
C LYS A 72 3.45 -5.06 15.19
N GLY A 73 4.22 -6.12 15.35
CA GLY A 73 5.60 -6.00 15.81
C GLY A 73 6.51 -5.28 14.85
N GLU A 74 6.08 -5.13 13.60
CA GLU A 74 6.88 -4.43 12.59
C GLU A 74 6.21 -3.13 12.18
N GLY A 75 4.99 -2.92 12.66
CA GLY A 75 4.21 -1.78 12.21
C GLY A 75 4.71 -0.46 12.73
N VAL A 76 5.00 -0.41 14.03
CA VAL A 76 5.40 0.85 14.66
C VAL A 76 6.78 1.29 14.16
N GLU A 77 7.55 0.35 13.60
CA GLU A 77 8.86 0.68 13.05
C GLU A 77 8.69 1.59 11.84
N LEU A 78 7.84 1.15 10.92
CA LEU A 78 7.56 1.92 9.71
C LEU A 78 6.84 3.22 10.05
N ARG A 79 5.96 3.15 11.04
CA ARG A 79 5.18 4.30 11.47
C ARG A 79 6.09 5.47 11.86
N LYS A 80 7.06 5.19 12.72
CA LYS A 80 7.95 6.24 13.21
C LYS A 80 8.94 6.66 12.12
N LYS A 81 9.24 5.73 11.23
CA LYS A 81 10.25 5.95 10.19
C LYS A 81 9.74 6.90 9.10
N TYR A 82 8.44 6.85 8.82
CA TYR A 82 7.89 7.62 7.71
C TYR A 82 6.91 8.70 8.19
N GLY A 83 6.95 9.00 9.47
CA GLY A 83 6.15 10.09 10.01
C GLY A 83 4.67 9.78 10.04
N VAL A 84 4.35 8.50 10.16
CA VAL A 84 2.97 8.07 10.25
C VAL A 84 2.46 8.27 11.67
N HIS A 85 1.17 8.58 11.82
CA HIS A 85 0.63 8.89 13.14
C HIS A 85 -0.59 8.04 13.47
N ALA A 86 -1.71 8.32 12.83
CA ALA A 86 -2.96 7.64 13.17
C ALA A 86 -3.92 7.60 11.99
N TYR A 87 -3.37 7.52 10.79
CA TYR A 87 -4.19 7.51 9.58
C TYR A 87 -3.81 6.31 8.71
N PRO A 88 -4.49 6.14 7.56
CA PRO A 88 -4.00 5.26 6.50
C PRO A 88 -2.87 5.93 5.73
N THR A 89 -1.77 5.21 5.54
CA THR A 89 -0.60 5.77 4.89
C THR A 89 -0.08 4.81 3.81
N LEU A 90 0.13 5.36 2.62
CA LEU A 90 0.56 4.56 1.48
C LEU A 90 2.08 4.61 1.35
N LEU A 91 2.69 3.45 1.16
CA LEU A 91 4.15 3.37 1.07
C LEU A 91 4.58 2.77 -0.26
N PHE A 92 5.38 3.53 -1.01
CA PHE A 92 5.94 3.05 -2.26
C PHE A 92 7.40 2.67 -2.06
N ILE A 93 7.66 1.37 -2.05
CA ILE A 93 8.98 0.86 -1.70
C ILE A 93 9.66 0.19 -2.89
N ASN A 94 10.97 0.37 -2.99
CA ASN A 94 11.77 -0.24 -4.03
C ASN A 94 12.25 -1.63 -3.62
N SER A 95 13.18 -2.18 -4.39
CA SER A 95 13.67 -3.53 -4.14
C SER A 95 14.57 -3.59 -2.89
N SER A 96 15.46 -2.60 -2.77
CA SER A 96 16.39 -2.56 -1.63
C SER A 96 15.80 -1.72 -0.51
N GLY A 97 14.48 -1.68 -0.43
CA GLY A 97 13.83 -0.76 0.48
C GLY A 97 13.69 0.58 -0.19
N GLU A 98 14.11 1.65 0.49
CA GLU A 98 14.16 2.99 -0.10
C GLU A 98 12.80 3.42 -0.65
N VAL A 99 12.06 4.18 0.16
CA VAL A 99 10.78 4.71 -0.29
C VAL A 99 10.98 5.71 -1.42
N VAL A 100 10.49 5.35 -2.59
CA VAL A 100 10.62 6.19 -3.77
C VAL A 100 9.61 7.33 -3.73
N TYR A 101 8.49 7.07 -3.08
CA TYR A 101 7.45 8.07 -2.93
C TYR A 101 6.68 7.83 -1.62
N ARG A 102 6.31 8.90 -0.95
CA ARG A 102 5.56 8.80 0.29
C ARG A 102 4.27 9.60 0.20
N LEU A 103 3.23 9.08 0.82
CA LEU A 103 1.91 9.68 0.76
C LEU A 103 1.12 9.32 2.01
N VAL A 104 0.92 10.29 2.89
CA VAL A 104 0.14 10.07 4.10
C VAL A 104 -1.31 10.43 3.85
N GLY A 105 -2.15 9.41 3.71
CA GLY A 105 -3.56 9.65 3.45
C GLY A 105 -4.12 8.65 2.47
N ALA A 106 -5.42 8.73 2.25
CA ALA A 106 -6.11 7.83 1.33
C ALA A 106 -7.23 8.57 0.62
N GLU A 107 -7.23 8.52 -0.71
CA GLU A 107 -8.18 9.27 -1.51
C GLU A 107 -9.33 8.38 -1.96
N ASP A 108 -10.38 8.98 -2.51
CA ASP A 108 -11.49 8.21 -3.07
C ASP A 108 -11.04 7.50 -4.35
N ALA A 109 -11.84 6.55 -4.82
CA ALA A 109 -11.47 5.69 -5.94
C ALA A 109 -10.86 6.48 -7.13
N PRO A 110 -11.55 7.51 -7.68
CA PRO A 110 -11.04 8.28 -8.81
C PRO A 110 -9.75 9.03 -8.48
N GLU A 111 -9.76 9.72 -7.34
CA GLU A 111 -8.63 10.53 -6.93
C GLU A 111 -7.43 9.66 -6.56
N LEU A 112 -7.70 8.48 -6.03
CA LEU A 112 -6.66 7.55 -5.60
C LEU A 112 -5.88 7.02 -6.80
N LEU A 113 -6.62 6.56 -7.81
CA LEU A 113 -6.00 6.03 -9.03
C LEU A 113 -5.18 7.11 -9.73
N LYS A 114 -5.69 8.33 -9.70
CA LYS A 114 -4.97 9.46 -10.27
C LYS A 114 -3.76 9.79 -9.41
N LYS A 115 -3.91 9.62 -8.11
CA LYS A 115 -2.86 9.92 -7.15
C LYS A 115 -1.64 9.02 -7.38
N VAL A 116 -1.88 7.74 -7.58
CA VAL A 116 -0.80 6.80 -7.79
C VAL A 116 -0.17 6.99 -9.19
N LYS A 117 -1.02 7.20 -10.19
CA LYS A 117 -0.53 7.37 -11.56
C LYS A 117 0.28 8.65 -11.72
N LEU A 118 -0.32 9.78 -11.33
CA LEU A 118 0.33 11.08 -11.51
C LEU A 118 1.45 11.28 -10.50
N GLY A 119 1.59 10.36 -9.57
CA GLY A 119 2.66 10.42 -8.60
C GLY A 119 3.91 9.69 -9.08
N VAL A 120 3.74 8.84 -10.09
CA VAL A 120 4.85 8.04 -10.60
C VAL A 120 5.07 8.30 -12.09
N GLU A 121 4.01 8.16 -12.87
CA GLU A 121 4.12 8.32 -14.33
C GLU A 121 4.05 9.78 -14.72
N SER A 122 5.20 10.36 -15.03
CA SER A 122 5.25 11.75 -15.45
C SER A 122 5.27 11.83 -16.97
N GLU A 123 6.45 11.63 -17.56
CA GLU A 123 6.61 11.76 -18.99
C GLU A 123 6.97 10.41 -19.61
N GLY A 124 5.96 9.70 -20.10
CA GLY A 124 6.18 8.39 -20.66
C GLY A 124 5.45 7.33 -19.88
N ALA A 4 -8.17 -14.40 -5.62
CA ALA A 4 -8.74 -13.04 -5.77
C ALA A 4 -9.66 -12.97 -6.99
N GLN A 5 -10.59 -12.04 -6.98
CA GLN A 5 -11.54 -11.90 -8.07
C GLN A 5 -11.91 -10.43 -8.27
N ALA A 6 -12.91 -9.98 -7.53
CA ALA A 6 -13.37 -8.60 -7.61
C ALA A 6 -14.03 -8.23 -6.30
N ASP A 7 -13.56 -8.84 -5.23
CA ASP A 7 -14.08 -8.61 -3.90
C ASP A 7 -13.21 -7.59 -3.17
N GLY A 8 -11.92 -7.67 -3.45
CA GLY A 8 -10.96 -6.74 -2.86
C GLY A 8 -9.55 -7.15 -3.17
N ILE A 9 -8.62 -6.22 -3.00
CA ILE A 9 -7.20 -6.49 -3.19
C ILE A 9 -6.71 -7.51 -2.15
N ALA A 10 -5.96 -8.50 -2.61
CA ALA A 10 -5.46 -9.54 -1.73
C ALA A 10 -4.17 -9.11 -1.05
N PHE A 11 -4.29 -8.59 0.15
CA PHE A 11 -3.15 -8.14 0.92
C PHE A 11 -2.49 -9.33 1.62
N ARG A 12 -1.17 -9.34 1.62
CA ARG A 12 -0.42 -10.39 2.29
C ARG A 12 0.46 -9.77 3.38
N GLU A 13 0.50 -10.41 4.54
CA GLU A 13 1.26 -9.87 5.65
C GLU A 13 2.55 -10.66 5.89
N LEU A 14 3.64 -10.15 5.35
CA LEU A 14 4.95 -10.73 5.56
C LEU A 14 5.81 -9.77 6.37
N SER A 15 6.93 -10.24 6.87
CA SER A 15 7.92 -9.38 7.51
C SER A 15 8.57 -8.51 6.42
N PHE A 16 9.21 -7.42 6.81
CA PHE A 16 9.79 -6.50 5.83
C PHE A 16 10.84 -7.20 4.95
N PRO A 17 11.87 -7.87 5.53
CA PRO A 17 12.83 -8.66 4.75
C PRO A 17 12.14 -9.67 3.84
N GLU A 18 11.16 -10.36 4.40
CA GLU A 18 10.39 -11.36 3.69
C GLU A 18 9.72 -10.75 2.46
N ALA A 19 8.96 -9.69 2.69
CA ALA A 19 8.20 -9.04 1.63
C ALA A 19 9.12 -8.47 0.55
N LEU A 20 10.27 -7.96 0.96
CA LEU A 20 11.24 -7.42 0.02
C LEU A 20 11.72 -8.51 -0.93
N LYS A 21 12.11 -9.63 -0.34
CA LYS A 21 12.58 -10.78 -1.10
C LYS A 21 11.47 -11.32 -2.00
N ARG A 22 10.26 -11.41 -1.46
CA ARG A 22 9.10 -11.88 -2.22
C ARG A 22 8.86 -11.01 -3.45
N ALA A 23 9.00 -9.70 -3.27
CA ALA A 23 8.80 -8.75 -4.36
C ALA A 23 9.84 -8.96 -5.46
N GLU A 24 11.09 -9.12 -5.07
CA GLU A 24 12.18 -9.32 -6.02
C GLU A 24 11.93 -10.54 -6.92
N VAL A 25 11.36 -11.58 -6.35
CA VAL A 25 11.14 -12.82 -7.09
C VAL A 25 9.80 -12.82 -7.84
N GLU A 26 8.71 -12.59 -7.12
CA GLU A 26 7.37 -12.79 -7.69
C GLU A 26 6.74 -11.48 -8.16
N ASP A 27 7.01 -10.39 -7.47
CA ASP A 27 6.33 -9.13 -7.73
C ASP A 27 7.27 -8.12 -8.38
N LYS A 28 7.04 -6.84 -8.13
CA LYS A 28 7.90 -5.80 -8.66
C LYS A 28 8.33 -4.84 -7.56
N LEU A 29 7.50 -3.84 -7.28
CA LEU A 29 7.80 -2.90 -6.20
C LEU A 29 7.03 -3.27 -4.94
N LEU A 30 7.16 -2.46 -3.91
CA LEU A 30 6.54 -2.76 -2.62
C LEU A 30 5.40 -1.79 -2.32
N PHE A 31 4.21 -2.34 -2.15
CA PHE A 31 3.05 -1.55 -1.76
C PHE A 31 2.83 -1.69 -0.26
N VAL A 32 3.14 -0.64 0.47
CA VAL A 32 3.02 -0.67 1.91
C VAL A 32 1.68 -0.10 2.37
N ASP A 33 0.78 -0.98 2.77
CA ASP A 33 -0.49 -0.57 3.34
C ASP A 33 -0.36 -0.44 4.86
N CYS A 34 -0.44 0.80 5.34
CA CYS A 34 -0.40 1.06 6.76
C CYS A 34 -1.63 1.84 7.19
N PHE A 35 -2.46 1.21 7.99
CA PHE A 35 -3.68 1.82 8.46
C PHE A 35 -3.76 1.67 9.98
N THR A 36 -4.65 2.42 10.60
CA THR A 36 -4.85 2.32 12.04
C THR A 36 -6.07 1.46 12.33
N THR A 37 -6.02 0.75 13.46
CA THR A 37 -7.10 -0.15 13.88
C THR A 37 -8.42 0.63 14.01
N TRP A 38 -8.30 1.91 14.32
CA TRP A 38 -9.44 2.82 14.31
C TRP A 38 -10.08 2.82 12.93
N CYS A 39 -11.29 2.27 12.84
CA CYS A 39 -11.96 2.10 11.56
C CYS A 39 -12.58 3.40 11.07
N GLY A 40 -11.88 4.06 10.18
CA GLY A 40 -12.40 5.26 9.56
C GLY A 40 -12.29 5.20 8.05
N PRO A 41 -11.50 6.11 7.46
CA PRO A 41 -11.27 6.15 6.01
C PRO A 41 -10.65 4.86 5.47
N CYS A 42 -9.89 4.18 6.32
CA CYS A 42 -9.20 2.95 5.95
C CYS A 42 -10.18 1.87 5.49
N LYS A 43 -11.35 1.83 6.10
CA LYS A 43 -12.36 0.83 5.76
C LYS A 43 -12.94 1.11 4.37
N ARG A 44 -13.27 2.38 4.13
CA ARG A 44 -13.86 2.76 2.85
C ARG A 44 -12.86 2.58 1.72
N LEU A 45 -11.60 2.84 2.02
CA LEU A 45 -10.52 2.67 1.06
C LEU A 45 -10.43 1.21 0.61
N SER A 46 -10.46 0.31 1.57
CA SER A 46 -10.31 -1.11 1.28
C SER A 46 -11.58 -1.69 0.66
N LYS A 47 -12.73 -1.27 1.17
CA LYS A 47 -14.01 -1.85 0.74
C LYS A 47 -14.49 -1.28 -0.59
N VAL A 48 -14.35 0.02 -0.78
CA VAL A 48 -14.92 0.67 -1.97
C VAL A 48 -13.88 0.80 -3.08
N VAL A 49 -12.70 1.33 -2.76
CA VAL A 49 -11.68 1.60 -3.75
C VAL A 49 -11.04 0.32 -4.26
N PHE A 50 -10.56 -0.50 -3.34
CA PHE A 50 -9.80 -1.70 -3.70
C PHE A 50 -10.72 -2.87 -4.06
N LYS A 51 -11.99 -2.57 -4.34
CA LYS A 51 -12.96 -3.61 -4.69
C LYS A 51 -12.87 -3.95 -6.17
N ASP A 52 -12.53 -2.97 -6.98
CA ASP A 52 -12.53 -3.14 -8.43
C ASP A 52 -11.41 -4.08 -8.89
N SER A 53 -11.74 -4.93 -9.84
CA SER A 53 -10.80 -5.94 -10.32
C SER A 53 -9.64 -5.31 -11.10
N LEU A 54 -9.93 -4.27 -11.87
CA LEU A 54 -8.91 -3.59 -12.65
C LEU A 54 -7.95 -2.84 -11.74
N VAL A 55 -8.51 -2.18 -10.73
CA VAL A 55 -7.70 -1.51 -9.71
C VAL A 55 -6.87 -2.54 -8.94
N ALA A 56 -7.52 -3.64 -8.57
CA ALA A 56 -6.86 -4.72 -7.83
C ALA A 56 -5.65 -5.24 -8.58
N ASP A 57 -5.83 -5.57 -9.86
CA ASP A 57 -4.75 -6.15 -10.67
C ASP A 57 -3.65 -5.13 -10.92
N TYR A 58 -4.02 -3.87 -11.09
CA TYR A 58 -3.04 -2.81 -11.30
C TYR A 58 -2.05 -2.75 -10.16
N PHE A 59 -2.56 -2.68 -8.94
CA PHE A 59 -1.73 -2.63 -7.75
C PHE A 59 -1.08 -3.98 -7.47
N ASN A 60 -1.76 -5.05 -7.86
CA ASN A 60 -1.27 -6.42 -7.63
C ASN A 60 -0.05 -6.73 -8.50
N ARG A 61 -0.07 -6.26 -9.74
CA ARG A 61 0.99 -6.58 -10.70
C ARG A 61 2.19 -5.65 -10.52
N HIS A 62 1.92 -4.38 -10.30
CA HIS A 62 2.99 -3.37 -10.23
C HIS A 62 3.68 -3.39 -8.87
N PHE A 63 2.96 -3.80 -7.84
CA PHE A 63 3.48 -3.80 -6.48
C PHE A 63 3.08 -5.08 -5.76
N VAL A 64 3.88 -5.51 -4.79
CA VAL A 64 3.46 -6.57 -3.90
C VAL A 64 2.55 -6.00 -2.83
N ASN A 65 1.37 -6.60 -2.67
CA ASN A 65 0.38 -6.09 -1.74
C ASN A 65 0.72 -6.52 -0.31
N LEU A 66 1.40 -5.64 0.42
CA LEU A 66 1.82 -5.94 1.78
C LEU A 66 0.94 -5.20 2.78
N LYS A 67 0.37 -5.94 3.71
CA LYS A 67 -0.48 -5.35 4.74
C LYS A 67 0.23 -5.39 6.08
N MET A 68 0.17 -4.27 6.80
CA MET A 68 0.84 -4.16 8.09
C MET A 68 -0.10 -3.57 9.13
N ASP A 69 0.23 -3.80 10.39
CA ASP A 69 -0.48 -3.16 11.50
C ASP A 69 0.38 -2.04 12.04
N MET A 70 -0.25 -1.09 12.69
CA MET A 70 0.46 0.03 13.27
C MET A 70 0.75 -0.19 14.76
N GLU A 71 0.17 -1.25 15.30
CA GLU A 71 0.33 -1.56 16.71
C GLU A 71 1.06 -2.88 16.88
N LYS A 72 0.73 -3.84 16.04
CA LYS A 72 1.29 -5.19 16.15
C LYS A 72 2.53 -5.34 15.28
N GLY A 73 3.67 -5.59 15.92
CA GLY A 73 4.87 -5.93 15.19
C GLY A 73 5.69 -4.72 14.81
N GLU A 74 5.83 -4.50 13.50
CA GLU A 74 6.69 -3.44 12.98
C GLU A 74 5.94 -2.10 12.91
N GLY A 75 4.73 -2.08 13.45
CA GLY A 75 3.87 -0.92 13.32
C GLY A 75 4.45 0.36 13.87
N VAL A 76 4.80 0.33 15.15
CA VAL A 76 5.34 1.51 15.82
C VAL A 76 6.63 1.98 15.15
N GLU A 77 7.39 1.03 14.61
CA GLU A 77 8.66 1.35 13.98
C GLU A 77 8.46 1.98 12.61
N LEU A 78 7.59 1.38 11.79
CA LEU A 78 7.30 1.91 10.47
C LEU A 78 6.65 3.29 10.57
N ARG A 79 5.79 3.45 11.58
CA ARG A 79 5.14 4.72 11.83
C ARG A 79 6.19 5.79 12.16
N LYS A 80 7.24 5.39 12.88
CA LYS A 80 8.34 6.28 13.22
C LYS A 80 9.26 6.49 12.01
N LYS A 81 9.27 5.50 11.12
CA LYS A 81 10.12 5.54 9.94
C LYS A 81 9.65 6.59 8.93
N TYR A 82 8.37 6.57 8.63
CA TYR A 82 7.82 7.41 7.57
C TYR A 82 7.13 8.65 8.16
N GLY A 83 7.18 8.78 9.47
CA GLY A 83 6.61 9.94 10.14
C GLY A 83 5.10 9.98 10.02
N VAL A 84 4.47 8.84 10.21
CA VAL A 84 3.03 8.71 10.07
C VAL A 84 2.31 9.32 11.26
N HIS A 85 1.39 10.24 10.99
CA HIS A 85 0.58 10.86 12.03
C HIS A 85 -0.90 10.74 11.68
N ALA A 86 -1.22 9.93 10.68
CA ALA A 86 -2.58 9.78 10.22
C ALA A 86 -3.03 8.32 10.27
N TYR A 87 -4.29 8.07 9.91
CA TYR A 87 -4.86 6.74 10.01
C TYR A 87 -4.70 5.95 8.70
N PRO A 88 -5.12 6.51 7.54
CA PRO A 88 -4.94 5.87 6.25
C PRO A 88 -3.66 6.32 5.55
N THR A 89 -2.68 5.44 5.45
CA THR A 89 -1.39 5.78 4.88
C THR A 89 -0.99 4.80 3.79
N LEU A 90 -0.47 5.34 2.69
CA LEU A 90 -0.03 4.50 1.58
C LEU A 90 1.42 4.84 1.22
N LEU A 91 2.30 3.84 1.28
CA LEU A 91 3.69 4.04 0.92
C LEU A 91 4.07 3.21 -0.29
N PHE A 92 4.61 3.86 -1.30
CA PHE A 92 5.09 3.19 -2.49
C PHE A 92 6.61 3.08 -2.43
N ILE A 93 7.10 1.86 -2.21
CA ILE A 93 8.53 1.64 -2.02
C ILE A 93 9.12 0.88 -3.20
N ASN A 94 10.33 1.26 -3.59
CA ASN A 94 11.02 0.61 -4.71
C ASN A 94 11.53 -0.77 -4.28
N SER A 95 12.01 -1.51 -5.24
CA SER A 95 12.49 -2.87 -5.00
C SER A 95 13.82 -2.84 -4.26
N SER A 96 14.45 -1.67 -4.24
CA SER A 96 15.72 -1.50 -3.55
C SER A 96 15.49 -0.99 -2.13
N GLY A 97 14.23 -0.92 -1.72
CA GLY A 97 13.90 -0.39 -0.41
C GLY A 97 13.97 1.13 -0.38
N GLU A 98 13.76 1.72 -1.54
CA GLU A 98 13.86 3.17 -1.71
C GLU A 98 12.48 3.83 -1.63
N VAL A 99 12.45 5.05 -1.10
CA VAL A 99 11.20 5.79 -0.99
C VAL A 99 10.85 6.46 -2.32
N VAL A 100 9.83 5.95 -2.99
CA VAL A 100 9.41 6.49 -4.27
C VAL A 100 8.44 7.63 -4.09
N TYR A 101 7.34 7.37 -3.41
CA TYR A 101 6.29 8.37 -3.21
C TYR A 101 5.52 8.08 -1.93
N ARG A 102 5.42 9.08 -1.07
CA ARG A 102 4.66 8.94 0.18
C ARG A 102 3.25 9.47 -0.03
N LEU A 103 2.27 8.84 0.62
CA LEU A 103 0.90 9.27 0.48
C LEU A 103 0.20 9.29 1.83
N VAL A 104 -0.05 10.49 2.32
CA VAL A 104 -0.74 10.67 3.59
C VAL A 104 -2.19 11.04 3.31
N GLY A 105 -3.10 10.11 3.57
CA GLY A 105 -4.49 10.32 3.26
C GLY A 105 -4.84 9.74 1.90
N ALA A 106 -6.03 9.21 1.77
CA ALA A 106 -6.43 8.56 0.53
C ALA A 106 -7.67 9.20 -0.06
N GLU A 107 -7.65 9.39 -1.37
CA GLU A 107 -8.79 9.93 -2.10
C GLU A 107 -9.59 8.78 -2.70
N ASP A 108 -10.62 9.12 -3.47
CA ASP A 108 -11.46 8.11 -4.10
C ASP A 108 -10.71 7.42 -5.23
N ALA A 109 -11.29 6.32 -5.73
CA ALA A 109 -10.63 5.43 -6.70
C ALA A 109 -9.95 6.17 -7.85
N PRO A 110 -10.66 7.06 -8.60
CA PRO A 110 -10.07 7.75 -9.76
C PRO A 110 -8.86 8.59 -9.39
N GLU A 111 -9.01 9.43 -8.37
CA GLU A 111 -7.96 10.35 -7.99
C GLU A 111 -6.81 9.64 -7.28
N LEU A 112 -7.11 8.51 -6.65
CA LEU A 112 -6.07 7.68 -6.03
C LEU A 112 -5.17 7.10 -7.11
N LEU A 113 -5.82 6.51 -8.11
CA LEU A 113 -5.11 5.93 -9.26
C LEU A 113 -4.26 6.98 -9.95
N LYS A 114 -4.75 8.21 -9.98
CA LYS A 114 -4.03 9.30 -10.60
C LYS A 114 -2.77 9.62 -9.81
N LYS A 115 -2.89 9.68 -8.48
CA LYS A 115 -1.77 10.06 -7.62
C LYS A 115 -0.64 9.03 -7.67
N VAL A 116 -0.98 7.74 -7.65
CA VAL A 116 0.04 6.71 -7.72
C VAL A 116 0.75 6.74 -9.07
N LYS A 117 0.00 6.96 -10.13
CA LYS A 117 0.56 7.04 -11.47
C LYS A 117 1.46 8.27 -11.60
N LEU A 118 0.97 9.40 -11.10
CA LEU A 118 1.68 10.67 -11.18
C LEU A 118 2.99 10.63 -10.40
N GLY A 119 3.01 9.84 -9.33
CA GLY A 119 4.21 9.71 -8.53
C GLY A 119 5.28 8.88 -9.19
N VAL A 120 4.89 7.74 -9.76
CA VAL A 120 5.84 6.84 -10.39
C VAL A 120 6.28 7.39 -11.75
N GLU A 121 5.33 7.89 -12.53
CA GLU A 121 5.65 8.45 -13.83
C GLU A 121 6.39 9.78 -13.67
N SER A 122 7.62 9.83 -14.13
CA SER A 122 8.45 11.01 -13.97
C SER A 122 8.07 12.11 -14.96
N GLU A 123 7.47 13.16 -14.44
CA GLU A 123 7.15 14.35 -15.21
C GLU A 123 6.96 15.53 -14.25
N GLY A 124 6.09 15.34 -13.28
CA GLY A 124 5.95 16.31 -12.22
C GLY A 124 4.52 16.45 -11.75
N ALA A 4 -19.83 -11.41 3.72
CA ALA A 4 -19.00 -10.77 2.67
C ALA A 4 -18.08 -11.80 2.01
N GLN A 5 -18.46 -12.27 0.84
CA GLN A 5 -17.69 -13.28 0.14
C GLN A 5 -16.74 -12.61 -0.87
N ALA A 6 -16.70 -11.29 -0.83
CA ALA A 6 -15.81 -10.53 -1.68
C ALA A 6 -15.06 -9.48 -0.87
N ASP A 7 -13.77 -9.72 -0.66
CA ASP A 7 -12.96 -8.87 0.20
C ASP A 7 -12.24 -7.78 -0.59
N GLY A 8 -12.27 -7.89 -1.92
CA GLY A 8 -11.60 -6.92 -2.75
C GLY A 8 -10.13 -7.24 -2.93
N ILE A 9 -9.29 -6.21 -2.84
CA ILE A 9 -7.84 -6.39 -2.96
C ILE A 9 -7.32 -7.19 -1.78
N ALA A 10 -6.77 -8.36 -2.07
CA ALA A 10 -6.23 -9.22 -1.04
C ALA A 10 -4.80 -8.85 -0.71
N PHE A 11 -4.64 -7.99 0.29
CA PHE A 11 -3.31 -7.60 0.75
C PHE A 11 -2.66 -8.76 1.50
N ARG A 12 -1.38 -8.97 1.25
CA ARG A 12 -0.66 -10.08 1.84
C ARG A 12 -0.30 -9.78 3.29
N GLU A 13 -0.10 -10.83 4.08
CA GLU A 13 0.30 -10.69 5.47
C GLU A 13 1.57 -11.49 5.72
N LEU A 14 2.71 -10.82 5.61
CA LEU A 14 4.01 -11.46 5.75
C LEU A 14 4.99 -10.52 6.41
N SER A 15 6.13 -11.05 6.84
CA SER A 15 7.19 -10.21 7.39
C SER A 15 7.74 -9.29 6.32
N PHE A 16 8.18 -8.10 6.71
CA PHE A 16 8.68 -7.11 5.77
C PHE A 16 9.86 -7.64 4.93
N PRO A 17 10.93 -8.18 5.57
CA PRO A 17 12.05 -8.81 4.84
C PRO A 17 11.57 -9.84 3.82
N GLU A 18 10.63 -10.67 4.25
CA GLU A 18 10.04 -11.69 3.39
C GLU A 18 9.39 -11.06 2.17
N ALA A 19 8.55 -10.07 2.41
CA ALA A 19 7.82 -9.42 1.36
C ALA A 19 8.75 -8.72 0.39
N LEU A 20 9.82 -8.15 0.92
CA LEU A 20 10.82 -7.45 0.12
C LEU A 20 11.46 -8.39 -0.89
N LYS A 21 11.86 -9.56 -0.41
CA LYS A 21 12.45 -10.60 -1.25
C LYS A 21 11.53 -10.95 -2.41
N ARG A 22 10.28 -11.27 -2.10
CA ARG A 22 9.31 -11.63 -3.11
C ARG A 22 9.09 -10.50 -4.10
N ALA A 23 9.09 -9.26 -3.60
CA ALA A 23 8.91 -8.09 -4.45
C ALA A 23 10.04 -7.97 -5.46
N GLU A 24 11.25 -8.35 -5.06
CA GLU A 24 12.41 -8.25 -5.94
C GLU A 24 12.31 -9.27 -7.09
N VAL A 25 11.88 -10.48 -6.76
CA VAL A 25 11.85 -11.56 -7.74
C VAL A 25 10.60 -11.53 -8.60
N GLU A 26 9.44 -11.40 -7.96
CA GLU A 26 8.16 -11.50 -8.66
C GLU A 26 7.75 -10.19 -9.30
N ASP A 27 8.13 -9.08 -8.67
CA ASP A 27 7.63 -7.79 -9.09
C ASP A 27 8.74 -6.75 -9.15
N LYS A 28 8.47 -5.60 -8.58
CA LYS A 28 9.36 -4.46 -8.72
C LYS A 28 9.29 -3.54 -7.51
N LEU A 29 8.08 -3.31 -7.00
CA LEU A 29 7.89 -2.40 -5.89
C LEU A 29 6.95 -3.00 -4.85
N LEU A 30 7.25 -2.75 -3.59
CA LEU A 30 6.42 -3.25 -2.51
C LEU A 30 5.44 -2.17 -2.07
N PHE A 31 4.17 -2.44 -2.27
CA PHE A 31 3.12 -1.52 -1.87
C PHE A 31 2.67 -1.83 -0.46
N VAL A 32 3.02 -0.96 0.47
CA VAL A 32 2.72 -1.19 1.87
C VAL A 32 1.48 -0.41 2.30
N ASP A 33 0.50 -1.14 2.81
CA ASP A 33 -0.73 -0.55 3.33
C ASP A 33 -0.67 -0.45 4.85
N CYS A 34 -0.45 0.76 5.34
CA CYS A 34 -0.42 1.00 6.77
C CYS A 34 -1.63 1.80 7.21
N PHE A 35 -2.16 1.48 8.37
CA PHE A 35 -3.34 2.15 8.88
C PHE A 35 -3.36 2.12 10.40
N THR A 36 -4.23 2.92 10.98
CA THR A 36 -4.43 2.90 12.42
C THR A 36 -5.66 2.07 12.76
N THR A 37 -5.70 1.54 13.96
CA THR A 37 -6.85 0.76 14.42
C THR A 37 -8.02 1.70 14.71
N TRP A 38 -7.71 2.98 14.83
CA TRP A 38 -8.71 4.02 15.01
C TRP A 38 -9.66 4.07 13.83
N CYS A 39 -10.89 3.64 14.04
CA CYS A 39 -11.90 3.59 12.97
C CYS A 39 -11.42 2.71 11.82
N GLY A 40 -11.99 2.90 10.64
CA GLY A 40 -11.53 2.16 9.48
C GLY A 40 -11.18 3.07 8.33
N PRO A 41 -10.03 3.77 8.38
CA PRO A 41 -9.61 4.69 7.31
C PRO A 41 -9.32 3.94 6.01
N CYS A 42 -8.57 2.85 6.11
CA CYS A 42 -8.27 2.03 4.96
C CYS A 42 -9.45 1.10 4.67
N LYS A 43 -10.09 0.63 5.75
CA LYS A 43 -11.23 -0.28 5.63
C LYS A 43 -12.37 0.38 4.86
N ARG A 44 -12.40 1.70 4.85
CA ARG A 44 -13.38 2.44 4.06
C ARG A 44 -13.26 2.06 2.59
N LEU A 45 -12.03 2.04 2.10
CA LEU A 45 -11.77 1.74 0.70
C LEU A 45 -11.99 0.26 0.42
N SER A 46 -11.72 -0.57 1.41
CA SER A 46 -11.95 -2.01 1.29
C SER A 46 -13.40 -2.32 0.96
N LYS A 47 -14.29 -1.44 1.42
CA LYS A 47 -15.72 -1.63 1.23
C LYS A 47 -16.12 -1.45 -0.24
N VAL A 48 -15.85 -0.28 -0.82
CA VAL A 48 -16.25 0.00 -2.19
C VAL A 48 -15.06 0.08 -3.15
N VAL A 49 -14.08 0.93 -2.81
CA VAL A 49 -12.95 1.21 -3.70
C VAL A 49 -12.18 -0.05 -4.11
N PHE A 50 -11.83 -0.88 -3.13
CA PHE A 50 -11.02 -2.08 -3.39
C PHE A 50 -11.84 -3.17 -4.09
N LYS A 51 -13.10 -2.87 -4.39
CA LYS A 51 -13.93 -3.80 -5.12
C LYS A 51 -13.86 -3.52 -6.62
N ASP A 52 -13.27 -2.39 -6.98
CA ASP A 52 -13.09 -2.04 -8.38
C ASP A 52 -12.13 -3.02 -9.03
N SER A 53 -12.56 -3.62 -10.13
CA SER A 53 -11.80 -4.68 -10.79
C SER A 53 -10.53 -4.15 -11.43
N LEU A 54 -10.60 -2.93 -11.96
CA LEU A 54 -9.48 -2.34 -12.67
C LEU A 54 -8.33 -2.01 -11.71
N VAL A 55 -8.65 -1.27 -10.65
CA VAL A 55 -7.66 -0.85 -9.68
C VAL A 55 -7.02 -2.04 -8.98
N ALA A 56 -7.85 -3.00 -8.58
CA ALA A 56 -7.37 -4.22 -7.94
C ALA A 56 -6.42 -4.96 -8.87
N ASP A 57 -6.85 -5.15 -10.10
CA ASP A 57 -6.07 -5.87 -11.10
C ASP A 57 -4.74 -5.18 -11.37
N TYR A 58 -4.74 -3.86 -11.34
CA TYR A 58 -3.54 -3.06 -11.55
C TYR A 58 -2.54 -3.30 -10.42
N PHE A 59 -2.95 -2.99 -9.20
CA PHE A 59 -2.05 -3.10 -8.04
C PHE A 59 -1.63 -4.54 -7.77
N ASN A 60 -2.49 -5.49 -8.09
CA ASN A 60 -2.20 -6.91 -7.86
C ASN A 60 -1.14 -7.43 -8.83
N ARG A 61 -1.28 -7.10 -10.11
CA ARG A 61 -0.37 -7.65 -11.12
C ARG A 61 0.88 -6.78 -11.31
N HIS A 62 0.74 -5.47 -11.19
CA HIS A 62 1.83 -4.56 -11.49
C HIS A 62 2.71 -4.29 -10.29
N PHE A 63 2.26 -4.68 -9.11
CA PHE A 63 3.03 -4.50 -7.88
C PHE A 63 2.73 -5.63 -6.91
N VAL A 64 3.42 -5.64 -5.79
CA VAL A 64 3.10 -6.57 -4.70
C VAL A 64 2.54 -5.79 -3.51
N ASN A 65 1.30 -6.06 -3.15
CA ASN A 65 0.65 -5.33 -2.07
C ASN A 65 0.72 -6.11 -0.76
N LEU A 66 1.11 -5.40 0.30
CA LEU A 66 1.28 -5.97 1.62
C LEU A 66 0.67 -5.05 2.68
N LYS A 67 -0.16 -5.59 3.56
CA LYS A 67 -0.78 -4.79 4.60
C LYS A 67 0.01 -4.91 5.90
N MET A 68 -0.02 -3.87 6.71
CA MET A 68 0.69 -3.87 7.99
C MET A 68 -0.04 -3.02 9.01
N ASP A 69 -0.29 -3.60 10.18
CA ASP A 69 -0.85 -2.87 11.30
C ASP A 69 0.19 -1.90 11.84
N MET A 70 -0.26 -0.85 12.49
CA MET A 70 0.66 0.15 13.01
C MET A 70 1.02 -0.14 14.46
N GLU A 71 0.33 -1.11 15.05
CA GLU A 71 0.57 -1.47 16.44
C GLU A 71 1.11 -2.89 16.52
N LYS A 72 1.56 -3.39 15.38
CA LYS A 72 2.21 -4.70 15.29
C LYS A 72 3.23 -4.71 14.16
N GLY A 73 4.26 -5.54 14.30
CA GLY A 73 5.20 -5.76 13.21
C GLY A 73 5.99 -4.52 12.83
N GLU A 74 6.52 -3.82 13.83
CA GLU A 74 7.37 -2.64 13.61
C GLU A 74 6.59 -1.47 13.02
N GLY A 75 5.26 -1.55 13.09
CA GLY A 75 4.42 -0.48 12.59
C GLY A 75 4.67 0.84 13.32
N VAL A 76 5.00 0.73 14.60
CA VAL A 76 5.33 1.90 15.41
C VAL A 76 6.62 2.56 14.92
N GLU A 77 7.54 1.74 14.41
CA GLU A 77 8.79 2.23 13.87
C GLU A 77 8.54 3.02 12.61
N LEU A 78 7.68 2.50 11.73
CA LEU A 78 7.34 3.16 10.49
C LEU A 78 6.59 4.46 10.77
N ARG A 79 5.78 4.46 11.82
CA ARG A 79 5.06 5.65 12.25
C ARG A 79 6.03 6.81 12.49
N LYS A 80 7.08 6.54 13.24
CA LYS A 80 8.09 7.54 13.54
C LYS A 80 8.98 7.79 12.33
N LYS A 81 9.19 6.74 11.54
CA LYS A 81 10.07 6.81 10.39
C LYS A 81 9.58 7.83 9.37
N TYR A 82 8.30 7.74 9.03
CA TYR A 82 7.73 8.61 8.01
C TYR A 82 7.05 9.84 8.63
N GLY A 83 7.02 9.87 9.96
CA GLY A 83 6.41 10.99 10.67
C GLY A 83 4.97 11.21 10.26
N VAL A 84 4.19 10.14 10.31
CA VAL A 84 2.80 10.20 9.87
C VAL A 84 1.94 11.01 10.83
N HIS A 85 1.11 11.89 10.29
CA HIS A 85 0.21 12.71 11.09
C HIS A 85 -1.24 12.27 10.88
N ALA A 86 -1.45 11.37 9.93
CA ALA A 86 -2.80 10.92 9.59
C ALA A 86 -3.03 9.48 10.03
N TYR A 87 -4.19 8.95 9.71
CA TYR A 87 -4.57 7.60 10.10
C TYR A 87 -4.21 6.54 9.04
N PRO A 88 -4.53 6.78 7.75
CA PRO A 88 -4.11 5.89 6.69
C PRO A 88 -2.78 6.33 6.06
N THR A 89 -1.98 5.37 5.62
CA THR A 89 -0.71 5.68 4.97
C THR A 89 -0.33 4.59 3.97
N LEU A 90 -0.02 5.00 2.74
CA LEU A 90 0.43 4.07 1.72
C LEU A 90 1.91 4.28 1.44
N LEU A 91 2.67 3.19 1.45
CA LEU A 91 4.12 3.28 1.29
C LEU A 91 4.56 2.57 0.02
N PHE A 92 5.51 3.18 -0.68
CA PHE A 92 6.09 2.57 -1.86
C PHE A 92 7.56 2.25 -1.62
N ILE A 93 7.85 0.97 -1.44
CA ILE A 93 9.22 0.53 -1.16
C ILE A 93 9.84 -0.05 -2.42
N ASN A 94 11.09 0.31 -2.68
CA ASN A 94 11.78 -0.16 -3.88
C ASN A 94 12.53 -1.45 -3.60
N SER A 95 13.17 -1.98 -4.63
CA SER A 95 13.86 -3.26 -4.53
C SER A 95 15.18 -3.12 -3.77
N SER A 96 15.62 -1.87 -3.59
CA SER A 96 16.83 -1.59 -2.83
C SER A 96 16.58 -1.78 -1.34
N GLY A 97 15.31 -1.72 -0.94
CA GLY A 97 14.97 -1.88 0.46
C GLY A 97 14.79 -0.56 1.15
N GLU A 98 14.36 0.45 0.40
CA GLU A 98 14.13 1.76 0.95
C GLU A 98 12.90 2.38 0.29
N VAL A 99 12.39 3.47 0.85
CA VAL A 99 11.17 4.08 0.33
C VAL A 99 11.48 5.03 -0.82
N VAL A 100 10.67 4.96 -1.87
CA VAL A 100 10.83 5.86 -3.01
C VAL A 100 9.89 7.06 -2.84
N TYR A 101 8.74 6.82 -2.21
CA TYR A 101 7.76 7.87 -1.96
C TYR A 101 6.75 7.37 -0.94
N ARG A 102 6.18 8.28 -0.16
CA ARG A 102 5.16 7.92 0.80
C ARG A 102 3.88 8.70 0.52
N LEU A 103 2.76 8.00 0.54
CA LEU A 103 1.47 8.60 0.24
C LEU A 103 0.61 8.67 1.49
N VAL A 104 0.32 9.88 1.95
CA VAL A 104 -0.49 10.05 3.14
C VAL A 104 -1.91 10.44 2.74
N GLY A 105 -2.81 9.48 2.78
CA GLY A 105 -4.17 9.71 2.37
C GLY A 105 -4.44 9.16 0.98
N ALA A 106 -5.56 8.48 0.83
CA ALA A 106 -5.91 7.84 -0.42
C ALA A 106 -7.28 8.26 -0.90
N GLU A 107 -7.41 8.43 -2.20
CA GLU A 107 -8.67 8.85 -2.79
C GLU A 107 -9.41 7.65 -3.39
N ASP A 108 -10.53 7.91 -4.04
CA ASP A 108 -11.34 6.85 -4.66
C ASP A 108 -10.55 6.10 -5.73
N ALA A 109 -11.12 4.99 -6.19
CA ALA A 109 -10.43 4.08 -7.10
C ALA A 109 -9.78 4.79 -8.30
N PRO A 110 -10.52 5.59 -9.11
CA PRO A 110 -9.94 6.26 -10.28
C PRO A 110 -8.86 7.27 -9.90
N GLU A 111 -9.14 8.09 -8.90
CA GLU A 111 -8.23 9.13 -8.47
C GLU A 111 -6.98 8.53 -7.83
N LEU A 112 -7.12 7.36 -7.22
CA LEU A 112 -5.99 6.66 -6.60
C LEU A 112 -4.91 6.37 -7.62
N LEU A 113 -5.29 5.68 -8.69
CA LEU A 113 -4.33 5.28 -9.71
C LEU A 113 -3.73 6.49 -10.43
N LYS A 114 -4.48 7.56 -10.54
CA LYS A 114 -3.96 8.81 -11.11
C LYS A 114 -2.93 9.42 -10.16
N LYS A 115 -3.34 9.56 -8.91
CA LYS A 115 -2.52 10.19 -7.87
C LYS A 115 -1.19 9.46 -7.69
N VAL A 116 -1.21 8.14 -7.75
CA VAL A 116 0.01 7.36 -7.57
C VAL A 116 0.95 7.54 -8.76
N LYS A 117 0.39 7.56 -9.97
CA LYS A 117 1.20 7.71 -11.18
C LYS A 117 1.95 9.04 -11.19
N LEU A 118 1.22 10.13 -10.92
CA LEU A 118 1.83 11.45 -10.94
C LEU A 118 2.72 11.67 -9.73
N GLY A 119 2.43 10.93 -8.67
CA GLY A 119 3.20 11.02 -7.44
C GLY A 119 4.58 10.42 -7.59
N VAL A 120 4.65 9.20 -8.11
CA VAL A 120 5.93 8.51 -8.29
C VAL A 120 6.58 8.92 -9.60
N GLU A 121 5.93 9.84 -10.30
CA GLU A 121 6.42 10.39 -11.56
C GLU A 121 6.50 9.32 -12.65
N SER A 122 7.10 9.65 -13.77
CA SER A 122 7.22 8.73 -14.88
C SER A 122 8.52 8.97 -15.64
N GLU A 123 9.35 7.94 -15.72
CA GLU A 123 10.61 8.01 -16.44
C GLU A 123 10.39 7.75 -17.92
N GLY A 124 11.09 8.53 -18.74
CA GLY A 124 11.00 8.39 -20.17
C GLY A 124 12.06 9.20 -20.87
N ALA A 4 -15.02 -18.23 -7.63
CA ALA A 4 -13.80 -17.56 -8.11
C ALA A 4 -14.12 -16.18 -8.66
N GLN A 5 -13.87 -15.15 -7.86
CA GLN A 5 -14.09 -13.77 -8.29
C GLN A 5 -13.27 -12.81 -7.43
N ALA A 6 -13.52 -12.86 -6.12
CA ALA A 6 -12.85 -11.98 -5.16
C ALA A 6 -13.01 -10.51 -5.55
N ASP A 7 -14.22 -9.99 -5.37
CA ASP A 7 -14.50 -8.59 -5.63
C ASP A 7 -13.91 -7.73 -4.52
N GLY A 8 -12.72 -7.21 -4.76
CA GLY A 8 -11.98 -6.50 -3.75
C GLY A 8 -10.68 -7.21 -3.42
N ILE A 9 -9.58 -6.72 -3.98
CA ILE A 9 -8.27 -7.33 -3.80
C ILE A 9 -7.87 -7.40 -2.34
N ALA A 10 -7.13 -8.43 -1.99
CA ALA A 10 -6.85 -8.74 -0.58
C ALA A 10 -5.44 -8.33 -0.18
N PHE A 11 -5.34 -7.49 0.84
CA PHE A 11 -4.06 -7.16 1.43
C PHE A 11 -3.46 -8.37 2.12
N ARG A 12 -2.50 -9.01 1.50
CA ARG A 12 -1.88 -10.19 2.08
C ARG A 12 -0.80 -9.78 3.08
N GLU A 13 -0.73 -10.53 4.18
CA GLU A 13 0.09 -10.13 5.31
C GLU A 13 1.36 -10.96 5.43
N LEU A 14 2.49 -10.29 5.39
CA LEU A 14 3.78 -10.89 5.58
C LEU A 14 4.63 -9.98 6.46
N SER A 15 5.69 -10.52 7.06
CA SER A 15 6.56 -9.70 7.88
C SER A 15 7.48 -8.86 6.98
N PHE A 16 8.13 -7.87 7.57
CA PHE A 16 8.99 -6.94 6.83
C PHE A 16 10.06 -7.68 6.02
N PRO A 17 10.87 -8.57 6.64
CA PRO A 17 11.90 -9.33 5.93
C PRO A 17 11.33 -10.13 4.75
N GLU A 18 10.11 -10.62 4.89
CA GLU A 18 9.46 -11.37 3.84
C GLU A 18 9.08 -10.46 2.68
N ALA A 19 8.37 -9.38 2.99
CA ALA A 19 7.90 -8.46 1.98
C ALA A 19 9.06 -7.80 1.25
N LEU A 20 10.11 -7.50 2.01
CA LEU A 20 11.33 -6.89 1.46
C LEU A 20 11.91 -7.77 0.37
N LYS A 21 12.14 -9.03 0.70
CA LYS A 21 12.68 -9.99 -0.26
C LYS A 21 11.70 -10.22 -1.40
N ARG A 22 10.42 -10.33 -1.05
CA ARG A 22 9.37 -10.59 -2.01
C ARG A 22 9.33 -9.52 -3.10
N ALA A 23 9.41 -8.27 -2.71
CA ALA A 23 9.41 -7.17 -3.67
C ALA A 23 10.71 -7.14 -4.46
N GLU A 24 11.78 -7.56 -3.81
CA GLU A 24 13.12 -7.56 -4.41
C GLU A 24 13.24 -8.61 -5.51
N VAL A 25 12.77 -9.82 -5.23
CA VAL A 25 12.94 -10.94 -6.15
C VAL A 25 11.96 -10.88 -7.32
N GLU A 26 10.77 -10.34 -7.08
CA GLU A 26 9.77 -10.25 -8.13
C GLU A 26 9.90 -8.94 -8.90
N ASP A 27 10.57 -7.98 -8.27
CA ASP A 27 10.71 -6.63 -8.81
C ASP A 27 9.33 -6.03 -9.09
N LYS A 28 8.68 -5.60 -8.02
CA LYS A 28 7.39 -4.96 -8.10
C LYS A 28 7.31 -3.83 -7.09
N LEU A 29 6.51 -2.83 -7.39
CA LEU A 29 6.34 -1.72 -6.47
C LEU A 29 5.49 -2.15 -5.29
N LEU A 30 6.11 -2.20 -4.13
CA LEU A 30 5.46 -2.67 -2.93
C LEU A 30 4.51 -1.59 -2.40
N PHE A 31 3.27 -2.00 -2.16
CA PHE A 31 2.28 -1.11 -1.58
C PHE A 31 1.90 -1.60 -0.19
N VAL A 32 2.41 -0.93 0.83
CA VAL A 32 2.13 -1.33 2.19
C VAL A 32 1.02 -0.48 2.78
N ASP A 33 -0.08 -1.12 3.14
CA ASP A 33 -1.17 -0.45 3.82
C ASP A 33 -0.83 -0.32 5.28
N CYS A 34 -0.37 0.86 5.67
CA CYS A 34 -0.10 1.14 7.06
C CYS A 34 -1.28 1.89 7.63
N PHE A 35 -2.00 1.24 8.52
CA PHE A 35 -3.24 1.77 9.02
C PHE A 35 -3.18 1.94 10.53
N THR A 36 -4.07 2.78 11.04
CA THR A 36 -4.31 2.85 12.45
C THR A 36 -5.58 2.07 12.77
N THR A 37 -5.65 1.47 13.96
CA THR A 37 -6.78 0.61 14.30
C THR A 37 -8.02 1.43 14.65
N TRP A 38 -7.98 2.74 14.37
CA TRP A 38 -9.13 3.61 14.51
C TRP A 38 -10.21 3.21 13.52
N CYS A 39 -10.99 2.21 13.89
CA CYS A 39 -12.03 1.63 13.04
C CYS A 39 -11.43 0.82 11.88
N GLY A 40 -10.53 1.45 11.14
CA GLY A 40 -9.93 0.79 10.00
C GLY A 40 -10.31 1.48 8.70
N PRO A 41 -9.62 2.57 8.34
CA PRO A 41 -9.94 3.37 7.15
C PRO A 41 -9.90 2.54 5.87
N CYS A 42 -8.93 1.63 5.79
CA CYS A 42 -8.77 0.81 4.60
C CYS A 42 -9.93 -0.17 4.42
N LYS A 43 -10.67 -0.44 5.49
CA LYS A 43 -11.85 -1.30 5.41
C LYS A 43 -12.91 -0.63 4.55
N ARG A 44 -13.27 0.59 4.90
CA ARG A 44 -14.26 1.36 4.16
C ARG A 44 -13.77 1.64 2.74
N LEU A 45 -12.47 1.89 2.61
CA LEU A 45 -11.86 2.11 1.30
C LEU A 45 -11.99 0.86 0.44
N SER A 46 -11.67 -0.31 1.01
CA SER A 46 -11.68 -1.57 0.30
C SER A 46 -13.01 -1.82 -0.41
N LYS A 47 -14.08 -1.36 0.20
CA LYS A 47 -15.43 -1.57 -0.33
C LYS A 47 -15.62 -0.81 -1.65
N VAL A 48 -15.02 0.35 -1.76
CA VAL A 48 -15.25 1.23 -2.91
C VAL A 48 -14.06 1.29 -3.86
N VAL A 49 -12.85 1.48 -3.32
CA VAL A 49 -11.69 1.76 -4.15
C VAL A 49 -11.15 0.51 -4.83
N PHE A 50 -11.46 -0.65 -4.27
CA PHE A 50 -10.98 -1.91 -4.83
C PHE A 50 -12.14 -2.75 -5.37
N LYS A 51 -13.22 -2.09 -5.72
CA LYS A 51 -14.43 -2.78 -6.16
C LYS A 51 -14.40 -3.02 -7.68
N ASP A 52 -13.74 -2.12 -8.40
CA ASP A 52 -13.67 -2.21 -9.86
C ASP A 52 -12.78 -3.35 -10.31
N SER A 53 -13.25 -4.12 -11.28
CA SER A 53 -12.55 -5.30 -11.75
C SER A 53 -11.24 -4.96 -12.46
N LEU A 54 -11.27 -3.91 -13.28
CA LEU A 54 -10.10 -3.53 -14.06
C LEU A 54 -9.01 -2.98 -13.16
N VAL A 55 -9.39 -2.04 -12.29
CA VAL A 55 -8.45 -1.43 -11.35
C VAL A 55 -7.84 -2.50 -10.45
N ALA A 56 -8.69 -3.38 -9.93
CA ALA A 56 -8.25 -4.41 -8.97
C ALA A 56 -7.15 -5.28 -9.54
N ASP A 57 -7.38 -5.80 -10.74
CA ASP A 57 -6.42 -6.73 -11.38
C ASP A 57 -5.10 -6.02 -11.67
N TYR A 58 -5.19 -4.87 -12.32
CA TYR A 58 -4.01 -4.12 -12.73
C TYR A 58 -3.19 -3.68 -11.52
N PHE A 59 -3.89 -3.16 -10.52
CA PHE A 59 -3.25 -2.60 -9.34
C PHE A 59 -2.58 -3.69 -8.51
N ASN A 60 -3.33 -4.74 -8.19
CA ASN A 60 -2.86 -5.75 -7.25
C ASN A 60 -1.70 -6.58 -7.83
N ARG A 61 -1.68 -6.78 -9.14
CA ARG A 61 -0.65 -7.60 -9.75
C ARG A 61 0.62 -6.82 -10.06
N HIS A 62 0.50 -5.50 -10.25
CA HIS A 62 1.68 -4.66 -10.47
C HIS A 62 2.19 -4.10 -9.15
N PHE A 63 1.27 -3.71 -8.28
CA PHE A 63 1.63 -3.21 -6.96
C PHE A 63 1.21 -4.23 -5.92
N VAL A 64 2.18 -4.75 -5.20
CA VAL A 64 1.92 -5.80 -4.23
C VAL A 64 1.23 -5.24 -3.00
N ASN A 65 0.00 -5.67 -2.77
CA ASN A 65 -0.77 -5.20 -1.63
C ASN A 65 -0.36 -5.94 -0.36
N LEU A 66 0.30 -5.20 0.52
CA LEU A 66 0.75 -5.73 1.79
C LEU A 66 0.02 -5.03 2.92
N LYS A 67 -0.30 -5.77 3.96
CA LYS A 67 -0.94 -5.19 5.13
C LYS A 67 -0.03 -5.33 6.34
N MET A 68 0.34 -4.20 6.94
CA MET A 68 1.20 -4.20 8.11
C MET A 68 0.71 -3.18 9.13
N ASP A 69 0.97 -3.46 10.40
CA ASP A 69 0.54 -2.57 11.47
C ASP A 69 1.61 -1.56 11.79
N MET A 70 1.19 -0.47 12.40
CA MET A 70 2.09 0.58 12.81
C MET A 70 2.12 0.69 14.33
N GLU A 71 1.44 -0.22 14.99
CA GLU A 71 1.46 -0.29 16.43
C GLU A 71 2.12 -1.58 16.87
N LYS A 72 1.83 -2.66 16.16
CA LYS A 72 2.36 -3.96 16.50
C LYS A 72 3.21 -4.49 15.34
N GLY A 73 4.20 -5.31 15.66
CA GLY A 73 5.03 -5.91 14.65
C GLY A 73 6.01 -4.94 14.02
N GLU A 74 6.81 -4.28 14.86
CA GLU A 74 7.83 -3.34 14.39
C GLU A 74 7.19 -2.12 13.72
N GLY A 75 5.93 -1.89 14.02
CA GLY A 75 5.19 -0.81 13.40
C GLY A 75 5.67 0.56 13.86
N VAL A 76 6.12 0.64 15.10
CA VAL A 76 6.60 1.90 15.67
C VAL A 76 7.77 2.45 14.87
N GLU A 77 8.60 1.57 14.33
CA GLU A 77 9.73 1.96 13.51
C GLU A 77 9.23 2.60 12.22
N LEU A 78 8.24 1.95 11.61
CA LEU A 78 7.66 2.42 10.36
C LEU A 78 7.04 3.80 10.54
N ARG A 79 6.26 3.94 11.61
CA ARG A 79 5.53 5.16 11.90
C ARG A 79 6.47 6.38 11.95
N LYS A 80 7.57 6.23 12.67
CA LYS A 80 8.51 7.33 12.81
C LYS A 80 9.35 7.49 11.55
N LYS A 81 9.59 6.38 10.86
CA LYS A 81 10.49 6.37 9.71
C LYS A 81 9.87 7.09 8.52
N TYR A 82 8.59 6.86 8.30
CA TYR A 82 7.91 7.39 7.12
C TYR A 82 7.07 8.62 7.46
N GLY A 83 7.18 9.08 8.70
CA GLY A 83 6.49 10.28 9.11
C GLY A 83 4.98 10.15 9.00
N VAL A 84 4.44 9.17 9.69
CA VAL A 84 3.01 8.91 9.66
C VAL A 84 2.25 9.97 10.44
N HIS A 85 1.39 10.71 9.74
CA HIS A 85 0.57 11.75 10.34
C HIS A 85 -0.86 11.65 9.83
N ALA A 86 -1.30 10.43 9.62
CA ALA A 86 -2.64 10.18 9.10
C ALA A 86 -3.16 8.85 9.63
N TYR A 87 -4.36 8.47 9.20
CA TYR A 87 -4.92 7.17 9.58
C TYR A 87 -4.55 6.10 8.54
N PRO A 88 -4.89 6.30 7.25
CA PRO A 88 -4.42 5.43 6.18
C PRO A 88 -3.11 5.95 5.59
N THR A 89 -2.06 5.16 5.70
CA THR A 89 -0.76 5.57 5.20
C THR A 89 -0.31 4.66 4.06
N LEU A 90 -0.07 5.25 2.90
CA LEU A 90 0.28 4.49 1.72
C LEU A 90 1.78 4.49 1.52
N LEU A 91 2.41 3.34 1.75
CA LEU A 91 3.84 3.22 1.57
C LEU A 91 4.19 2.67 0.21
N PHE A 92 5.11 3.35 -0.45
CA PHE A 92 5.56 2.95 -1.77
C PHE A 92 7.07 2.67 -1.74
N ILE A 93 7.42 1.40 -1.76
CA ILE A 93 8.81 0.98 -1.68
C ILE A 93 9.22 0.24 -2.95
N ASN A 94 10.43 0.51 -3.40
CA ASN A 94 10.97 -0.09 -4.62
C ASN A 94 11.54 -1.48 -4.33
N SER A 95 11.91 -2.18 -5.38
CA SER A 95 12.46 -3.51 -5.28
C SER A 95 13.79 -3.50 -4.52
N SER A 96 14.40 -2.32 -4.41
CA SER A 96 15.69 -2.18 -3.75
C SER A 96 15.50 -1.91 -2.25
N GLY A 97 14.25 -1.89 -1.80
CA GLY A 97 13.97 -1.63 -0.40
C GLY A 97 13.96 -0.14 -0.09
N GLU A 98 14.18 0.67 -1.11
CA GLU A 98 14.21 2.11 -0.94
C GLU A 98 12.83 2.69 -1.18
N VAL A 99 12.61 3.89 -0.68
CA VAL A 99 11.31 4.52 -0.83
C VAL A 99 11.26 5.38 -2.09
N VAL A 100 10.17 5.29 -2.82
CA VAL A 100 10.01 6.06 -4.05
C VAL A 100 9.23 7.33 -3.75
N TYR A 101 8.03 7.16 -3.18
CA TYR A 101 7.16 8.28 -2.86
C TYR A 101 6.48 8.04 -1.53
N ARG A 102 6.28 9.10 -0.76
CA ARG A 102 5.59 9.00 0.52
C ARG A 102 4.23 9.65 0.42
N LEU A 103 3.23 9.04 1.06
CA LEU A 103 1.85 9.51 0.94
C LEU A 103 1.03 9.16 2.18
N VAL A 104 0.66 10.19 2.93
CA VAL A 104 -0.27 10.01 4.05
C VAL A 104 -1.66 10.49 3.63
N GLY A 105 -2.65 9.63 3.84
CA GLY A 105 -4.00 9.94 3.40
C GLY A 105 -4.34 9.28 2.09
N ALA A 106 -5.51 8.69 2.00
CA ALA A 106 -5.89 7.92 0.83
C ALA A 106 -7.11 8.52 0.14
N GLU A 107 -7.10 8.46 -1.18
CA GLU A 107 -8.23 8.93 -1.99
C GLU A 107 -9.02 7.74 -2.54
N ASP A 108 -10.01 8.04 -3.36
CA ASP A 108 -10.78 7.02 -4.05
C ASP A 108 -9.99 6.41 -5.20
N ALA A 109 -10.55 5.37 -5.81
CA ALA A 109 -9.83 4.57 -6.83
C ALA A 109 -9.21 5.43 -7.95
N PRO A 110 -9.97 6.33 -8.60
CA PRO A 110 -9.44 7.17 -9.68
C PRO A 110 -8.25 8.01 -9.23
N GLU A 111 -8.39 8.65 -8.08
CA GLU A 111 -7.34 9.50 -7.53
C GLU A 111 -6.17 8.67 -7.02
N LEU A 112 -6.45 7.45 -6.60
CA LEU A 112 -5.43 6.51 -6.16
C LEU A 112 -4.44 6.25 -7.30
N LEU A 113 -4.98 5.78 -8.42
CA LEU A 113 -4.17 5.51 -9.61
C LEU A 113 -3.51 6.79 -10.10
N LYS A 114 -4.18 7.90 -9.89
CA LYS A 114 -3.65 9.20 -10.26
C LYS A 114 -2.37 9.50 -9.49
N LYS A 115 -2.44 9.38 -8.17
CA LYS A 115 -1.33 9.73 -7.31
C LYS A 115 -0.14 8.78 -7.45
N VAL A 116 -0.40 7.48 -7.61
CA VAL A 116 0.66 6.52 -7.75
C VAL A 116 1.47 6.78 -9.01
N LYS A 117 0.80 7.12 -10.11
CA LYS A 117 1.49 7.45 -11.35
C LYS A 117 2.29 8.75 -11.20
N LEU A 118 1.77 9.69 -10.43
CA LEU A 118 2.45 10.96 -10.21
C LEU A 118 3.65 10.77 -9.27
N GLY A 119 3.51 9.83 -8.35
CA GLY A 119 4.56 9.58 -7.38
C GLY A 119 5.79 8.93 -8.00
N VAL A 120 5.57 7.98 -8.89
CA VAL A 120 6.67 7.30 -9.56
C VAL A 120 7.06 8.01 -10.84
N GLU A 121 6.14 8.83 -11.35
CA GLU A 121 6.29 9.52 -12.63
C GLU A 121 6.56 8.50 -13.74
N SER A 122 5.47 7.92 -14.26
CA SER A 122 5.57 6.88 -15.27
C SER A 122 6.08 7.45 -16.59
N GLU A 123 7.36 7.24 -16.85
CA GLU A 123 7.99 7.71 -18.07
C GLU A 123 9.11 6.76 -18.47
N GLY A 124 8.78 5.76 -19.27
CA GLY A 124 9.75 4.79 -19.70
C GLY A 124 9.29 4.04 -20.91
N ALA A 4 -13.34 -13.28 2.44
CA ALA A 4 -13.44 -14.71 2.10
C ALA A 4 -12.75 -14.99 0.76
N GLN A 5 -13.21 -14.28 -0.26
CA GLN A 5 -12.57 -14.36 -1.57
C GLN A 5 -11.98 -13.00 -1.94
N ALA A 6 -11.39 -12.90 -3.11
CA ALA A 6 -10.85 -11.64 -3.58
C ALA A 6 -11.91 -10.84 -4.32
N ASP A 7 -12.60 -9.99 -3.59
CA ASP A 7 -13.59 -9.10 -4.19
C ASP A 7 -12.94 -7.78 -4.54
N GLY A 8 -11.93 -7.43 -3.77
CA GLY A 8 -11.19 -6.22 -4.03
C GLY A 8 -9.70 -6.48 -4.03
N ILE A 9 -8.96 -5.58 -3.41
CA ILE A 9 -7.51 -5.73 -3.32
C ILE A 9 -7.15 -6.68 -2.19
N ALA A 10 -6.55 -7.80 -2.54
CA ALA A 10 -6.13 -8.78 -1.55
C ALA A 10 -4.69 -8.53 -1.12
N PHE A 11 -4.51 -8.26 0.16
CA PHE A 11 -3.19 -7.99 0.70
C PHE A 11 -2.55 -9.28 1.21
N ARG A 12 -1.26 -9.42 0.99
CA ARG A 12 -0.53 -10.58 1.46
C ARG A 12 0.28 -10.21 2.69
N GLU A 13 0.02 -10.89 3.80
CA GLU A 13 0.71 -10.60 5.05
C GLU A 13 2.01 -11.39 5.15
N LEU A 14 3.10 -10.71 4.88
CA LEU A 14 4.43 -11.29 5.03
C LEU A 14 5.25 -10.40 5.95
N SER A 15 6.36 -10.92 6.44
CA SER A 15 7.30 -10.12 7.20
C SER A 15 7.93 -9.07 6.29
N PHE A 16 8.39 -7.97 6.87
CA PHE A 16 8.99 -6.90 6.09
C PHE A 16 10.14 -7.42 5.20
N PRO A 17 11.16 -8.11 5.79
CA PRO A 17 12.25 -8.70 5.00
C PRO A 17 11.75 -9.71 3.97
N GLU A 18 10.74 -10.50 4.35
CA GLU A 18 10.16 -11.50 3.46
C GLU A 18 9.59 -10.84 2.21
N ALA A 19 8.76 -9.83 2.42
CA ALA A 19 8.10 -9.15 1.32
C ALA A 19 9.10 -8.37 0.48
N LEU A 20 10.11 -7.81 1.15
CA LEU A 20 11.18 -7.10 0.47
C LEU A 20 11.94 -8.07 -0.43
N LYS A 21 12.17 -9.26 0.10
CA LYS A 21 12.81 -10.34 -0.63
C LYS A 21 11.99 -10.69 -1.87
N ARG A 22 10.68 -10.83 -1.67
CA ARG A 22 9.76 -11.07 -2.77
C ARG A 22 9.83 -9.95 -3.80
N ALA A 23 9.92 -8.71 -3.33
CA ALA A 23 10.07 -7.55 -4.22
C ALA A 23 11.35 -7.64 -5.04
N GLU A 24 12.38 -8.22 -4.43
CA GLU A 24 13.65 -8.43 -5.12
C GLU A 24 13.50 -9.45 -6.25
N VAL A 25 12.92 -10.60 -5.93
CA VAL A 25 12.81 -11.71 -6.87
C VAL A 25 11.76 -11.43 -7.96
N GLU A 26 10.62 -10.89 -7.55
CA GLU A 26 9.52 -10.62 -8.48
C GLU A 26 9.78 -9.35 -9.26
N ASP A 27 10.70 -8.52 -8.75
CA ASP A 27 11.17 -7.32 -9.45
C ASP A 27 10.05 -6.28 -9.56
N LYS A 28 9.06 -6.39 -8.69
CA LYS A 28 7.96 -5.45 -8.68
C LYS A 28 8.03 -4.56 -7.44
N LEU A 29 7.28 -3.47 -7.45
CA LEU A 29 7.30 -2.53 -6.35
C LEU A 29 6.56 -3.08 -5.15
N LEU A 30 7.07 -2.79 -3.97
CA LEU A 30 6.45 -3.26 -2.75
C LEU A 30 5.44 -2.23 -2.24
N PHE A 31 4.18 -2.62 -2.26
CA PHE A 31 3.10 -1.75 -1.81
C PHE A 31 2.86 -2.00 -0.33
N VAL A 32 3.28 -1.06 0.49
CA VAL A 32 3.17 -1.22 1.92
C VAL A 32 1.88 -0.58 2.43
N ASP A 33 0.95 -1.43 2.87
CA ASP A 33 -0.30 -0.98 3.46
C ASP A 33 -0.15 -0.85 4.96
N CYS A 34 -0.11 0.39 5.43
CA CYS A 34 -0.04 0.66 6.85
C CYS A 34 -1.28 1.41 7.30
N PHE A 35 -2.08 0.75 8.12
CA PHE A 35 -3.30 1.35 8.64
C PHE A 35 -3.35 1.19 10.15
N THR A 36 -4.08 2.07 10.80
CA THR A 36 -4.27 1.98 12.24
C THR A 36 -5.63 1.38 12.54
N THR A 37 -5.78 0.80 13.73
CA THR A 37 -7.02 0.13 14.11
C THR A 37 -8.25 1.04 14.03
N TRP A 38 -8.05 2.34 14.20
CA TRP A 38 -9.13 3.31 14.03
C TRP A 38 -9.54 3.38 12.57
N CYS A 39 -10.65 2.74 12.24
CA CYS A 39 -11.11 2.66 10.87
C CYS A 39 -12.03 3.82 10.53
N GLY A 40 -11.54 4.72 9.68
CA GLY A 40 -12.35 5.85 9.26
C GLY A 40 -12.33 5.99 7.75
N PRO A 41 -11.44 6.84 7.21
CA PRO A 41 -11.30 7.03 5.75
C PRO A 41 -10.99 5.73 5.01
N CYS A 42 -10.34 4.80 5.71
CA CYS A 42 -10.01 3.50 5.12
C CYS A 42 -11.27 2.71 4.80
N LYS A 43 -12.35 2.98 5.55
CA LYS A 43 -13.63 2.33 5.30
C LYS A 43 -14.23 2.84 4.00
N ARG A 44 -14.14 4.15 3.79
CA ARG A 44 -14.61 4.77 2.56
C ARG A 44 -13.85 4.18 1.37
N LEU A 45 -12.53 4.08 1.54
CA LEU A 45 -11.66 3.51 0.52
C LEU A 45 -12.09 2.09 0.16
N SER A 46 -12.24 1.26 1.17
CA SER A 46 -12.59 -0.13 0.99
C SER A 46 -14.00 -0.29 0.42
N LYS A 47 -14.88 0.65 0.77
CA LYS A 47 -16.27 0.60 0.35
C LYS A 47 -16.41 0.76 -1.16
N VAL A 48 -15.57 1.60 -1.74
CA VAL A 48 -15.70 1.94 -3.15
C VAL A 48 -14.64 1.27 -4.01
N VAL A 49 -13.41 1.31 -3.56
CA VAL A 49 -12.27 0.80 -4.33
C VAL A 49 -12.17 -0.72 -4.25
N PHE A 50 -12.35 -1.27 -3.06
CA PHE A 50 -12.10 -2.69 -2.81
C PHE A 50 -13.27 -3.57 -3.27
N LYS A 51 -13.86 -3.22 -4.40
CA LYS A 51 -14.88 -4.04 -5.03
C LYS A 51 -14.63 -4.18 -6.53
N ASP A 52 -13.71 -3.38 -7.04
CA ASP A 52 -13.43 -3.33 -8.46
C ASP A 52 -12.45 -4.43 -8.87
N SER A 53 -12.78 -5.16 -9.93
CA SER A 53 -11.94 -6.25 -10.41
C SER A 53 -10.66 -5.74 -11.06
N LEU A 54 -10.80 -4.86 -12.05
CA LEU A 54 -9.68 -4.45 -12.89
C LEU A 54 -8.70 -3.57 -12.12
N VAL A 55 -9.22 -2.68 -11.29
CA VAL A 55 -8.37 -1.83 -10.47
C VAL A 55 -7.55 -2.68 -9.50
N ALA A 56 -8.21 -3.63 -8.85
CA ALA A 56 -7.54 -4.51 -7.91
C ALA A 56 -6.49 -5.35 -8.60
N ASP A 57 -6.85 -5.93 -9.74
CA ASP A 57 -5.93 -6.77 -10.52
C ASP A 57 -4.70 -5.97 -10.93
N TYR A 58 -4.93 -4.74 -11.40
CA TYR A 58 -3.85 -3.86 -11.81
C TYR A 58 -2.82 -3.67 -10.69
N PHE A 59 -3.31 -3.33 -9.50
CA PHE A 59 -2.44 -3.11 -8.36
C PHE A 59 -1.79 -4.40 -7.91
N ASN A 60 -2.59 -5.45 -7.73
CA ASN A 60 -2.11 -6.73 -7.22
C ASN A 60 -1.06 -7.35 -8.14
N ARG A 61 -1.16 -7.07 -9.43
CA ARG A 61 -0.23 -7.63 -10.41
C ARG A 61 1.07 -6.82 -10.45
N HIS A 62 0.97 -5.50 -10.50
CA HIS A 62 2.16 -4.66 -10.67
C HIS A 62 2.82 -4.33 -9.34
N PHE A 63 2.07 -4.43 -8.26
CA PHE A 63 2.59 -4.13 -6.94
C PHE A 63 2.29 -5.29 -6.00
N VAL A 64 3.27 -5.69 -5.22
CA VAL A 64 3.04 -6.71 -4.21
C VAL A 64 2.47 -6.07 -2.95
N ASN A 65 1.20 -6.35 -2.69
CA ASN A 65 0.47 -5.69 -1.62
C ASN A 65 0.78 -6.31 -0.27
N LEU A 66 1.60 -5.62 0.50
CA LEU A 66 2.02 -6.10 1.81
C LEU A 66 1.22 -5.43 2.92
N LYS A 67 0.66 -6.25 3.80
CA LYS A 67 -0.07 -5.73 4.95
C LYS A 67 0.85 -5.62 6.16
N MET A 68 1.03 -4.40 6.64
CA MET A 68 1.85 -4.16 7.82
C MET A 68 1.08 -3.33 8.84
N ASP A 69 0.77 -3.96 9.97
CA ASP A 69 0.05 -3.29 11.05
C ASP A 69 0.93 -2.21 11.68
N MET A 70 0.35 -1.04 11.94
CA MET A 70 1.09 0.07 12.54
C MET A 70 1.32 -0.18 14.03
N GLU A 71 0.59 -1.13 14.57
CA GLU A 71 0.62 -1.41 15.99
C GLU A 71 1.19 -2.79 16.24
N LYS A 72 2.17 -3.12 15.41
CA LYS A 72 2.82 -4.42 15.42
C LYS A 72 4.21 -4.31 16.04
N GLY A 73 4.92 -5.43 16.12
CA GLY A 73 6.27 -5.45 16.66
C GLY A 73 7.22 -4.53 15.91
N GLU A 74 6.99 -4.37 14.62
CA GLU A 74 7.79 -3.45 13.80
C GLU A 74 6.99 -2.21 13.46
N GLY A 75 5.80 -2.09 14.04
CA GLY A 75 4.88 -1.05 13.66
C GLY A 75 5.35 0.34 14.04
N VAL A 76 5.84 0.49 15.26
CA VAL A 76 6.24 1.80 15.77
C VAL A 76 7.50 2.29 15.05
N GLU A 77 8.27 1.35 14.48
CA GLU A 77 9.42 1.71 13.66
C GLU A 77 8.96 2.45 12.42
N LEU A 78 8.07 1.82 11.67
CA LEU A 78 7.52 2.41 10.45
C LEU A 78 6.84 3.74 10.76
N ARG A 79 6.20 3.81 11.93
CA ARG A 79 5.54 5.03 12.39
C ARG A 79 6.53 6.19 12.48
N LYS A 80 7.69 5.93 13.05
CA LYS A 80 8.72 6.96 13.18
C LYS A 80 9.41 7.19 11.84
N LYS A 81 9.67 6.10 11.12
CA LYS A 81 10.39 6.14 9.86
C LYS A 81 9.71 7.04 8.83
N TYR A 82 8.41 6.84 8.66
CA TYR A 82 7.67 7.58 7.65
C TYR A 82 6.83 8.68 8.28
N GLY A 83 6.96 8.82 9.60
CA GLY A 83 6.29 9.87 10.34
C GLY A 83 4.81 9.91 10.09
N VAL A 84 4.12 8.85 10.49
CA VAL A 84 2.69 8.77 10.26
C VAL A 84 1.92 9.51 11.35
N HIS A 85 0.83 10.15 10.95
CA HIS A 85 -0.04 10.84 11.88
C HIS A 85 -1.50 10.57 11.55
N ALA A 86 -1.74 10.19 10.31
CA ALA A 86 -3.07 9.78 9.88
C ALA A 86 -3.22 8.29 10.10
N TYR A 87 -4.41 7.77 9.82
CA TYR A 87 -4.66 6.34 10.04
C TYR A 87 -4.36 5.51 8.79
N PRO A 88 -4.85 5.91 7.59
CA PRO A 88 -4.50 5.21 6.37
C PRO A 88 -3.25 5.82 5.71
N THR A 89 -2.14 5.08 5.73
CA THR A 89 -0.91 5.55 5.15
C THR A 89 -0.29 4.48 4.25
N LEU A 90 -0.14 4.80 2.97
CA LEU A 90 0.35 3.84 1.99
C LEU A 90 1.76 4.21 1.54
N LEU A 91 2.60 3.21 1.32
CA LEU A 91 3.98 3.43 0.93
C LEU A 91 4.35 2.63 -0.31
N PHE A 92 5.15 3.25 -1.18
CA PHE A 92 5.70 2.59 -2.36
C PHE A 92 7.21 2.51 -2.24
N ILE A 93 7.73 1.29 -2.13
CA ILE A 93 9.15 1.11 -1.89
C ILE A 93 9.77 0.12 -2.88
N ASN A 94 11.02 0.37 -3.24
CA ASN A 94 11.76 -0.51 -4.16
C ASN A 94 12.31 -1.72 -3.42
N SER A 95 12.81 -2.68 -4.19
CA SER A 95 13.37 -3.91 -3.64
C SER A 95 14.60 -3.63 -2.77
N SER A 96 15.29 -2.54 -3.08
CA SER A 96 16.49 -2.14 -2.36
C SER A 96 16.15 -1.41 -1.07
N GLY A 97 14.88 -1.11 -0.87
CA GLY A 97 14.47 -0.36 0.30
C GLY A 97 14.47 1.14 0.05
N GLU A 98 14.16 1.52 -1.18
CA GLU A 98 14.10 2.92 -1.55
C GLU A 98 12.66 3.39 -1.67
N VAL A 99 12.34 4.51 -1.04
CA VAL A 99 10.99 5.05 -1.08
C VAL A 99 10.82 5.92 -2.31
N VAL A 100 9.96 5.50 -3.23
CA VAL A 100 9.74 6.26 -4.45
C VAL A 100 8.64 7.29 -4.26
N TYR A 101 7.70 7.00 -3.36
CA TYR A 101 6.58 7.89 -3.10
C TYR A 101 5.89 7.50 -1.79
N ARG A 102 5.52 8.49 -1.01
CA ARG A 102 4.77 8.24 0.22
C ARG A 102 3.36 8.80 0.07
N LEU A 103 2.39 8.07 0.58
CA LEU A 103 0.99 8.46 0.43
C LEU A 103 0.31 8.57 1.79
N VAL A 104 -0.30 9.71 2.05
CA VAL A 104 -1.05 9.93 3.27
C VAL A 104 -2.48 10.35 2.93
N GLY A 105 -3.42 9.46 3.21
CA GLY A 105 -4.80 9.72 2.85
C GLY A 105 -5.23 8.85 1.69
N ALA A 106 -6.55 8.66 1.55
CA ALA A 106 -7.06 7.75 0.54
C ALA A 106 -8.38 8.25 -0.03
N GLU A 107 -8.36 8.57 -1.31
CA GLU A 107 -9.55 9.01 -2.02
C GLU A 107 -10.11 7.85 -2.85
N ASP A 108 -11.15 8.14 -3.63
CA ASP A 108 -11.76 7.15 -4.52
C ASP A 108 -10.73 6.61 -5.51
N ALA A 109 -11.05 5.46 -6.13
CA ALA A 109 -10.12 4.73 -6.99
C ALA A 109 -9.39 5.62 -8.01
N PRO A 110 -10.11 6.41 -8.85
CA PRO A 110 -9.45 7.26 -9.85
C PRO A 110 -8.57 8.32 -9.21
N GLU A 111 -9.03 8.87 -8.10
CA GLU A 111 -8.31 9.91 -7.38
C GLU A 111 -7.05 9.35 -6.75
N LEU A 112 -7.18 8.19 -6.12
CA LEU A 112 -6.07 7.49 -5.51
C LEU A 112 -5.00 7.17 -6.55
N LEU A 113 -5.45 6.57 -7.64
CA LEU A 113 -4.58 6.20 -8.74
C LEU A 113 -3.89 7.44 -9.33
N LYS A 114 -4.62 8.54 -9.40
CA LYS A 114 -4.07 9.79 -9.92
C LYS A 114 -2.88 10.23 -9.06
N LYS A 115 -3.06 10.17 -7.74
CA LYS A 115 -2.03 10.56 -6.80
C LYS A 115 -0.77 9.70 -6.96
N VAL A 116 -0.95 8.39 -6.89
CA VAL A 116 0.15 7.47 -6.94
C VAL A 116 0.83 7.45 -8.31
N LYS A 117 0.04 7.63 -9.37
CA LYS A 117 0.58 7.62 -10.73
C LYS A 117 1.56 8.77 -10.94
N LEU A 118 1.25 9.94 -10.38
CA LEU A 118 2.13 11.09 -10.50
C LEU A 118 3.34 10.96 -9.57
N GLY A 119 3.26 10.00 -8.66
CA GLY A 119 4.36 9.76 -7.75
C GLY A 119 5.32 8.71 -8.28
N VAL A 120 4.78 7.62 -8.81
CA VAL A 120 5.60 6.51 -9.28
C VAL A 120 6.10 6.76 -10.71
N GLU A 121 5.22 7.23 -11.58
CA GLU A 121 5.57 7.43 -12.99
C GLU A 121 6.47 8.65 -13.16
N SER A 122 7.77 8.41 -13.04
CA SER A 122 8.80 9.41 -13.31
C SER A 122 8.74 10.57 -12.30
N GLU A 123 9.60 10.51 -11.30
CA GLU A 123 9.75 11.62 -10.37
C GLU A 123 10.70 12.64 -10.98
N GLY A 124 11.65 12.14 -11.76
CA GLY A 124 12.61 12.98 -12.43
C GLY A 124 13.13 12.32 -13.68
N ALA A 4 -15.71 -10.78 -12.13
CA ALA A 4 -16.03 -9.62 -11.26
C ALA A 4 -16.61 -10.09 -9.93
N GLN A 5 -15.77 -10.12 -8.90
CA GLN A 5 -16.20 -10.54 -7.57
C GLN A 5 -15.81 -9.48 -6.55
N ALA A 6 -16.27 -9.65 -5.32
CA ALA A 6 -15.87 -8.78 -4.24
C ALA A 6 -14.51 -9.21 -3.69
N ASP A 7 -13.49 -9.11 -4.53
CA ASP A 7 -12.15 -9.51 -4.17
C ASP A 7 -11.27 -8.28 -4.01
N GLY A 8 -11.29 -7.41 -5.02
CA GLY A 8 -10.58 -6.16 -4.95
C GLY A 8 -9.08 -6.32 -4.81
N ILE A 9 -8.46 -5.41 -4.08
CA ILE A 9 -7.03 -5.43 -3.87
C ILE A 9 -6.67 -6.41 -2.77
N ALA A 10 -5.85 -7.39 -3.10
CA ALA A 10 -5.47 -8.43 -2.17
C ALA A 10 -4.15 -8.10 -1.50
N PHE A 11 -4.22 -7.64 -0.27
CA PHE A 11 -3.02 -7.32 0.49
C PHE A 11 -2.45 -8.58 1.12
N ARG A 12 -1.23 -8.92 0.75
CA ARG A 12 -0.59 -10.11 1.28
C ARG A 12 0.03 -9.81 2.63
N GLU A 13 -0.44 -10.53 3.64
CA GLU A 13 0.03 -10.31 4.99
C GLU A 13 1.35 -11.04 5.20
N LEU A 14 2.43 -10.30 5.07
CA LEU A 14 3.76 -10.84 5.20
C LEU A 14 4.53 -10.10 6.29
N SER A 15 5.66 -10.65 6.71
CA SER A 15 6.49 -9.99 7.70
C SER A 15 7.38 -8.94 7.03
N PHE A 16 8.13 -8.22 7.84
CA PHE A 16 9.04 -7.18 7.34
C PHE A 16 10.05 -7.77 6.32
N PRO A 17 10.85 -8.78 6.70
CA PRO A 17 11.81 -9.40 5.78
C PRO A 17 11.13 -10.09 4.60
N GLU A 18 9.98 -10.70 4.88
CA GLU A 18 9.21 -11.40 3.89
C GLU A 18 8.82 -10.48 2.75
N ALA A 19 8.27 -9.33 3.11
CA ALA A 19 7.80 -8.35 2.14
C ALA A 19 8.96 -7.81 1.31
N LEU A 20 10.08 -7.55 1.97
CA LEU A 20 11.27 -7.03 1.29
C LEU A 20 11.74 -8.06 0.26
N LYS A 21 11.87 -9.30 0.69
CA LYS A 21 12.26 -10.39 -0.17
C LYS A 21 11.26 -10.57 -1.31
N ARG A 22 9.98 -10.46 -0.98
CA ARG A 22 8.91 -10.63 -1.93
C ARG A 22 9.01 -9.59 -3.06
N ALA A 23 9.28 -8.35 -2.69
CA ALA A 23 9.43 -7.29 -3.68
C ALA A 23 10.61 -7.56 -4.59
N GLU A 24 11.66 -8.16 -4.03
CA GLU A 24 12.86 -8.47 -4.79
C GLU A 24 12.69 -9.69 -5.70
N VAL A 25 12.06 -10.75 -5.19
CA VAL A 25 11.93 -12.00 -5.93
C VAL A 25 10.98 -11.86 -7.12
N GLU A 26 10.00 -10.98 -7.02
CA GLU A 26 9.13 -10.70 -8.16
C GLU A 26 9.65 -9.49 -8.92
N ASP A 27 10.53 -8.73 -8.26
CA ASP A 27 11.10 -7.51 -8.83
C ASP A 27 9.99 -6.54 -9.23
N LYS A 28 9.35 -5.97 -8.23
CA LYS A 28 8.24 -5.07 -8.44
C LYS A 28 8.28 -3.95 -7.41
N LEU A 29 7.39 -2.98 -7.54
CA LEU A 29 7.30 -1.91 -6.58
C LEU A 29 6.51 -2.35 -5.36
N LEU A 30 7.01 -2.04 -4.19
CA LEU A 30 6.41 -2.47 -2.94
C LEU A 30 5.39 -1.44 -2.44
N PHE A 31 4.12 -1.83 -2.45
CA PHE A 31 3.07 -1.00 -1.93
C PHE A 31 2.71 -1.45 -0.52
N VAL A 32 3.07 -0.64 0.45
CA VAL A 32 2.84 -0.98 1.84
C VAL A 32 1.60 -0.27 2.37
N ASP A 33 0.57 -1.03 2.67
CA ASP A 33 -0.63 -0.48 3.27
C ASP A 33 -0.48 -0.44 4.77
N CYS A 34 -0.35 0.78 5.30
CA CYS A 34 -0.20 0.98 6.73
C CYS A 34 -1.45 1.62 7.30
N PHE A 35 -2.17 0.86 8.11
CA PHE A 35 -3.39 1.37 8.71
C PHE A 35 -3.30 1.26 10.21
N THR A 36 -4.02 2.11 10.91
CA THR A 36 -4.01 2.09 12.35
C THR A 36 -5.22 1.35 12.91
N THR A 37 -5.12 0.93 14.16
CA THR A 37 -6.16 0.16 14.81
C THR A 37 -7.26 1.07 15.36
N TRP A 38 -7.21 2.34 14.98
CA TRP A 38 -8.13 3.33 15.50
C TRP A 38 -9.51 3.19 14.86
N CYS A 39 -9.63 3.62 13.62
CA CYS A 39 -10.90 3.58 12.91
C CYS A 39 -10.79 2.70 11.67
N GLY A 40 -11.75 2.82 10.77
CA GLY A 40 -11.72 2.03 9.56
C GLY A 40 -12.00 2.84 8.30
N PRO A 41 -11.15 3.84 7.97
CA PRO A 41 -11.30 4.60 6.73
C PRO A 41 -11.03 3.72 5.52
N CYS A 42 -10.21 2.70 5.73
CA CYS A 42 -9.87 1.74 4.70
C CYS A 42 -11.08 0.90 4.32
N LYS A 43 -12.01 0.74 5.26
CA LYS A 43 -13.23 -0.02 5.03
C LYS A 43 -14.11 0.72 4.02
N ARG A 44 -14.24 2.03 4.23
CA ARG A 44 -14.99 2.88 3.31
C ARG A 44 -14.31 2.89 1.94
N LEU A 45 -12.98 2.88 1.96
CA LEU A 45 -12.20 2.79 0.73
C LEU A 45 -12.54 1.52 -0.03
N SER A 46 -12.67 0.42 0.71
CA SER A 46 -12.97 -0.88 0.14
C SER A 46 -14.35 -0.91 -0.50
N LYS A 47 -15.26 -0.12 0.05
CA LYS A 47 -16.63 -0.04 -0.45
C LYS A 47 -16.67 0.40 -1.90
N VAL A 48 -15.89 1.43 -2.23
CA VAL A 48 -15.90 2.01 -3.56
C VAL A 48 -14.78 1.47 -4.44
N VAL A 49 -13.55 1.52 -3.93
CA VAL A 49 -12.37 1.21 -4.73
C VAL A 49 -12.19 -0.29 -4.94
N PHE A 50 -12.32 -1.06 -3.86
CA PHE A 50 -12.01 -2.49 -3.91
C PHE A 50 -13.09 -3.29 -4.64
N LYS A 51 -14.00 -2.59 -5.29
CA LYS A 51 -15.07 -3.25 -6.04
C LYS A 51 -14.78 -3.20 -7.53
N ASP A 52 -13.88 -2.30 -7.92
CA ASP A 52 -13.54 -2.14 -9.34
C ASP A 52 -12.72 -3.32 -9.82
N SER A 53 -13.15 -3.95 -10.90
CA SER A 53 -12.49 -5.12 -11.42
C SER A 53 -11.11 -4.78 -12.01
N LEU A 54 -11.00 -3.57 -12.57
CA LEU A 54 -9.74 -3.13 -13.17
C LEU A 54 -8.69 -2.84 -12.12
N VAL A 55 -9.07 -2.06 -11.12
CA VAL A 55 -8.12 -1.62 -10.08
C VAL A 55 -7.47 -2.81 -9.38
N ALA A 56 -8.26 -3.83 -9.13
CA ALA A 56 -7.78 -5.05 -8.49
C ALA A 56 -6.65 -5.70 -9.30
N ASP A 57 -6.91 -5.94 -10.57
CA ASP A 57 -5.92 -6.58 -11.44
C ASP A 57 -4.73 -5.65 -11.65
N TYR A 58 -5.04 -4.37 -11.69
CA TYR A 58 -4.05 -3.30 -11.82
C TYR A 58 -2.98 -3.43 -10.72
N PHE A 59 -3.43 -3.38 -9.47
CA PHE A 59 -2.51 -3.40 -8.34
C PHE A 59 -1.97 -4.80 -8.06
N ASN A 60 -2.86 -5.79 -7.97
CA ASN A 60 -2.47 -7.13 -7.53
C ASN A 60 -1.43 -7.76 -8.46
N ARG A 61 -1.50 -7.45 -9.75
CA ARG A 61 -0.59 -8.03 -10.72
C ARG A 61 0.68 -7.18 -10.88
N HIS A 62 0.52 -5.87 -10.96
CA HIS A 62 1.65 -4.99 -11.27
C HIS A 62 2.51 -4.67 -10.04
N PHE A 63 1.90 -4.64 -8.86
CA PHE A 63 2.60 -4.20 -7.67
C PHE A 63 2.58 -5.27 -6.60
N VAL A 64 3.43 -5.10 -5.59
CA VAL A 64 3.43 -5.98 -4.42
C VAL A 64 2.59 -5.35 -3.33
N ASN A 65 1.44 -5.94 -3.04
CA ASN A 65 0.51 -5.38 -2.07
C ASN A 65 0.76 -5.97 -0.70
N LEU A 66 1.26 -5.14 0.20
CA LEU A 66 1.62 -5.58 1.54
C LEU A 66 0.66 -5.02 2.58
N LYS A 67 0.26 -5.86 3.53
CA LYS A 67 -0.58 -5.43 4.64
C LYS A 67 0.18 -5.57 5.95
N MET A 68 0.31 -4.46 6.67
CA MET A 68 1.00 -4.49 7.97
C MET A 68 0.22 -3.67 8.99
N ASP A 69 0.45 -3.95 10.27
CA ASP A 69 -0.20 -3.20 11.33
C ASP A 69 0.72 -2.14 11.88
N MET A 70 0.12 -1.11 12.47
CA MET A 70 0.82 0.11 12.78
C MET A 70 1.35 0.14 14.21
N GLU A 71 0.76 -0.66 15.09
CA GLU A 71 1.19 -0.68 16.48
C GLU A 71 1.81 -2.01 16.79
N LYS A 72 3.13 -2.05 16.66
CA LYS A 72 3.94 -3.22 16.86
C LYS A 72 5.38 -2.77 17.01
N GLY A 73 6.24 -3.62 17.59
CA GLY A 73 7.64 -3.27 17.74
C GLY A 73 8.28 -2.84 16.43
N GLU A 74 7.92 -3.53 15.37
CA GLU A 74 8.40 -3.21 14.03
C GLU A 74 7.60 -2.04 13.44
N GLY A 75 6.29 -2.02 13.71
CA GLY A 75 5.44 -0.98 13.16
C GLY A 75 5.83 0.41 13.64
N VAL A 76 6.12 0.53 14.93
CA VAL A 76 6.49 1.82 15.51
C VAL A 76 7.84 2.28 14.95
N GLU A 77 8.69 1.32 14.59
CA GLU A 77 9.99 1.64 14.01
C GLU A 77 9.80 2.22 12.62
N LEU A 78 8.95 1.59 11.84
CA LEU A 78 8.65 2.05 10.49
C LEU A 78 7.91 3.38 10.52
N ARG A 79 7.07 3.55 11.54
CA ARG A 79 6.31 4.79 11.69
C ARG A 79 7.26 5.97 11.86
N LYS A 80 8.34 5.74 12.60
CA LYS A 80 9.37 6.75 12.80
C LYS A 80 10.25 6.87 11.55
N LYS A 81 10.49 5.74 10.91
CA LYS A 81 11.39 5.64 9.77
C LYS A 81 10.89 6.47 8.58
N TYR A 82 9.58 6.48 8.37
CA TYR A 82 9.00 7.17 7.24
C TYR A 82 8.22 8.41 7.68
N GLY A 83 8.03 8.55 8.99
CA GLY A 83 7.33 9.71 9.53
C GLY A 83 5.85 9.67 9.21
N VAL A 84 5.32 8.48 9.02
CA VAL A 84 3.93 8.31 8.66
C VAL A 84 3.03 8.27 9.90
N HIS A 85 2.38 9.38 10.15
CA HIS A 85 1.50 9.51 11.31
C HIS A 85 0.09 9.89 10.88
N ALA A 86 -0.63 8.92 10.37
CA ALA A 86 -1.99 9.10 9.90
C ALA A 86 -2.81 7.86 10.24
N TYR A 87 -3.96 7.70 9.61
CA TYR A 87 -4.76 6.51 9.83
C TYR A 87 -4.71 5.59 8.61
N PRO A 88 -5.13 6.06 7.42
CA PRO A 88 -4.93 5.34 6.18
C PRO A 88 -3.66 5.82 5.48
N THR A 89 -2.59 5.03 5.54
CA THR A 89 -1.31 5.46 5.01
C THR A 89 -0.85 4.57 3.86
N LEU A 90 -0.61 5.18 2.71
CA LEU A 90 -0.12 4.47 1.54
C LEU A 90 1.35 4.75 1.35
N LEU A 91 2.17 3.73 1.56
CA LEU A 91 3.62 3.89 1.48
C LEU A 91 4.18 3.18 0.25
N PHE A 92 4.87 3.93 -0.58
CA PHE A 92 5.45 3.39 -1.81
C PHE A 92 6.95 3.20 -1.63
N ILE A 93 7.39 1.94 -1.66
CA ILE A 93 8.79 1.60 -1.44
C ILE A 93 9.35 0.82 -2.63
N ASN A 94 10.62 1.02 -2.93
CA ASN A 94 11.29 0.22 -3.96
C ASN A 94 11.59 -1.18 -3.41
N SER A 95 11.97 -2.08 -4.30
CA SER A 95 12.12 -3.48 -3.94
C SER A 95 13.29 -3.70 -2.99
N SER A 96 14.38 -2.94 -3.20
CA SER A 96 15.57 -3.08 -2.38
C SER A 96 15.40 -2.34 -1.05
N GLY A 97 14.33 -1.57 -0.94
CA GLY A 97 14.07 -0.82 0.27
C GLY A 97 14.44 0.64 0.15
N GLU A 98 13.68 1.37 -0.65
CA GLU A 98 13.91 2.81 -0.82
C GLU A 98 12.59 3.57 -0.82
N VAL A 99 12.59 4.77 -0.26
CA VAL A 99 11.39 5.57 -0.18
C VAL A 99 11.09 6.23 -1.52
N VAL A 100 9.99 5.83 -2.14
CA VAL A 100 9.58 6.41 -3.41
C VAL A 100 8.65 7.58 -3.20
N TYR A 101 7.51 7.31 -2.58
CA TYR A 101 6.49 8.32 -2.39
C TYR A 101 5.76 8.10 -1.08
N ARG A 102 5.51 9.19 -0.37
CA ARG A 102 4.82 9.15 0.91
C ARG A 102 3.44 9.76 0.77
N LEU A 103 2.41 8.95 0.93
CA LEU A 103 1.04 9.39 0.70
C LEU A 103 0.19 9.24 1.95
N VAL A 104 -0.47 10.32 2.34
CA VAL A 104 -1.33 10.33 3.51
C VAL A 104 -2.79 10.43 3.08
N GLY A 105 -3.56 9.39 3.39
CA GLY A 105 -4.96 9.36 3.03
C GLY A 105 -5.20 8.57 1.76
N ALA A 106 -6.43 8.09 1.60
CA ALA A 106 -6.80 7.31 0.43
C ALA A 106 -8.01 7.93 -0.26
N GLU A 107 -8.02 7.92 -1.57
CA GLU A 107 -9.06 8.59 -2.33
C GLU A 107 -9.76 7.62 -3.28
N ASP A 108 -10.72 8.12 -4.03
CA ASP A 108 -11.50 7.30 -4.97
C ASP A 108 -10.60 6.65 -6.01
N ALA A 109 -11.05 5.54 -6.58
CA ALA A 109 -10.22 4.72 -7.47
C ALA A 109 -9.51 5.53 -8.57
N PRO A 110 -10.24 6.30 -9.42
CA PRO A 110 -9.60 7.06 -10.50
C PRO A 110 -8.63 8.11 -9.98
N GLU A 111 -8.98 8.70 -8.85
CA GLU A 111 -8.18 9.74 -8.23
C GLU A 111 -6.93 9.15 -7.58
N LEU A 112 -7.10 8.01 -6.93
CA LEU A 112 -6.01 7.30 -6.28
C LEU A 112 -5.01 6.82 -7.32
N LEU A 113 -5.53 6.18 -8.36
CA LEU A 113 -4.70 5.70 -9.47
C LEU A 113 -3.85 6.84 -10.03
N LYS A 114 -4.46 8.02 -10.13
CA LYS A 114 -3.78 9.20 -10.63
C LYS A 114 -2.67 9.62 -9.69
N LYS A 115 -2.95 9.57 -8.38
CA LYS A 115 -1.96 9.94 -7.37
C LYS A 115 -0.78 8.97 -7.36
N VAL A 116 -1.07 7.70 -7.56
CA VAL A 116 -0.02 6.68 -7.61
C VAL A 116 0.92 6.93 -8.78
N LYS A 117 0.35 7.07 -9.98
CA LYS A 117 1.16 7.28 -11.18
C LYS A 117 1.93 8.59 -11.10
N LEU A 118 1.28 9.62 -10.58
CA LEU A 118 1.89 10.94 -10.47
C LEU A 118 3.05 10.94 -9.48
N GLY A 119 2.87 10.25 -8.37
CA GLY A 119 3.87 10.25 -7.33
C GLY A 119 5.02 9.28 -7.59
N VAL A 120 4.69 8.08 -8.01
CA VAL A 120 5.69 7.03 -8.17
C VAL A 120 6.45 7.17 -9.50
N GLU A 121 5.72 7.34 -10.58
CA GLU A 121 6.34 7.37 -11.90
C GLU A 121 6.91 8.75 -12.21
N SER A 122 8.15 8.95 -11.79
CA SER A 122 8.89 10.15 -12.11
C SER A 122 10.11 9.79 -12.94
N GLU A 123 10.76 10.78 -13.53
CA GLU A 123 11.96 10.54 -14.32
C GLU A 123 13.18 11.13 -13.63
N GLY A 124 14.30 10.42 -13.72
CA GLY A 124 15.53 10.86 -13.09
C GLY A 124 16.43 9.69 -12.79
N ALA A 4 -20.26 -8.97 5.91
CA ALA A 4 -20.56 -10.28 5.28
C ALA A 4 -19.49 -10.63 4.25
N GLN A 5 -19.25 -9.72 3.33
CA GLN A 5 -18.25 -9.94 2.29
C GLN A 5 -16.90 -9.37 2.71
N ALA A 6 -15.91 -10.25 2.80
CA ALA A 6 -14.55 -9.83 3.05
C ALA A 6 -13.88 -9.50 1.73
N ASP A 7 -14.17 -8.31 1.23
CA ASP A 7 -13.68 -7.87 -0.07
C ASP A 7 -12.38 -7.09 0.07
N GLY A 8 -11.91 -6.57 -1.04
CA GLY A 8 -10.65 -5.87 -1.07
C GLY A 8 -9.61 -6.65 -1.83
N ILE A 9 -8.38 -6.17 -1.84
CA ILE A 9 -7.31 -6.84 -2.52
C ILE A 9 -6.54 -7.68 -1.51
N ALA A 10 -6.09 -8.86 -1.93
CA ALA A 10 -5.42 -9.77 -1.02
C ALA A 10 -3.98 -9.32 -0.76
N PHE A 11 -3.82 -8.48 0.25
CA PHE A 11 -2.51 -8.06 0.69
C PHE A 11 -1.74 -9.25 1.25
N ARG A 12 -0.44 -9.26 1.04
CA ARG A 12 0.40 -10.28 1.60
C ARG A 12 0.77 -9.92 3.02
N GLU A 13 0.30 -10.71 3.96
CA GLU A 13 0.62 -10.46 5.36
C GLU A 13 1.85 -11.29 5.75
N LEU A 14 3.01 -10.68 5.60
CA LEU A 14 4.28 -11.35 5.82
C LEU A 14 5.25 -10.41 6.52
N SER A 15 6.36 -10.95 6.98
CA SER A 15 7.42 -10.15 7.59
C SER A 15 7.98 -9.17 6.56
N PHE A 16 8.49 -8.04 7.05
CA PHE A 16 9.00 -6.97 6.18
C PHE A 16 10.06 -7.49 5.19
N PRO A 17 11.13 -8.17 5.68
CA PRO A 17 12.18 -8.71 4.80
C PRO A 17 11.61 -9.64 3.73
N GLU A 18 10.60 -10.43 4.09
CA GLU A 18 9.96 -11.34 3.15
C GLU A 18 9.23 -10.59 2.05
N ALA A 19 8.44 -9.59 2.44
CA ALA A 19 7.65 -8.81 1.50
C ALA A 19 8.55 -8.14 0.46
N LEU A 20 9.63 -7.55 0.95
CA LEU A 20 10.60 -6.88 0.07
C LEU A 20 11.25 -7.90 -0.86
N LYS A 21 11.61 -9.03 -0.27
CA LYS A 21 12.20 -10.14 -1.00
C LYS A 21 11.29 -10.60 -2.14
N ARG A 22 10.01 -10.76 -1.85
CA ARG A 22 9.05 -11.21 -2.85
C ARG A 22 8.93 -10.19 -3.98
N ALA A 23 8.93 -8.91 -3.63
CA ALA A 23 8.89 -7.85 -4.63
C ALA A 23 10.16 -7.85 -5.47
N GLU A 24 11.31 -7.96 -4.79
CA GLU A 24 12.61 -8.00 -5.44
C GLU A 24 12.68 -9.12 -6.48
N VAL A 25 12.19 -10.29 -6.12
CA VAL A 25 12.32 -11.48 -6.94
C VAL A 25 11.21 -11.59 -7.98
N GLU A 26 9.96 -11.55 -7.54
CA GLU A 26 8.84 -11.93 -8.38
C GLU A 26 8.22 -10.72 -9.10
N ASP A 27 8.29 -9.56 -8.49
CA ASP A 27 7.60 -8.41 -9.05
C ASP A 27 8.55 -7.23 -9.26
N LYS A 28 8.05 -6.03 -9.04
CA LYS A 28 8.79 -4.83 -9.40
C LYS A 28 8.86 -3.85 -8.23
N LEU A 29 7.77 -3.70 -7.49
CA LEU A 29 7.71 -2.73 -6.41
C LEU A 29 6.92 -3.29 -5.23
N LEU A 30 7.03 -2.64 -4.10
CA LEU A 30 6.33 -3.06 -2.90
C LEU A 30 5.34 -1.98 -2.47
N PHE A 31 4.06 -2.30 -2.56
CA PHE A 31 2.99 -1.40 -2.14
C PHE A 31 2.62 -1.70 -0.70
N VAL A 32 3.02 -0.83 0.21
CA VAL A 32 2.80 -1.07 1.63
C VAL A 32 1.56 -0.33 2.11
N ASP A 33 0.53 -1.10 2.43
CA ASP A 33 -0.69 -0.55 3.03
C ASP A 33 -0.53 -0.48 4.54
N CYS A 34 -0.46 0.73 5.06
CA CYS A 34 -0.35 0.92 6.49
C CYS A 34 -1.63 1.52 7.04
N PHE A 35 -2.34 0.76 7.84
CA PHE A 35 -3.63 1.18 8.34
C PHE A 35 -3.65 1.13 9.86
N THR A 36 -4.54 1.93 10.43
CA THR A 36 -4.82 1.86 11.85
C THR A 36 -6.14 1.11 12.04
N THR A 37 -6.37 0.58 13.25
CA THR A 37 -7.59 -0.15 13.55
C THR A 37 -8.83 0.78 13.51
N TRP A 38 -8.59 2.03 13.15
CA TRP A 38 -9.63 3.03 13.02
C TRP A 38 -10.67 2.58 11.99
N CYS A 39 -11.93 2.54 12.40
CA CYS A 39 -13.00 2.01 11.56
C CYS A 39 -13.52 3.06 10.57
N GLY A 40 -12.66 3.99 10.19
CA GLY A 40 -13.07 5.05 9.28
C GLY A 40 -12.46 4.89 7.90
N PRO A 41 -11.56 5.81 7.50
CA PRO A 41 -10.94 5.82 6.17
C PRO A 41 -10.34 4.47 5.75
N CYS A 42 -9.72 3.78 6.71
CA CYS A 42 -9.09 2.49 6.43
C CYS A 42 -10.09 1.47 5.88
N LYS A 43 -11.32 1.55 6.36
CA LYS A 43 -12.37 0.66 5.88
C LYS A 43 -12.92 1.16 4.55
N ARG A 44 -13.16 2.45 4.45
CA ARG A 44 -13.73 3.05 3.24
C ARG A 44 -12.80 2.85 2.05
N LEU A 45 -11.49 2.93 2.30
CA LEU A 45 -10.49 2.73 1.26
C LEU A 45 -10.64 1.35 0.61
N SER A 46 -10.85 0.34 1.44
CA SER A 46 -10.99 -1.02 0.95
C SER A 46 -12.31 -1.22 0.21
N LYS A 47 -13.33 -0.48 0.61
CA LYS A 47 -14.67 -0.65 0.04
C LYS A 47 -14.83 0.10 -1.28
N VAL A 48 -14.09 1.17 -1.46
CA VAL A 48 -14.20 1.95 -2.70
C VAL A 48 -13.14 1.54 -3.72
N VAL A 49 -11.88 1.57 -3.30
CA VAL A 49 -10.78 1.34 -4.22
C VAL A 49 -10.51 -0.15 -4.42
N PHE A 50 -10.21 -0.85 -3.33
CA PHE A 50 -9.70 -2.21 -3.41
C PHE A 50 -10.82 -3.23 -3.67
N LYS A 51 -12.06 -2.80 -3.57
CA LYS A 51 -13.19 -3.69 -3.81
C LYS A 51 -13.41 -3.90 -5.30
N ASP A 52 -12.94 -2.95 -6.09
CA ASP A 52 -13.12 -3.01 -7.53
C ASP A 52 -12.21 -4.07 -8.15
N SER A 53 -12.80 -4.94 -8.95
CA SER A 53 -12.08 -6.05 -9.57
C SER A 53 -10.90 -5.56 -10.42
N LEU A 54 -11.12 -4.51 -11.19
CA LEU A 54 -10.10 -3.98 -12.08
C LEU A 54 -8.99 -3.29 -11.28
N VAL A 55 -9.38 -2.52 -10.28
CA VAL A 55 -8.42 -1.79 -9.46
C VAL A 55 -7.59 -2.73 -8.58
N ALA A 56 -8.25 -3.69 -7.94
CA ALA A 56 -7.56 -4.68 -7.12
C ALA A 56 -6.54 -5.45 -7.94
N ASP A 57 -6.97 -5.88 -9.12
CA ASP A 57 -6.09 -6.60 -10.05
C ASP A 57 -4.93 -5.70 -10.47
N TYR A 58 -5.25 -4.43 -10.71
CA TYR A 58 -4.26 -3.46 -11.14
C TYR A 58 -3.16 -3.31 -10.10
N PHE A 59 -3.54 -3.15 -8.83
CA PHE A 59 -2.57 -3.03 -7.75
C PHE A 59 -1.80 -4.33 -7.57
N ASN A 60 -2.50 -5.45 -7.61
CA ASN A 60 -1.90 -6.76 -7.40
C ASN A 60 -0.83 -7.08 -8.44
N ARG A 61 -1.09 -6.70 -9.69
CA ARG A 61 -0.17 -7.02 -10.77
C ARG A 61 0.89 -5.94 -10.97
N HIS A 62 0.61 -4.72 -10.56
CA HIS A 62 1.57 -3.65 -10.77
C HIS A 62 2.58 -3.54 -9.63
N PHE A 63 2.22 -4.05 -8.45
CA PHE A 63 3.15 -4.05 -7.32
C PHE A 63 2.83 -5.24 -6.40
N VAL A 64 3.72 -5.56 -5.48
CA VAL A 64 3.42 -6.54 -4.45
C VAL A 64 2.70 -5.86 -3.30
N ASN A 65 1.49 -6.31 -3.00
CA ASN A 65 0.68 -5.68 -1.97
C ASN A 65 1.03 -6.23 -0.59
N LEU A 66 1.47 -5.35 0.30
CA LEU A 66 1.83 -5.71 1.66
C LEU A 66 0.87 -5.05 2.65
N LYS A 67 0.45 -5.79 3.66
CA LYS A 67 -0.42 -5.23 4.69
C LYS A 67 0.37 -5.01 5.97
N MET A 68 0.30 -3.81 6.51
CA MET A 68 1.04 -3.46 7.72
C MET A 68 0.16 -2.63 8.66
N ASP A 69 0.22 -2.95 9.94
CA ASP A 69 -0.51 -2.19 10.95
C ASP A 69 0.35 -1.03 11.41
N MET A 70 -0.30 0.00 11.92
CA MET A 70 0.38 1.16 12.44
C MET A 70 0.94 0.90 13.84
N GLU A 71 0.48 -0.16 14.47
CA GLU A 71 0.89 -0.48 15.83
C GLU A 71 1.57 -1.84 15.87
N LYS A 72 0.88 -2.86 15.39
CA LYS A 72 1.38 -4.22 15.47
C LYS A 72 2.23 -4.56 14.24
N GLY A 73 3.03 -5.62 14.35
CA GLY A 73 3.85 -6.04 13.23
C GLY A 73 5.02 -5.12 13.00
N GLU A 74 5.50 -4.48 14.07
CA GLU A 74 6.59 -3.52 13.99
C GLU A 74 6.15 -2.26 13.25
N GLY A 75 4.83 -2.06 13.18
CA GLY A 75 4.27 -0.89 12.52
C GLY A 75 4.82 0.42 13.08
N VAL A 76 5.12 0.43 14.37
CA VAL A 76 5.67 1.61 15.04
C VAL A 76 6.98 2.05 14.37
N GLU A 77 7.73 1.11 13.82
CA GLU A 77 9.00 1.41 13.16
C GLU A 77 8.75 2.20 11.88
N LEU A 78 7.74 1.78 11.13
CA LEU A 78 7.37 2.47 9.90
C LEU A 78 6.70 3.81 10.21
N ARG A 79 5.86 3.81 11.25
CA ARG A 79 5.18 5.03 11.70
C ARG A 79 6.20 6.11 12.02
N LYS A 80 7.24 5.73 12.74
CA LYS A 80 8.29 6.64 13.16
C LYS A 80 9.14 7.05 11.96
N LYS A 81 9.31 6.11 11.04
CA LYS A 81 10.22 6.25 9.91
C LYS A 81 9.74 7.33 8.94
N TYR A 82 8.45 7.34 8.68
CA TYR A 82 7.90 8.23 7.66
C TYR A 82 7.16 9.41 8.29
N GLY A 83 7.29 9.54 9.62
CA GLY A 83 6.73 10.68 10.32
C GLY A 83 5.23 10.78 10.18
N VAL A 84 4.56 9.63 10.11
CA VAL A 84 3.13 9.61 9.89
C VAL A 84 2.37 9.53 11.20
N HIS A 85 1.39 10.42 11.37
CA HIS A 85 0.55 10.41 12.55
C HIS A 85 -0.88 10.04 12.15
N ALA A 86 -1.09 9.86 10.85
CA ALA A 86 -2.41 9.59 10.31
C ALA A 86 -2.78 8.12 10.46
N TYR A 87 -4.02 7.80 10.12
CA TYR A 87 -4.54 6.44 10.27
C TYR A 87 -4.36 5.64 8.97
N PRO A 88 -4.77 6.17 7.81
CA PRO A 88 -4.51 5.53 6.53
C PRO A 88 -3.24 6.09 5.86
N THR A 89 -2.38 5.21 5.37
CA THR A 89 -1.16 5.65 4.72
C THR A 89 -0.70 4.65 3.66
N LEU A 90 -0.43 5.15 2.46
CA LEU A 90 0.05 4.33 1.37
C LEU A 90 1.54 4.57 1.16
N LEU A 91 2.34 3.53 1.37
CA LEU A 91 3.78 3.63 1.21
C LEU A 91 4.24 2.92 -0.05
N PHE A 92 5.09 3.58 -0.81
CA PHE A 92 5.59 3.02 -2.06
C PHE A 92 7.08 2.73 -1.95
N ILE A 93 7.39 1.45 -1.84
CA ILE A 93 8.77 1.01 -1.66
C ILE A 93 9.30 0.37 -2.94
N ASN A 94 10.53 0.69 -3.30
CA ASN A 94 11.16 0.05 -4.46
C ASN A 94 11.93 -1.19 -4.01
N SER A 95 12.50 -1.90 -4.96
CA SER A 95 13.22 -3.14 -4.67
C SER A 95 14.45 -2.87 -3.78
N SER A 96 14.88 -1.61 -3.74
CA SER A 96 16.04 -1.23 -2.94
C SER A 96 15.66 -1.13 -1.47
N GLY A 97 14.36 -1.07 -1.19
CA GLY A 97 13.90 -0.93 0.17
C GLY A 97 13.75 0.51 0.57
N GLU A 98 13.64 1.38 -0.43
CA GLU A 98 13.56 2.81 -0.20
C GLU A 98 12.27 3.37 -0.78
N VAL A 99 11.90 4.57 -0.35
CA VAL A 99 10.65 5.18 -0.78
C VAL A 99 10.84 6.06 -1.99
N VAL A 100 9.87 6.03 -2.89
CA VAL A 100 9.85 6.94 -4.03
C VAL A 100 8.79 8.02 -3.82
N TYR A 101 7.80 7.71 -3.00
CA TYR A 101 6.69 8.63 -2.73
C TYR A 101 5.97 8.22 -1.45
N ARG A 102 5.44 9.20 -0.73
CA ARG A 102 4.67 8.93 0.49
C ARG A 102 3.29 9.55 0.38
N LEU A 103 2.26 8.74 0.57
CA LEU A 103 0.89 9.22 0.46
C LEU A 103 0.19 9.15 1.81
N VAL A 104 -0.05 10.31 2.39
CA VAL A 104 -0.72 10.41 3.68
C VAL A 104 -2.21 10.65 3.49
N GLY A 105 -3.02 9.68 3.88
CA GLY A 105 -4.45 9.78 3.69
C GLY A 105 -4.93 8.85 2.61
N ALA A 106 -6.05 9.16 2.00
CA ALA A 106 -6.61 8.32 0.95
C ALA A 106 -7.42 9.14 -0.05
N GLU A 107 -7.42 8.69 -1.29
CA GLU A 107 -8.21 9.30 -2.34
C GLU A 107 -9.27 8.31 -2.82
N ASP A 108 -10.09 8.72 -3.77
CA ASP A 108 -11.04 7.79 -4.37
C ASP A 108 -10.32 6.94 -5.41
N ALA A 109 -11.02 5.97 -5.99
CA ALA A 109 -10.38 4.98 -6.87
C ALA A 109 -9.58 5.63 -8.02
N PRO A 110 -10.18 6.51 -8.85
CA PRO A 110 -9.48 7.11 -10.00
C PRO A 110 -8.28 7.96 -9.58
N GLU A 111 -8.48 8.79 -8.56
CA GLU A 111 -7.46 9.71 -8.10
C GLU A 111 -6.35 9.00 -7.33
N LEU A 112 -6.67 7.88 -6.70
CA LEU A 112 -5.67 7.12 -5.97
C LEU A 112 -4.63 6.58 -6.95
N LEU A 113 -5.11 6.00 -8.04
CA LEU A 113 -4.22 5.53 -9.10
C LEU A 113 -3.36 6.67 -9.62
N LYS A 114 -3.94 7.86 -9.70
CA LYS A 114 -3.23 9.05 -10.14
C LYS A 114 -2.08 9.37 -9.17
N LYS A 115 -2.38 9.33 -7.88
CA LYS A 115 -1.39 9.60 -6.84
C LYS A 115 -0.22 8.63 -6.94
N VAL A 116 -0.54 7.35 -7.10
CA VAL A 116 0.49 6.31 -7.20
C VAL A 116 1.28 6.46 -8.50
N LYS A 117 0.56 6.71 -9.58
CA LYS A 117 1.15 6.79 -10.91
C LYS A 117 2.12 7.95 -11.02
N LEU A 118 1.71 9.12 -10.52
CA LEU A 118 2.55 10.31 -10.56
C LEU A 118 3.63 10.22 -9.47
N GLY A 119 3.40 9.37 -8.48
CA GLY A 119 4.36 9.19 -7.43
C GLY A 119 5.55 8.37 -7.86
N VAL A 120 5.32 7.45 -8.79
CA VAL A 120 6.39 6.61 -9.30
C VAL A 120 6.90 7.13 -10.64
N GLU A 121 6.32 8.23 -11.10
CA GLU A 121 6.72 8.85 -12.34
C GLU A 121 7.56 10.09 -12.06
N SER A 122 8.56 10.32 -12.90
CA SER A 122 9.44 11.46 -12.73
C SER A 122 8.85 12.69 -13.41
N GLU A 123 7.92 13.35 -12.72
CA GLU A 123 7.30 14.56 -13.23
C GLU A 123 8.33 15.67 -13.36
N GLY A 124 8.28 16.37 -14.49
CA GLY A 124 9.22 17.45 -14.73
C GLY A 124 9.96 17.25 -16.03
N ALA A 4 -17.18 -18.36 -4.49
CA ALA A 4 -16.38 -18.00 -3.29
C ALA A 4 -16.36 -16.48 -3.14
N GLN A 5 -16.21 -16.01 -1.91
CA GLN A 5 -16.17 -14.59 -1.65
C GLN A 5 -14.73 -14.10 -1.56
N ALA A 6 -14.14 -13.85 -2.71
CA ALA A 6 -12.76 -13.40 -2.79
C ALA A 6 -12.70 -12.00 -3.36
N ASP A 7 -13.87 -11.42 -3.58
CA ASP A 7 -13.98 -10.05 -4.08
C ASP A 7 -13.38 -9.08 -3.08
N GLY A 8 -12.43 -8.30 -3.53
CA GLY A 8 -11.69 -7.41 -2.64
C GLY A 8 -10.20 -7.53 -2.85
N ILE A 9 -9.46 -6.44 -2.61
CA ILE A 9 -8.02 -6.46 -2.79
C ILE A 9 -7.36 -7.35 -1.74
N ALA A 10 -6.56 -8.31 -2.19
CA ALA A 10 -5.91 -9.23 -1.29
C ALA A 10 -4.56 -8.69 -0.82
N PHE A 11 -4.60 -7.85 0.20
CA PHE A 11 -3.38 -7.35 0.83
C PHE A 11 -2.71 -8.47 1.61
N ARG A 12 -1.47 -8.76 1.24
CA ARG A 12 -0.75 -9.88 1.81
C ARG A 12 0.10 -9.40 2.98
N GLU A 13 -0.09 -10.00 4.13
CA GLU A 13 0.67 -9.61 5.31
C GLU A 13 1.83 -10.58 5.58
N LEU A 14 2.99 -10.20 5.08
CA LEU A 14 4.21 -10.96 5.28
C LEU A 14 5.15 -10.19 6.20
N SER A 15 6.21 -10.85 6.66
CA SER A 15 7.22 -10.17 7.45
C SER A 15 7.97 -9.15 6.60
N PHE A 16 8.39 -8.04 7.20
CA PHE A 16 9.01 -6.96 6.46
C PHE A 16 10.25 -7.42 5.66
N PRO A 17 11.26 -8.05 6.30
CA PRO A 17 12.45 -8.53 5.60
C PRO A 17 12.10 -9.50 4.49
N GLU A 18 11.15 -10.38 4.77
CA GLU A 18 10.69 -11.37 3.81
C GLU A 18 10.06 -10.71 2.59
N ALA A 19 9.15 -9.77 2.85
CA ALA A 19 8.43 -9.11 1.77
C ALA A 19 9.39 -8.30 0.91
N LEU A 20 10.37 -7.68 1.56
CA LEU A 20 11.39 -6.90 0.86
C LEU A 20 12.23 -7.83 -0.02
N LYS A 21 12.57 -8.98 0.55
CA LYS A 21 13.30 -10.02 -0.16
C LYS A 21 12.51 -10.45 -1.40
N ARG A 22 11.24 -10.75 -1.19
CA ARG A 22 10.33 -11.14 -2.25
C ARG A 22 10.22 -10.07 -3.33
N ALA A 23 10.05 -8.82 -2.90
CA ALA A 23 9.90 -7.71 -3.84
C ALA A 23 11.06 -7.65 -4.84
N GLU A 24 12.26 -7.91 -4.34
CA GLU A 24 13.45 -7.85 -5.18
C GLU A 24 13.50 -9.00 -6.20
N VAL A 25 13.19 -10.22 -5.76
CA VAL A 25 13.24 -11.36 -6.66
C VAL A 25 12.02 -11.37 -7.60
N GLU A 26 10.93 -10.80 -7.11
CA GLU A 26 9.71 -10.68 -7.90
C GLU A 26 9.85 -9.54 -8.90
N ASP A 27 10.83 -8.65 -8.61
CA ASP A 27 11.10 -7.48 -9.45
C ASP A 27 9.85 -6.61 -9.53
N LYS A 28 9.30 -6.31 -8.36
CA LYS A 28 8.09 -5.50 -8.26
C LYS A 28 8.24 -4.50 -7.13
N LEU A 29 7.51 -3.38 -7.24
CA LEU A 29 7.50 -2.38 -6.19
C LEU A 29 6.88 -2.98 -4.92
N LEU A 30 7.42 -2.61 -3.77
CA LEU A 30 6.87 -3.05 -2.51
C LEU A 30 5.87 -2.02 -2.02
N PHE A 31 4.60 -2.30 -2.20
CA PHE A 31 3.54 -1.39 -1.78
C PHE A 31 3.08 -1.76 -0.38
N VAL A 32 3.43 -0.94 0.59
CA VAL A 32 3.12 -1.21 1.98
C VAL A 32 1.96 -0.35 2.44
N ASP A 33 0.92 -1.01 2.95
CA ASP A 33 -0.23 -0.33 3.52
C ASP A 33 -0.13 -0.32 5.04
N CYS A 34 -0.06 0.88 5.62
CA CYS A 34 -0.09 1.04 7.06
C CYS A 34 -1.25 1.95 7.43
N PHE A 35 -2.26 1.40 8.09
CA PHE A 35 -3.46 2.16 8.40
C PHE A 35 -3.59 2.39 9.89
N THR A 36 -4.29 3.46 10.24
CA THR A 36 -4.59 3.76 11.63
C THR A 36 -6.03 3.33 11.97
N THR A 37 -6.25 2.95 13.22
CA THR A 37 -7.56 2.51 13.70
C THR A 37 -8.57 3.65 13.80
N TRP A 38 -8.25 4.76 13.15
CA TRP A 38 -9.10 5.94 13.18
C TRP A 38 -10.42 5.67 12.44
N CYS A 39 -10.38 4.68 11.54
CA CYS A 39 -11.57 4.21 10.82
C CYS A 39 -12.22 5.32 9.99
N GLY A 40 -11.41 6.27 9.54
CA GLY A 40 -11.91 7.31 8.67
C GLY A 40 -11.78 6.93 7.22
N PRO A 41 -10.85 7.57 6.49
CA PRO A 41 -10.58 7.25 5.09
C PRO A 41 -10.25 5.77 4.87
N CYS A 42 -9.61 5.15 5.88
CA CYS A 42 -9.22 3.75 5.79
C CYS A 42 -10.41 2.85 5.47
N LYS A 43 -11.51 3.04 6.19
CA LYS A 43 -12.65 2.16 6.05
C LYS A 43 -13.42 2.47 4.77
N ARG A 44 -13.49 3.75 4.42
CA ARG A 44 -14.17 4.15 3.20
C ARG A 44 -13.37 3.74 1.97
N LEU A 45 -12.04 3.75 2.11
CA LEU A 45 -11.17 3.27 1.05
C LEU A 45 -11.41 1.78 0.82
N SER A 46 -11.50 1.03 1.92
CA SER A 46 -11.73 -0.40 1.86
C SER A 46 -13.07 -0.71 1.20
N LYS A 47 -14.02 0.20 1.36
CA LYS A 47 -15.36 0.02 0.82
C LYS A 47 -15.40 0.31 -0.68
N VAL A 48 -14.45 1.09 -1.17
CA VAL A 48 -14.47 1.54 -2.56
C VAL A 48 -13.42 0.85 -3.43
N VAL A 49 -12.15 0.91 -3.00
CA VAL A 49 -11.06 0.45 -3.87
C VAL A 49 -10.93 -1.07 -3.84
N PHE A 50 -11.25 -1.68 -2.71
CA PHE A 50 -11.20 -3.14 -2.59
C PHE A 50 -12.28 -3.78 -3.46
N LYS A 51 -13.37 -3.04 -3.65
CA LYS A 51 -14.53 -3.55 -4.34
C LYS A 51 -14.23 -3.71 -5.83
N ASP A 52 -13.29 -2.93 -6.33
CA ASP A 52 -12.95 -2.94 -7.73
C ASP A 52 -11.88 -3.98 -8.02
N SER A 53 -12.27 -5.07 -8.67
CA SER A 53 -11.35 -6.16 -8.96
C SER A 53 -10.33 -5.75 -10.02
N LEU A 54 -10.73 -4.87 -10.92
CA LEU A 54 -9.84 -4.39 -11.97
C LEU A 54 -8.69 -3.60 -11.37
N VAL A 55 -9.01 -2.72 -10.43
CA VAL A 55 -7.99 -1.94 -9.74
C VAL A 55 -7.14 -2.84 -8.84
N ALA A 56 -7.79 -3.81 -8.20
CA ALA A 56 -7.09 -4.78 -7.35
C ALA A 56 -6.02 -5.52 -8.13
N ASP A 57 -6.40 -6.06 -9.28
CA ASP A 57 -5.48 -6.79 -10.15
C ASP A 57 -4.43 -5.86 -10.73
N TYR A 58 -4.83 -4.62 -11.01
CA TYR A 58 -3.91 -3.63 -11.56
C TYR A 58 -2.75 -3.40 -10.60
N PHE A 59 -3.07 -3.19 -9.33
CA PHE A 59 -2.06 -3.01 -8.31
C PHE A 59 -1.18 -4.24 -8.20
N ASN A 60 -1.80 -5.40 -7.97
CA ASN A 60 -1.09 -6.65 -7.74
C ASN A 60 -0.21 -7.05 -8.92
N ARG A 61 -0.61 -6.69 -10.13
CA ARG A 61 0.18 -7.00 -11.31
C ARG A 61 1.48 -6.19 -11.31
N HIS A 62 1.36 -4.89 -11.05
CA HIS A 62 2.50 -3.99 -11.16
C HIS A 62 3.39 -4.03 -9.93
N PHE A 63 2.80 -4.29 -8.77
CA PHE A 63 3.55 -4.34 -7.53
C PHE A 63 2.85 -5.20 -6.48
N VAL A 64 3.63 -5.68 -5.52
CA VAL A 64 3.10 -6.56 -4.49
C VAL A 64 2.41 -5.75 -3.40
N ASN A 65 1.22 -6.20 -3.01
CA ASN A 65 0.44 -5.52 -2.00
C ASN A 65 0.72 -6.10 -0.63
N LEU A 66 1.44 -5.34 0.18
CA LEU A 66 1.83 -5.76 1.53
C LEU A 66 1.09 -4.93 2.56
N LYS A 67 0.44 -5.60 3.51
CA LYS A 67 -0.26 -4.89 4.57
C LYS A 67 0.44 -5.15 5.91
N MET A 68 0.77 -4.07 6.61
CA MET A 68 1.40 -4.18 7.91
C MET A 68 0.79 -3.18 8.88
N ASP A 69 0.10 -3.70 9.89
CA ASP A 69 -0.64 -2.88 10.84
C ASP A 69 0.28 -2.02 11.68
N MET A 70 -0.24 -0.92 12.18
CA MET A 70 0.48 -0.04 13.07
C MET A 70 0.50 -0.62 14.49
N GLU A 71 -0.29 -1.65 14.70
CA GLU A 71 -0.30 -2.38 15.96
C GLU A 71 0.24 -3.79 15.75
N LYS A 72 1.00 -3.93 14.67
CA LYS A 72 1.69 -5.17 14.36
C LYS A 72 3.11 -5.09 14.93
N GLY A 73 3.74 -6.25 15.14
CA GLY A 73 5.07 -6.28 15.74
C GLY A 73 6.08 -5.43 15.00
N GLU A 74 6.25 -5.70 13.71
CA GLU A 74 7.19 -4.93 12.88
C GLU A 74 6.63 -3.57 12.54
N GLY A 75 5.33 -3.39 12.80
CA GLY A 75 4.65 -2.16 12.48
C GLY A 75 5.22 -0.97 13.21
N VAL A 76 5.74 -1.22 14.41
CA VAL A 76 6.29 -0.15 15.26
C VAL A 76 7.37 0.65 14.52
N GLU A 77 8.21 -0.02 13.74
CA GLU A 77 9.29 0.66 13.04
C GLU A 77 8.73 1.48 11.89
N LEU A 78 7.82 0.88 11.12
CA LEU A 78 7.24 1.56 9.97
C LEU A 78 6.45 2.79 10.42
N ARG A 79 5.72 2.63 11.52
CA ARG A 79 4.93 3.69 12.10
C ARG A 79 5.80 4.90 12.44
N LYS A 80 6.91 4.64 13.08
CA LYS A 80 7.83 5.69 13.51
C LYS A 80 8.60 6.25 12.33
N LYS A 81 8.90 5.39 11.38
CA LYS A 81 9.80 5.72 10.28
C LYS A 81 9.10 6.49 9.17
N TYR A 82 7.94 6.02 8.75
CA TYR A 82 7.27 6.57 7.57
C TYR A 82 6.29 7.67 7.93
N GLY A 83 6.02 7.85 9.21
CA GLY A 83 5.19 8.96 9.65
C GLY A 83 3.76 8.57 9.94
N VAL A 84 3.53 8.09 11.15
CA VAL A 84 2.18 7.78 11.61
C VAL A 84 1.34 9.05 11.70
N HIS A 85 0.08 8.94 11.31
CA HIS A 85 -0.84 10.05 11.39
C HIS A 85 -2.19 9.58 11.93
N ALA A 86 -3.07 9.21 11.02
CA ALA A 86 -4.42 8.71 11.36
C ALA A 86 -5.14 8.25 10.10
N TYR A 87 -4.36 7.93 9.09
CA TYR A 87 -4.88 7.67 7.76
C TYR A 87 -4.35 6.34 7.25
N PRO A 88 -4.72 5.96 6.02
CA PRO A 88 -4.04 4.89 5.31
C PRO A 88 -2.75 5.39 4.69
N THR A 89 -1.64 4.86 5.16
CA THR A 89 -0.34 5.27 4.67
C THR A 89 0.13 4.33 3.57
N LEU A 90 0.08 4.81 2.34
CA LEU A 90 0.45 4.00 1.20
C LEU A 90 1.91 4.25 0.84
N LEU A 91 2.70 3.21 0.97
CA LEU A 91 4.15 3.33 0.82
C LEU A 91 4.63 2.62 -0.43
N PHE A 92 5.32 3.35 -1.29
CA PHE A 92 5.94 2.78 -2.47
C PHE A 92 7.44 2.60 -2.24
N ILE A 93 7.88 1.35 -2.13
CA ILE A 93 9.28 1.06 -1.90
C ILE A 93 9.90 0.34 -3.11
N ASN A 94 11.12 0.73 -3.46
CA ASN A 94 11.83 0.15 -4.59
C ASN A 94 12.38 -1.22 -4.27
N SER A 95 12.81 -1.94 -5.30
CA SER A 95 13.44 -3.24 -5.14
C SER A 95 14.77 -3.08 -4.40
N SER A 96 15.36 -1.90 -4.53
CA SER A 96 16.61 -1.58 -3.88
C SER A 96 16.40 -1.26 -2.39
N GLY A 97 15.15 -1.35 -1.94
CA GLY A 97 14.84 -1.08 -0.54
C GLY A 97 14.81 0.41 -0.24
N GLU A 98 14.51 1.21 -1.26
CA GLU A 98 14.48 2.65 -1.11
C GLU A 98 13.06 3.17 -1.28
N VAL A 99 12.70 4.19 -0.52
CA VAL A 99 11.40 4.81 -0.66
C VAL A 99 11.38 5.72 -1.88
N VAL A 100 10.38 5.54 -2.73
CA VAL A 100 10.27 6.36 -3.93
C VAL A 100 9.13 7.37 -3.79
N TYR A 101 7.99 6.93 -3.28
CA TYR A 101 6.87 7.83 -3.06
C TYR A 101 6.16 7.49 -1.76
N ARG A 102 5.92 8.51 -0.96
CA ARG A 102 5.15 8.37 0.27
C ARG A 102 3.79 9.00 0.11
N LEU A 103 2.75 8.21 0.25
CA LEU A 103 1.40 8.71 0.09
C LEU A 103 0.63 8.62 1.41
N VAL A 104 0.43 9.76 2.04
CA VAL A 104 -0.39 9.82 3.25
C VAL A 104 -1.76 10.40 2.91
N GLY A 105 -2.74 9.51 2.81
CA GLY A 105 -4.08 9.92 2.45
C GLY A 105 -4.67 8.96 1.44
N ALA A 106 -5.99 9.03 1.27
CA ALA A 106 -6.69 8.14 0.36
C ALA A 106 -8.04 8.70 -0.02
N GLU A 107 -8.22 8.94 -1.31
CA GLU A 107 -9.47 9.44 -1.84
C GLU A 107 -10.27 8.29 -2.45
N ASP A 108 -11.39 8.60 -3.06
CA ASP A 108 -12.20 7.61 -3.78
C ASP A 108 -11.32 6.91 -4.82
N ALA A 109 -11.66 5.66 -5.14
CA ALA A 109 -10.79 4.79 -5.96
C ALA A 109 -10.18 5.49 -7.20
N PRO A 110 -10.98 6.11 -8.09
CA PRO A 110 -10.44 6.79 -9.28
C PRO A 110 -9.47 7.91 -8.93
N GLU A 111 -9.75 8.62 -7.84
CA GLU A 111 -8.91 9.71 -7.40
C GLU A 111 -7.62 9.20 -6.79
N LEU A 112 -7.72 8.10 -6.03
CA LEU A 112 -6.55 7.47 -5.44
C LEU A 112 -5.61 6.98 -6.53
N LEU A 113 -6.16 6.19 -7.44
CA LEU A 113 -5.41 5.64 -8.56
C LEU A 113 -4.72 6.76 -9.35
N LYS A 114 -5.40 7.89 -9.46
CA LYS A 114 -4.86 9.05 -10.17
C LYS A 114 -3.66 9.62 -9.43
N LYS A 115 -3.75 9.69 -8.10
CA LYS A 115 -2.65 10.15 -7.28
C LYS A 115 -1.46 9.20 -7.36
N VAL A 116 -1.76 7.91 -7.48
CA VAL A 116 -0.73 6.90 -7.67
C VAL A 116 0.07 7.18 -8.94
N LYS A 117 -0.64 7.54 -10.00
CA LYS A 117 0.00 7.88 -11.27
C LYS A 117 0.93 9.09 -11.12
N LEU A 118 0.48 10.08 -10.35
CA LEU A 118 1.27 11.26 -10.06
C LEU A 118 2.45 10.92 -9.15
N GLY A 119 2.38 9.77 -8.50
CA GLY A 119 3.44 9.36 -7.61
C GLY A 119 4.50 8.51 -8.32
N VAL A 120 4.05 7.59 -9.15
CA VAL A 120 4.94 6.69 -9.87
C VAL A 120 5.77 7.45 -10.91
N GLU A 121 5.16 8.48 -11.50
CA GLU A 121 5.82 9.30 -12.52
C GLU A 121 6.00 8.52 -13.82
N SER A 122 5.22 8.90 -14.82
CA SER A 122 5.28 8.27 -16.13
C SER A 122 4.85 9.25 -17.21
N GLU A 123 5.60 9.32 -18.30
CA GLU A 123 5.30 10.22 -19.38
C GLU A 123 4.30 9.58 -20.34
N GLY A 124 3.08 10.09 -20.33
CA GLY A 124 2.03 9.57 -21.17
C GLY A 124 0.67 9.81 -20.58
N ALA A 4 -18.43 -9.16 -11.51
CA ALA A 4 -18.84 -10.57 -11.34
C ALA A 4 -18.99 -10.93 -9.87
N GLN A 5 -17.86 -11.05 -9.18
CA GLN A 5 -17.86 -11.33 -7.74
C GLN A 5 -17.22 -10.16 -7.00
N ALA A 6 -15.96 -9.92 -7.31
CA ALA A 6 -15.21 -8.77 -6.80
C ALA A 6 -14.92 -8.89 -5.31
N ASP A 7 -13.77 -9.48 -4.99
CA ASP A 7 -13.32 -9.61 -3.61
C ASP A 7 -12.47 -8.42 -3.22
N GLY A 8 -11.89 -7.75 -4.23
CA GLY A 8 -11.14 -6.54 -3.99
C GLY A 8 -9.65 -6.78 -4.01
N ILE A 9 -8.90 -5.82 -3.48
CA ILE A 9 -7.45 -5.94 -3.40
C ILE A 9 -7.08 -6.91 -2.29
N ALA A 10 -6.06 -7.71 -2.51
CA ALA A 10 -5.62 -8.67 -1.52
C ALA A 10 -4.24 -8.34 -0.99
N PHE A 11 -4.18 -7.84 0.23
CA PHE A 11 -2.91 -7.51 0.86
C PHE A 11 -2.40 -8.71 1.66
N ARG A 12 -1.13 -9.02 1.50
CA ARG A 12 -0.53 -10.14 2.20
C ARG A 12 0.28 -9.63 3.39
N GLU A 13 0.16 -10.31 4.52
CA GLU A 13 0.79 -9.87 5.75
C GLU A 13 2.15 -10.53 5.94
N LEU A 14 3.20 -9.84 5.49
CA LEU A 14 4.56 -10.34 5.58
C LEU A 14 5.46 -9.31 6.24
N SER A 15 6.61 -9.76 6.73
CA SER A 15 7.60 -8.86 7.29
C SER A 15 8.23 -8.01 6.19
N PHE A 16 8.84 -6.89 6.58
CA PHE A 16 9.43 -5.95 5.63
C PHE A 16 10.52 -6.62 4.76
N PRO A 17 11.55 -7.24 5.37
CA PRO A 17 12.60 -7.93 4.61
C PRO A 17 12.03 -9.07 3.76
N GLU A 18 11.00 -9.72 4.28
CA GLU A 18 10.35 -10.82 3.58
C GLU A 18 9.73 -10.36 2.28
N ALA A 19 8.97 -9.28 2.36
CA ALA A 19 8.29 -8.74 1.19
C ALA A 19 9.30 -8.23 0.18
N LEU A 20 10.33 -7.53 0.68
CA LEU A 20 11.40 -7.00 -0.15
C LEU A 20 12.08 -8.12 -0.93
N LYS A 21 12.50 -9.14 -0.21
CA LYS A 21 13.15 -10.31 -0.80
C LYS A 21 12.27 -10.95 -1.87
N ARG A 22 11.01 -11.16 -1.51
CA ARG A 22 10.04 -11.75 -2.39
C ARG A 22 9.88 -10.92 -3.67
N ALA A 23 9.86 -9.61 -3.51
CA ALA A 23 9.69 -8.72 -4.65
C ALA A 23 10.90 -8.72 -5.56
N GLU A 24 12.08 -8.95 -5.01
CA GLU A 24 13.30 -8.99 -5.81
C GLU A 24 13.27 -10.16 -6.78
N VAL A 25 12.91 -11.34 -6.29
CA VAL A 25 12.89 -12.54 -7.14
C VAL A 25 11.72 -12.52 -8.11
N GLU A 26 10.65 -11.82 -7.75
CA GLU A 26 9.48 -11.68 -8.61
C GLU A 26 9.69 -10.54 -9.61
N ASP A 27 10.69 -9.70 -9.32
CA ASP A 27 10.94 -8.48 -10.09
C ASP A 27 9.69 -7.59 -10.09
N LYS A 28 9.39 -7.04 -8.92
CA LYS A 28 8.17 -6.27 -8.74
C LYS A 28 8.36 -5.29 -7.58
N LEU A 29 7.62 -4.19 -7.61
CA LEU A 29 7.79 -3.15 -6.58
C LEU A 29 6.89 -3.42 -5.38
N LEU A 30 7.23 -2.84 -4.24
CA LEU A 30 6.49 -3.04 -3.01
C LEU A 30 5.45 -1.95 -2.81
N PHE A 31 4.19 -2.36 -2.68
CA PHE A 31 3.14 -1.45 -2.32
C PHE A 31 2.69 -1.76 -0.91
N VAL A 32 3.12 -0.95 0.03
CA VAL A 32 2.83 -1.19 1.44
C VAL A 32 1.70 -0.28 1.91
N ASP A 33 0.63 -0.89 2.38
CA ASP A 33 -0.49 -0.14 2.95
C ASP A 33 -0.49 -0.26 4.45
N CYS A 34 -0.56 0.88 5.13
CA CYS A 34 -0.65 0.91 6.57
C CYS A 34 -1.88 1.69 7.00
N PHE A 35 -2.86 1.00 7.56
CA PHE A 35 -4.06 1.65 8.05
C PHE A 35 -4.05 1.64 9.57
N THR A 36 -4.80 2.55 10.17
CA THR A 36 -4.84 2.65 11.62
C THR A 36 -6.09 1.96 12.16
N THR A 37 -6.09 1.68 13.46
CA THR A 37 -7.17 0.92 14.09
C THR A 37 -8.46 1.72 14.23
N TRP A 38 -8.36 3.05 14.24
CA TRP A 38 -9.55 3.89 14.34
C TRP A 38 -10.43 3.72 13.11
N CYS A 39 -11.68 4.09 13.22
CA CYS A 39 -12.62 3.93 12.14
C CYS A 39 -12.66 5.17 11.25
N GLY A 40 -13.38 5.08 10.15
CA GLY A 40 -13.50 6.20 9.25
C GLY A 40 -12.95 5.90 7.87
N PRO A 41 -11.81 6.51 7.52
CA PRO A 41 -11.17 6.35 6.20
C PRO A 41 -10.88 4.89 5.86
N CYS A 42 -10.67 4.06 6.88
CA CYS A 42 -10.38 2.65 6.66
C CYS A 42 -11.54 1.95 5.95
N LYS A 43 -12.73 2.00 6.56
CA LYS A 43 -13.90 1.35 5.98
C LYS A 43 -14.28 1.99 4.65
N ARG A 44 -14.00 3.28 4.53
CA ARG A 44 -14.26 4.02 3.30
C ARG A 44 -13.54 3.35 2.14
N LEU A 45 -12.30 2.93 2.40
CA LEU A 45 -11.51 2.23 1.41
C LEU A 45 -11.98 0.78 1.29
N SER A 46 -12.23 0.15 2.45
CA SER A 46 -12.65 -1.24 2.50
C SER A 46 -13.86 -1.52 1.61
N LYS A 47 -14.71 -0.53 1.41
CA LYS A 47 -15.86 -0.69 0.55
C LYS A 47 -15.53 -0.34 -0.90
N VAL A 48 -14.86 0.79 -1.10
CA VAL A 48 -14.68 1.34 -2.45
C VAL A 48 -13.53 0.67 -3.20
N VAL A 49 -12.33 0.65 -2.63
CA VAL A 49 -11.18 0.14 -3.36
C VAL A 49 -11.10 -1.38 -3.27
N PHE A 50 -11.74 -1.96 -2.26
CA PHE A 50 -11.78 -3.40 -2.11
C PHE A 50 -13.01 -4.00 -2.80
N LYS A 51 -13.41 -3.37 -3.89
CA LYS A 51 -14.47 -3.90 -4.73
C LYS A 51 -14.04 -3.93 -6.19
N ASP A 52 -13.71 -2.76 -6.72
CA ASP A 52 -13.44 -2.59 -8.14
C ASP A 52 -12.40 -3.58 -8.63
N SER A 53 -12.81 -4.43 -9.56
CA SER A 53 -11.98 -5.51 -10.05
C SER A 53 -10.82 -4.97 -10.88
N LEU A 54 -11.03 -3.84 -11.54
CA LEU A 54 -10.00 -3.24 -12.37
C LEU A 54 -8.88 -2.67 -11.49
N VAL A 55 -9.28 -1.91 -10.47
CA VAL A 55 -8.33 -1.38 -9.50
C VAL A 55 -7.62 -2.52 -8.79
N ALA A 56 -8.39 -3.51 -8.35
CA ALA A 56 -7.85 -4.67 -7.67
C ALA A 56 -6.88 -5.43 -8.55
N ASP A 57 -7.21 -5.54 -9.83
CA ASP A 57 -6.36 -6.24 -10.79
C ASP A 57 -5.02 -5.54 -10.93
N TYR A 58 -5.06 -4.22 -11.07
CA TYR A 58 -3.87 -3.43 -11.30
C TYR A 58 -2.87 -3.58 -10.14
N PHE A 59 -3.37 -3.45 -8.91
CA PHE A 59 -2.52 -3.55 -7.74
C PHE A 59 -2.02 -4.98 -7.52
N ASN A 60 -2.93 -5.95 -7.57
CA ASN A 60 -2.58 -7.35 -7.35
C ASN A 60 -1.57 -7.84 -8.38
N ARG A 61 -1.62 -7.26 -9.57
CA ARG A 61 -0.77 -7.69 -10.67
C ARG A 61 0.57 -6.95 -10.67
N HIS A 62 0.51 -5.62 -10.66
CA HIS A 62 1.71 -4.81 -10.91
C HIS A 62 2.53 -4.58 -9.65
N PHE A 63 1.94 -4.77 -8.48
CA PHE A 63 2.64 -4.48 -7.23
C PHE A 63 2.54 -5.65 -6.26
N VAL A 64 3.43 -5.65 -5.29
CA VAL A 64 3.33 -6.58 -4.18
C VAL A 64 2.63 -5.89 -3.02
N ASN A 65 1.41 -6.31 -2.74
CA ASN A 65 0.57 -5.66 -1.74
C ASN A 65 0.91 -6.13 -0.35
N LEU A 66 1.62 -5.29 0.39
CA LEU A 66 2.04 -5.62 1.74
C LEU A 66 1.12 -4.97 2.76
N LYS A 67 0.58 -5.77 3.66
CA LYS A 67 -0.30 -5.28 4.71
C LYS A 67 0.45 -5.10 6.01
N MET A 68 0.43 -3.88 6.53
CA MET A 68 1.09 -3.57 7.80
C MET A 68 0.17 -2.80 8.72
N ASP A 69 -0.05 -3.33 9.91
CA ASP A 69 -0.84 -2.65 10.92
C ASP A 69 0.09 -1.83 11.81
N MET A 70 -0.43 -0.72 12.33
CA MET A 70 0.38 0.19 13.13
C MET A 70 0.80 -0.45 14.45
N GLU A 71 0.08 -1.47 14.86
CA GLU A 71 0.32 -2.13 16.12
C GLU A 71 0.76 -3.58 15.93
N LYS A 72 1.14 -3.92 14.71
CA LYS A 72 1.50 -5.30 14.39
C LYS A 72 2.85 -5.36 13.70
N GLY A 73 3.72 -6.21 14.22
CA GLY A 73 5.04 -6.40 13.63
C GLY A 73 5.88 -5.15 13.68
N GLU A 74 6.47 -4.79 12.56
CA GLU A 74 7.31 -3.61 12.47
C GLU A 74 6.50 -2.37 12.10
N GLY A 75 5.17 -2.51 12.08
CA GLY A 75 4.30 -1.41 11.72
C GLY A 75 4.53 -0.18 12.58
N VAL A 76 4.75 -0.40 13.87
CA VAL A 76 5.00 0.70 14.80
C VAL A 76 6.32 1.39 14.49
N GLU A 77 7.32 0.61 14.08
CA GLU A 77 8.62 1.18 13.74
C GLU A 77 8.51 1.96 12.43
N LEU A 78 7.73 1.43 11.50
CA LEU A 78 7.50 2.10 10.22
C LEU A 78 6.83 3.46 10.45
N ARG A 79 5.89 3.49 11.40
CA ARG A 79 5.19 4.71 11.75
C ARG A 79 6.18 5.79 12.19
N LYS A 80 7.14 5.40 13.02
CA LYS A 80 8.15 6.32 13.53
C LYS A 80 9.21 6.60 12.47
N LYS A 81 9.44 5.63 11.60
CA LYS A 81 10.45 5.71 10.57
C LYS A 81 10.08 6.75 9.52
N TYR A 82 8.85 6.67 9.02
CA TYR A 82 8.41 7.53 7.92
C TYR A 82 7.66 8.75 8.43
N GLY A 83 7.45 8.79 9.74
CA GLY A 83 6.80 9.94 10.37
C GLY A 83 5.41 10.17 9.84
N VAL A 84 4.66 9.10 9.66
CA VAL A 84 3.31 9.18 9.11
C VAL A 84 2.32 9.64 10.19
N HIS A 85 1.39 10.50 9.81
CA HIS A 85 0.44 11.06 10.78
C HIS A 85 -1.00 10.89 10.30
N ALA A 86 -1.20 10.14 9.23
CA ALA A 86 -2.53 9.95 8.66
C ALA A 86 -3.11 8.61 9.08
N TYR A 87 -4.33 8.33 8.63
CA TYR A 87 -4.99 7.07 8.96
C TYR A 87 -4.68 5.99 7.92
N PRO A 88 -4.89 6.28 6.61
CA PRO A 88 -4.44 5.41 5.54
C PRO A 88 -3.05 5.81 5.04
N THR A 89 -2.18 4.84 4.80
CA THR A 89 -0.82 5.15 4.40
C THR A 89 -0.37 4.30 3.22
N LEU A 90 -0.13 4.94 2.09
CA LEU A 90 0.32 4.25 0.88
C LEU A 90 1.81 4.48 0.68
N LEU A 91 2.59 3.42 0.85
CA LEU A 91 4.03 3.56 0.81
C LEU A 91 4.63 2.77 -0.36
N PHE A 92 5.56 3.39 -1.07
CA PHE A 92 6.21 2.75 -2.21
C PHE A 92 7.65 2.42 -1.88
N ILE A 93 7.93 1.13 -1.73
CA ILE A 93 9.27 0.68 -1.40
C ILE A 93 9.94 0.08 -2.63
N ASN A 94 11.16 0.52 -2.91
CA ASN A 94 11.89 0.05 -4.09
C ASN A 94 12.91 -1.02 -3.70
N SER A 95 13.66 -1.49 -4.69
CA SER A 95 14.61 -2.58 -4.49
C SER A 95 15.74 -2.20 -3.55
N SER A 96 15.97 -0.90 -3.36
CA SER A 96 17.03 -0.43 -2.48
C SER A 96 16.61 -0.53 -1.01
N GLY A 97 15.39 -1.02 -0.78
CA GLY A 97 14.90 -1.21 0.57
C GLY A 97 14.56 0.11 1.24
N GLU A 98 14.13 1.07 0.45
CA GLU A 98 13.80 2.39 0.95
C GLU A 98 12.59 2.97 0.22
N VAL A 99 12.20 4.18 0.58
CA VAL A 99 11.07 4.83 -0.04
C VAL A 99 11.54 5.98 -0.92
N VAL A 100 10.79 6.30 -1.96
CA VAL A 100 11.07 7.46 -2.79
C VAL A 100 10.03 8.55 -2.52
N TYR A 101 8.77 8.16 -2.52
CA TYR A 101 7.69 9.10 -2.23
C TYR A 101 6.80 8.56 -1.12
N ARG A 102 6.62 9.38 -0.09
CA ARG A 102 5.71 9.05 1.01
C ARG A 102 4.33 9.60 0.72
N LEU A 103 3.33 8.75 0.79
CA LEU A 103 1.97 9.17 0.49
C LEU A 103 1.04 8.80 1.64
N VAL A 104 0.53 9.81 2.32
CA VAL A 104 -0.42 9.59 3.40
C VAL A 104 -1.80 10.09 2.98
N GLY A 105 -2.83 9.34 3.35
CA GLY A 105 -4.19 9.71 2.98
C GLY A 105 -4.69 8.87 1.82
N ALA A 106 -5.97 8.99 1.51
CA ALA A 106 -6.56 8.21 0.43
C ALA A 106 -7.64 9.00 -0.29
N GLU A 107 -7.98 8.57 -1.50
CA GLU A 107 -8.92 9.27 -2.36
C GLU A 107 -9.98 8.29 -2.87
N ASP A 108 -10.84 8.77 -3.77
CA ASP A 108 -11.76 7.89 -4.47
C ASP A 108 -10.95 6.95 -5.37
N ALA A 109 -11.55 5.86 -5.83
CA ALA A 109 -10.82 4.80 -6.54
C ALA A 109 -10.00 5.33 -7.72
N PRO A 110 -10.61 6.02 -8.71
CA PRO A 110 -9.88 6.54 -9.88
C PRO A 110 -8.82 7.57 -9.50
N GLU A 111 -9.16 8.43 -8.54
CA GLU A 111 -8.27 9.50 -8.11
C GLU A 111 -7.07 8.95 -7.33
N LEU A 112 -7.32 7.93 -6.52
CA LEU A 112 -6.26 7.28 -5.76
C LEU A 112 -5.20 6.74 -6.71
N LEU A 113 -5.68 6.02 -7.71
CA LEU A 113 -4.79 5.44 -8.73
C LEU A 113 -3.99 6.52 -9.44
N LYS A 114 -4.60 7.68 -9.63
CA LYS A 114 -3.92 8.81 -10.24
C LYS A 114 -2.78 9.31 -9.35
N LYS A 115 -3.09 9.59 -8.09
CA LYS A 115 -2.13 10.22 -7.19
C LYS A 115 -0.91 9.35 -6.95
N VAL A 116 -1.09 8.05 -6.84
CA VAL A 116 0.00 7.15 -6.62
C VAL A 116 0.90 7.05 -7.85
N LYS A 117 0.29 6.92 -9.03
CA LYS A 117 1.06 6.86 -10.28
C LYS A 117 1.73 8.19 -10.57
N LEU A 118 1.07 9.28 -10.21
CA LEU A 118 1.61 10.62 -10.41
C LEU A 118 2.82 10.83 -9.53
N GLY A 119 2.76 10.33 -8.30
CA GLY A 119 3.85 10.50 -7.36
C GLY A 119 5.13 9.80 -7.79
N VAL A 120 4.97 8.63 -8.40
CA VAL A 120 6.12 7.81 -8.78
C VAL A 120 6.58 8.09 -10.22
N GLU A 121 5.88 9.00 -10.90
CA GLU A 121 6.18 9.35 -12.29
C GLU A 121 6.13 8.11 -13.20
N SER A 122 4.95 7.80 -13.70
CA SER A 122 4.77 6.63 -14.55
C SER A 122 5.20 6.92 -15.98
N GLU A 123 4.50 7.84 -16.63
CA GLU A 123 4.79 8.17 -18.02
C GLU A 123 4.24 9.55 -18.38
N GLY A 124 3.00 9.81 -17.97
CA GLY A 124 2.37 11.08 -18.27
C GLY A 124 1.00 10.90 -18.88
N ALA A 4 -11.54 -19.19 -4.68
CA ALA A 4 -12.72 -19.16 -5.57
C ALA A 4 -13.20 -17.72 -5.77
N GLN A 5 -13.38 -16.98 -4.68
CA GLN A 5 -13.77 -15.58 -4.77
C GLN A 5 -12.55 -14.68 -4.73
N ALA A 6 -12.57 -13.64 -5.55
CA ALA A 6 -11.51 -12.67 -5.60
C ALA A 6 -12.08 -11.26 -5.71
N ASP A 7 -12.38 -10.66 -4.57
CA ASP A 7 -13.05 -9.37 -4.54
C ASP A 7 -12.06 -8.27 -4.15
N GLY A 8 -11.58 -7.53 -5.14
CA GLY A 8 -10.71 -6.42 -4.88
C GLY A 8 -9.24 -6.80 -4.93
N ILE A 9 -8.45 -6.16 -4.09
CA ILE A 9 -7.01 -6.37 -4.06
C ILE A 9 -6.65 -7.47 -3.08
N ALA A 10 -5.75 -8.36 -3.50
CA ALA A 10 -5.36 -9.49 -2.67
C ALA A 10 -4.07 -9.18 -1.89
N PHE A 11 -4.22 -9.00 -0.59
CA PHE A 11 -3.09 -8.70 0.27
C PHE A 11 -2.50 -9.96 0.87
N ARG A 12 -1.21 -9.92 1.20
CA ARG A 12 -0.55 -11.05 1.82
C ARG A 12 -0.02 -10.67 3.21
N GLU A 13 0.08 -11.69 4.07
CA GLU A 13 0.56 -11.50 5.43
C GLU A 13 2.04 -11.88 5.55
N LEU A 14 2.90 -10.89 5.44
CA LEU A 14 4.33 -11.08 5.53
C LEU A 14 4.94 -9.93 6.31
N SER A 15 6.18 -10.11 6.76
CA SER A 15 6.91 -9.02 7.37
C SER A 15 7.68 -8.24 6.31
N PHE A 16 8.31 -7.14 6.70
CA PHE A 16 9.06 -6.31 5.77
C PHE A 16 10.20 -7.12 5.10
N PRO A 17 11.07 -7.79 5.89
CA PRO A 17 12.15 -8.63 5.33
C PRO A 17 11.61 -9.73 4.41
N GLU A 18 10.45 -10.27 4.75
CA GLU A 18 9.81 -11.30 3.95
C GLU A 18 9.38 -10.74 2.60
N ALA A 19 8.81 -9.55 2.63
CA ALA A 19 8.35 -8.92 1.41
C ALA A 19 9.54 -8.48 0.56
N LEU A 20 10.61 -8.05 1.22
CA LEU A 20 11.83 -7.64 0.52
C LEU A 20 12.48 -8.85 -0.13
N LYS A 21 12.39 -9.98 0.56
CA LYS A 21 12.81 -11.26 0.02
C LYS A 21 12.07 -11.55 -1.30
N ARG A 22 10.75 -11.43 -1.24
CA ARG A 22 9.91 -11.57 -2.42
C ARG A 22 10.29 -10.54 -3.48
N ALA A 23 10.66 -9.35 -3.04
CA ALA A 23 11.06 -8.28 -3.95
C ALA A 23 12.27 -8.68 -4.78
N GLU A 24 13.19 -9.43 -4.19
CA GLU A 24 14.36 -9.90 -4.94
C GLU A 24 13.94 -10.93 -5.99
N VAL A 25 12.97 -11.76 -5.64
CA VAL A 25 12.50 -12.80 -6.55
C VAL A 25 11.66 -12.22 -7.68
N GLU A 26 10.60 -11.50 -7.33
CA GLU A 26 9.66 -10.98 -8.32
C GLU A 26 10.22 -9.75 -9.03
N ASP A 27 11.06 -8.99 -8.31
CA ASP A 27 11.59 -7.73 -8.83
C ASP A 27 10.44 -6.78 -9.13
N LYS A 28 9.44 -6.83 -8.27
CA LYS A 28 8.22 -6.07 -8.42
C LYS A 28 8.14 -5.02 -7.32
N LEU A 29 7.46 -3.91 -7.60
CA LEU A 29 7.33 -2.83 -6.63
C LEU A 29 6.49 -3.28 -5.43
N LEU A 30 6.84 -2.77 -4.25
CA LEU A 30 6.16 -3.18 -3.03
C LEU A 30 5.06 -2.19 -2.66
N PHE A 31 3.88 -2.72 -2.38
CA PHE A 31 2.76 -1.92 -1.93
C PHE A 31 2.43 -2.30 -0.49
N VAL A 32 2.84 -1.46 0.44
CA VAL A 32 2.63 -1.76 1.86
C VAL A 32 1.47 -0.95 2.41
N ASP A 33 0.40 -1.63 2.75
CA ASP A 33 -0.77 -1.01 3.37
C ASP A 33 -0.55 -0.90 4.87
N CYS A 34 -0.50 0.32 5.36
CA CYS A 34 -0.36 0.56 6.78
C CYS A 34 -1.62 1.21 7.32
N PHE A 35 -2.33 0.49 8.17
CA PHE A 35 -3.62 0.94 8.65
C PHE A 35 -3.57 1.29 10.13
N THR A 36 -4.40 2.23 10.52
CA THR A 36 -4.62 2.53 11.92
C THR A 36 -5.94 1.89 12.34
N THR A 37 -6.07 1.54 13.62
CA THR A 37 -7.27 0.91 14.15
C THR A 37 -8.44 1.89 14.25
N TRP A 38 -8.31 3.03 13.59
CA TRP A 38 -9.34 4.05 13.60
C TRP A 38 -10.50 3.66 12.69
N CYS A 39 -11.71 3.72 13.21
CA CYS A 39 -12.89 3.38 12.44
C CYS A 39 -13.43 4.62 11.73
N GLY A 40 -13.39 4.58 10.40
CA GLY A 40 -13.86 5.71 9.61
C GLY A 40 -13.32 5.69 8.20
N PRO A 41 -12.24 6.45 7.93
CA PRO A 41 -11.60 6.53 6.59
C PRO A 41 -11.29 5.16 6.00
N CYS A 42 -11.01 4.18 6.86
CA CYS A 42 -10.71 2.83 6.43
C CYS A 42 -11.85 2.24 5.61
N LYS A 43 -13.08 2.49 6.04
CA LYS A 43 -14.26 1.99 5.36
C LYS A 43 -14.47 2.74 4.05
N ARG A 44 -14.21 4.04 4.09
CA ARG A 44 -14.33 4.88 2.90
C ARG A 44 -13.42 4.38 1.79
N LEU A 45 -12.22 3.98 2.18
CA LEU A 45 -11.23 3.43 1.24
C LEU A 45 -11.67 2.06 0.76
N SER A 46 -11.91 1.16 1.70
CA SER A 46 -12.21 -0.24 1.40
C SER A 46 -13.45 -0.38 0.51
N LYS A 47 -14.39 0.54 0.67
CA LYS A 47 -15.65 0.49 -0.04
C LYS A 47 -15.46 0.65 -1.56
N VAL A 48 -14.48 1.45 -1.96
CA VAL A 48 -14.27 1.75 -3.37
C VAL A 48 -13.02 1.08 -3.94
N VAL A 49 -11.88 1.28 -3.31
CA VAL A 49 -10.60 0.90 -3.90
C VAL A 49 -10.38 -0.61 -3.86
N PHE A 50 -11.01 -1.28 -2.90
CA PHE A 50 -10.90 -2.72 -2.77
C PHE A 50 -12.14 -3.39 -3.34
N LYS A 51 -12.88 -2.65 -4.14
CA LYS A 51 -14.09 -3.16 -4.75
C LYS A 51 -14.01 -3.00 -6.27
N ASP A 52 -13.36 -1.92 -6.72
CA ASP A 52 -13.22 -1.67 -8.15
C ASP A 52 -12.20 -2.61 -8.78
N SER A 53 -12.64 -3.36 -9.78
CA SER A 53 -11.84 -4.38 -10.41
C SER A 53 -10.70 -3.77 -11.24
N LEU A 54 -10.89 -2.55 -11.70
CA LEU A 54 -9.89 -1.87 -12.52
C LEU A 54 -8.67 -1.51 -11.68
N VAL A 55 -8.93 -0.85 -10.55
CA VAL A 55 -7.88 -0.51 -9.60
C VAL A 55 -7.24 -1.78 -9.04
N ALA A 56 -8.08 -2.76 -8.73
CA ALA A 56 -7.61 -4.03 -8.18
C ALA A 56 -6.63 -4.72 -9.11
N ASP A 57 -7.01 -4.87 -10.38
CA ASP A 57 -6.18 -5.55 -11.37
C ASP A 57 -4.82 -4.87 -11.49
N TYR A 58 -4.83 -3.55 -11.50
CA TYR A 58 -3.62 -2.76 -11.65
C TYR A 58 -2.62 -3.05 -10.52
N PHE A 59 -3.11 -3.03 -9.29
CA PHE A 59 -2.26 -3.25 -8.12
C PHE A 59 -1.88 -4.72 -7.97
N ASN A 60 -2.83 -5.62 -8.19
CA ASN A 60 -2.58 -7.06 -8.07
C ASN A 60 -1.45 -7.50 -9.00
N ARG A 61 -1.33 -6.82 -10.13
CA ARG A 61 -0.32 -7.17 -11.13
C ARG A 61 1.01 -6.47 -10.88
N HIS A 62 0.99 -5.16 -10.73
CA HIS A 62 2.22 -4.36 -10.72
C HIS A 62 2.83 -4.21 -9.33
N PHE A 63 2.10 -4.58 -8.30
CA PHE A 63 2.58 -4.38 -6.94
C PHE A 63 2.44 -5.65 -6.12
N VAL A 64 3.38 -5.84 -5.21
CA VAL A 64 3.25 -6.89 -4.21
C VAL A 64 2.49 -6.32 -3.03
N ASN A 65 1.26 -6.78 -2.85
CA ASN A 65 0.38 -6.20 -1.86
C ASN A 65 0.63 -6.80 -0.48
N LEU A 66 1.18 -5.98 0.39
CA LEU A 66 1.50 -6.39 1.75
C LEU A 66 0.72 -5.56 2.74
N LYS A 67 0.27 -6.16 3.83
CA LYS A 67 -0.38 -5.39 4.88
C LYS A 67 0.41 -5.47 6.17
N MET A 68 0.63 -4.32 6.80
CA MET A 68 1.45 -4.24 8.00
C MET A 68 0.74 -3.48 9.11
N ASP A 69 0.82 -4.04 10.32
CA ASP A 69 0.24 -3.40 11.50
C ASP A 69 1.02 -2.15 11.88
N MET A 70 0.37 -1.30 12.65
CA MET A 70 0.96 -0.05 13.09
C MET A 70 1.51 -0.17 14.50
N GLU A 71 1.05 -1.19 15.21
CA GLU A 71 1.43 -1.40 16.60
C GLU A 71 2.23 -2.69 16.74
N LYS A 72 1.69 -3.77 16.21
CA LYS A 72 2.29 -5.08 16.35
C LYS A 72 3.52 -5.21 15.46
N GLY A 73 4.60 -5.69 16.05
CA GLY A 73 5.85 -5.83 15.32
C GLY A 73 6.66 -4.55 15.33
N GLU A 74 7.40 -4.31 14.27
CA GLU A 74 8.17 -3.08 14.16
C GLU A 74 7.35 -1.98 13.50
N GLY A 75 6.03 -2.14 13.50
CA GLY A 75 5.15 -1.15 12.88
C GLY A 75 5.32 0.23 13.49
N VAL A 76 5.55 0.26 14.80
CA VAL A 76 5.76 1.50 15.52
C VAL A 76 7.05 2.19 15.06
N GLU A 77 7.99 1.41 14.56
CA GLU A 77 9.25 1.94 14.06
C GLU A 77 9.03 2.62 12.71
N LEU A 78 8.35 1.93 11.81
CA LEU A 78 8.01 2.50 10.50
C LEU A 78 7.16 3.76 10.67
N ARG A 79 6.24 3.73 11.62
CA ARG A 79 5.39 4.88 11.90
C ARG A 79 6.23 6.10 12.27
N LYS A 80 7.23 5.88 13.10
CA LYS A 80 8.11 6.95 13.52
C LYS A 80 9.06 7.34 12.40
N LYS A 81 9.39 6.36 11.57
CA LYS A 81 10.37 6.55 10.50
C LYS A 81 9.79 7.36 9.35
N TYR A 82 8.56 7.04 8.96
CA TYR A 82 7.92 7.67 7.81
C TYR A 82 7.02 8.82 8.24
N GLY A 83 6.96 9.07 9.54
CA GLY A 83 6.15 10.16 10.06
C GLY A 83 4.67 9.93 9.84
N VAL A 84 4.17 8.84 10.39
CA VAL A 84 2.79 8.45 10.21
C VAL A 84 1.91 9.00 11.33
N HIS A 85 1.01 9.91 10.99
CA HIS A 85 0.04 10.42 11.94
C HIS A 85 -1.37 10.15 11.46
N ALA A 86 -1.53 9.94 10.17
CA ALA A 86 -2.85 9.70 9.58
C ALA A 86 -3.21 8.22 9.69
N TYR A 87 -4.42 7.89 9.25
CA TYR A 87 -4.95 6.54 9.44
C TYR A 87 -4.65 5.62 8.26
N PRO A 88 -4.99 6.02 7.00
CA PRO A 88 -4.67 5.23 5.83
C PRO A 88 -3.35 5.67 5.20
N THR A 89 -2.30 4.88 5.38
CA THR A 89 -0.99 5.24 4.85
C THR A 89 -0.51 4.19 3.84
N LEU A 90 -0.24 4.64 2.63
CA LEU A 90 0.18 3.76 1.55
C LEU A 90 1.69 3.91 1.33
N LEU A 91 2.41 2.82 1.49
CA LEU A 91 3.86 2.85 1.34
C LEU A 91 4.28 2.21 0.03
N PHE A 92 4.97 2.97 -0.79
CA PHE A 92 5.51 2.45 -2.04
C PHE A 92 7.02 2.40 -1.95
N ILE A 93 7.58 1.20 -2.07
CA ILE A 93 9.03 1.05 -1.97
C ILE A 93 9.54 0.12 -3.07
N ASN A 94 10.81 0.29 -3.43
CA ASN A 94 11.40 -0.52 -4.49
C ASN A 94 12.35 -1.56 -3.89
N SER A 95 12.92 -2.39 -4.77
CA SER A 95 13.83 -3.46 -4.34
C SER A 95 15.07 -2.90 -3.64
N SER A 96 15.47 -1.70 -4.01
CA SER A 96 16.65 -1.08 -3.42
C SER A 96 16.39 -0.72 -1.95
N GLY A 97 15.12 -0.58 -1.60
CA GLY A 97 14.78 -0.23 -0.25
C GLY A 97 14.75 1.27 -0.05
N GLU A 98 14.57 2.01 -1.13
CA GLU A 98 14.52 3.46 -1.06
C GLU A 98 13.10 3.95 -1.31
N VAL A 99 12.75 5.05 -0.71
CA VAL A 99 11.41 5.59 -0.82
C VAL A 99 11.35 6.66 -1.90
N VAL A 100 10.74 6.33 -3.02
CA VAL A 100 10.57 7.30 -4.10
C VAL A 100 9.55 8.35 -3.71
N TYR A 101 8.39 7.88 -3.23
CA TYR A 101 7.34 8.78 -2.77
C TYR A 101 6.48 8.11 -1.70
N ARG A 102 6.18 8.87 -0.67
CA ARG A 102 5.28 8.41 0.40
C ARG A 102 3.88 8.95 0.13
N LEU A 103 2.88 8.27 0.66
CA LEU A 103 1.50 8.67 0.45
C LEU A 103 0.71 8.61 1.75
N VAL A 104 0.41 9.77 2.31
CA VAL A 104 -0.35 9.85 3.55
C VAL A 104 -1.78 10.30 3.27
N GLY A 105 -2.69 9.34 3.28
CA GLY A 105 -4.07 9.62 2.95
C GLY A 105 -4.50 8.86 1.71
N ALA A 106 -5.79 8.55 1.63
CA ALA A 106 -6.28 7.72 0.54
C ALA A 106 -7.63 8.22 0.05
N GLU A 107 -7.74 8.42 -1.25
CA GLU A 107 -8.95 8.96 -1.85
C GLU A 107 -9.77 7.85 -2.49
N ASP A 108 -10.85 8.23 -3.16
CA ASP A 108 -11.71 7.27 -3.86
C ASP A 108 -10.93 6.52 -4.93
N ALA A 109 -11.51 5.43 -5.42
CA ALA A 109 -10.84 4.53 -6.36
C ALA A 109 -10.17 5.26 -7.54
N PRO A 110 -10.93 6.06 -8.32
CA PRO A 110 -10.34 6.79 -9.47
C PRO A 110 -9.26 7.79 -9.05
N GLU A 111 -9.51 8.51 -7.96
CA GLU A 111 -8.59 9.51 -7.47
C GLU A 111 -7.28 8.87 -7.00
N LEU A 112 -7.40 7.77 -6.28
CA LEU A 112 -6.24 7.05 -5.79
C LEU A 112 -5.42 6.49 -6.94
N LEU A 113 -6.13 5.87 -7.88
CA LEU A 113 -5.50 5.27 -9.05
C LEU A 113 -4.63 6.28 -9.79
N LYS A 114 -5.20 7.45 -10.07
CA LYS A 114 -4.45 8.50 -10.77
C LYS A 114 -3.37 9.09 -9.86
N LYS A 115 -3.66 9.20 -8.57
CA LYS A 115 -2.72 9.74 -7.61
C LYS A 115 -1.42 8.94 -7.62
N VAL A 116 -1.54 7.63 -7.68
CA VAL A 116 -0.39 6.73 -7.69
C VAL A 116 0.37 6.84 -9.01
N LYS A 117 -0.35 6.80 -10.12
CA LYS A 117 0.26 6.86 -11.45
C LYS A 117 0.97 8.19 -11.67
N LEU A 118 0.30 9.28 -11.31
CA LEU A 118 0.86 10.62 -11.48
C LEU A 118 1.99 10.85 -10.48
N GLY A 119 1.97 10.08 -9.39
CA GLY A 119 3.01 10.17 -8.39
C GLY A 119 4.29 9.51 -8.85
N VAL A 120 4.19 8.64 -9.85
CA VAL A 120 5.36 7.99 -10.40
C VAL A 120 5.84 8.70 -11.65
N GLU A 121 4.92 8.94 -12.59
CA GLU A 121 5.25 9.56 -13.85
C GLU A 121 5.14 11.08 -13.77
N SER A 122 6.27 11.76 -13.78
CA SER A 122 6.31 13.20 -13.71
C SER A 122 5.89 13.82 -15.04
N GLU A 123 6.19 13.13 -16.14
CA GLU A 123 5.92 13.67 -17.46
C GLU A 123 4.76 12.94 -18.13
N GLY A 124 4.00 13.66 -18.93
CA GLY A 124 2.86 13.09 -19.61
C GLY A 124 1.91 14.16 -20.10
N ALA A 4 -13.04 -7.05 5.59
CA ALA A 4 -14.07 -8.03 6.03
C ALA A 4 -14.08 -9.27 5.14
N GLN A 5 -14.45 -9.08 3.88
CA GLN A 5 -14.52 -10.20 2.93
C GLN A 5 -13.44 -10.06 1.86
N ALA A 6 -12.97 -11.18 1.34
CA ALA A 6 -12.00 -11.19 0.26
C ALA A 6 -12.70 -11.13 -1.09
N ASP A 7 -12.35 -10.14 -1.89
CA ASP A 7 -12.95 -9.95 -3.21
C ASP A 7 -12.13 -8.98 -4.05
N GLY A 8 -11.73 -7.88 -3.43
CA GLY A 8 -10.88 -6.92 -4.10
C GLY A 8 -9.41 -7.24 -3.91
N ILE A 9 -8.63 -6.21 -3.59
CA ILE A 9 -7.21 -6.38 -3.32
C ILE A 9 -6.98 -7.34 -2.15
N ALA A 10 -6.09 -8.30 -2.35
CA ALA A 10 -5.73 -9.23 -1.30
C ALA A 10 -4.37 -8.85 -0.72
N PHE A 11 -4.38 -8.00 0.29
CA PHE A 11 -3.15 -7.59 0.95
C PHE A 11 -2.63 -8.71 1.83
N ARG A 12 -1.44 -9.19 1.52
CA ARG A 12 -0.85 -10.30 2.25
C ARG A 12 0.12 -9.78 3.30
N GLU A 13 0.35 -10.58 4.34
CA GLU A 13 1.25 -10.18 5.41
C GLU A 13 2.33 -11.24 5.66
N LEU A 14 3.55 -10.87 5.39
CA LEU A 14 4.69 -11.70 5.65
C LEU A 14 5.81 -10.86 6.25
N SER A 15 6.82 -11.52 6.81
CA SER A 15 7.91 -10.82 7.47
C SER A 15 8.59 -9.85 6.50
N PHE A 16 8.92 -8.67 7.01
CA PHE A 16 9.53 -7.61 6.20
C PHE A 16 10.73 -8.12 5.38
N PRO A 17 11.73 -8.78 6.03
CA PRO A 17 12.86 -9.39 5.30
C PRO A 17 12.40 -10.28 4.14
N GLU A 18 11.38 -11.09 4.38
CA GLU A 18 10.83 -11.98 3.37
C GLU A 18 10.15 -11.20 2.26
N ALA A 19 9.37 -10.20 2.63
CA ALA A 19 8.61 -9.43 1.66
C ALA A 19 9.54 -8.61 0.77
N LEU A 20 10.56 -8.02 1.38
CA LEU A 20 11.53 -7.22 0.65
C LEU A 20 12.27 -8.09 -0.37
N LYS A 21 12.64 -9.29 0.08
CA LYS A 21 13.28 -10.26 -0.79
C LYS A 21 12.34 -10.68 -1.92
N ARG A 22 11.09 -10.92 -1.56
CA ARG A 22 10.07 -11.34 -2.50
C ARG A 22 9.88 -10.28 -3.59
N ALA A 23 9.91 -9.01 -3.20
CA ALA A 23 9.80 -7.92 -4.16
C ALA A 23 10.97 -7.95 -5.14
N GLU A 24 12.16 -8.23 -4.62
CA GLU A 24 13.37 -8.25 -5.41
C GLU A 24 13.35 -9.40 -6.42
N VAL A 25 12.96 -10.59 -5.97
CA VAL A 25 12.92 -11.76 -6.85
C VAL A 25 11.75 -11.67 -7.83
N GLU A 26 10.72 -10.92 -7.45
CA GLU A 26 9.57 -10.72 -8.32
C GLU A 26 9.84 -9.57 -9.30
N ASP A 27 10.88 -8.79 -9.01
CA ASP A 27 11.26 -7.64 -9.83
C ASP A 27 10.18 -6.56 -9.78
N LYS A 28 9.46 -6.50 -8.66
CA LYS A 28 8.41 -5.52 -8.49
C LYS A 28 8.60 -4.74 -7.20
N LEU A 29 7.75 -3.76 -6.97
CA LEU A 29 7.81 -2.95 -5.77
C LEU A 29 6.76 -3.42 -4.77
N LEU A 30 7.01 -3.10 -3.51
CA LEU A 30 6.08 -3.44 -2.44
C LEU A 30 5.07 -2.33 -2.24
N PHE A 31 3.81 -2.64 -2.50
CA PHE A 31 2.75 -1.71 -2.21
C PHE A 31 2.25 -2.00 -0.80
N VAL A 32 2.67 -1.17 0.13
CA VAL A 32 2.41 -1.41 1.54
C VAL A 32 1.16 -0.68 2.00
N ASP A 33 0.16 -1.46 2.34
CA ASP A 33 -1.07 -0.93 2.91
C ASP A 33 -0.85 -0.63 4.39
N CYS A 34 -0.64 0.63 4.70
CA CYS A 34 -0.40 1.06 6.05
C CYS A 34 -1.67 1.71 6.61
N PHE A 35 -2.28 1.07 7.58
CA PHE A 35 -3.52 1.57 8.14
C PHE A 35 -3.51 1.39 9.65
N THR A 36 -4.25 2.24 10.34
CA THR A 36 -4.38 2.11 11.77
C THR A 36 -5.70 1.41 12.08
N THR A 37 -5.76 0.77 13.24
CA THR A 37 -6.92 -0.04 13.62
C THR A 37 -8.14 0.84 13.92
N TRP A 38 -7.95 2.15 13.92
CA TRP A 38 -9.03 3.09 14.12
C TRP A 38 -9.89 3.17 12.87
N CYS A 39 -11.19 3.06 13.03
CA CYS A 39 -12.11 3.14 11.92
C CYS A 39 -12.35 4.60 11.55
N GLY A 40 -11.91 4.97 10.36
CA GLY A 40 -12.07 6.34 9.91
C GLY A 40 -12.15 6.44 8.39
N PRO A 41 -11.37 7.36 7.78
CA PRO A 41 -11.36 7.56 6.33
C PRO A 41 -11.06 6.29 5.54
N CYS A 42 -10.39 5.35 6.21
CA CYS A 42 -10.05 4.06 5.61
C CYS A 42 -11.30 3.29 5.18
N LYS A 43 -12.41 3.49 5.91
CA LYS A 43 -13.65 2.79 5.62
C LYS A 43 -14.16 3.15 4.23
N ARG A 44 -13.84 4.36 3.80
CA ARG A 44 -14.21 4.83 2.48
C ARG A 44 -13.34 4.16 1.42
N LEU A 45 -12.05 4.07 1.71
CA LEU A 45 -11.11 3.41 0.80
C LEU A 45 -11.47 1.93 0.65
N SER A 46 -11.70 1.26 1.78
CA SER A 46 -12.05 -0.15 1.77
C SER A 46 -13.32 -0.41 0.95
N LYS A 47 -14.19 0.58 0.89
CA LYS A 47 -15.46 0.45 0.19
C LYS A 47 -15.27 0.50 -1.33
N VAL A 48 -14.24 1.22 -1.79
CA VAL A 48 -14.04 1.40 -3.23
C VAL A 48 -12.97 0.47 -3.80
N VAL A 49 -11.82 0.40 -3.16
CA VAL A 49 -10.68 -0.34 -3.72
C VAL A 49 -10.87 -1.85 -3.62
N PHE A 50 -11.65 -2.28 -2.64
CA PHE A 50 -11.88 -3.71 -2.44
C PHE A 50 -13.13 -4.18 -3.20
N LYS A 51 -13.60 -3.37 -4.13
CA LYS A 51 -14.78 -3.73 -4.92
C LYS A 51 -14.49 -3.67 -6.42
N ASP A 52 -13.77 -2.65 -6.86
CA ASP A 52 -13.50 -2.48 -8.28
C ASP A 52 -12.46 -3.49 -8.75
N SER A 53 -12.86 -4.34 -9.68
CA SER A 53 -12.01 -5.41 -10.18
C SER A 53 -10.85 -4.88 -11.01
N LEU A 54 -11.03 -3.71 -11.62
CA LEU A 54 -9.98 -3.11 -12.42
C LEU A 54 -8.85 -2.64 -11.53
N VAL A 55 -9.20 -1.92 -10.49
CA VAL A 55 -8.22 -1.47 -9.51
C VAL A 55 -7.57 -2.67 -8.83
N ALA A 56 -8.38 -3.69 -8.55
CA ALA A 56 -7.91 -4.92 -7.93
C ALA A 56 -6.79 -5.55 -8.76
N ASP A 57 -7.01 -5.62 -10.07
CA ASP A 57 -6.02 -6.22 -10.96
C ASP A 57 -4.81 -5.32 -11.12
N TYR A 58 -5.07 -4.02 -11.24
CA TYR A 58 -4.03 -3.03 -11.48
C TYR A 58 -2.96 -3.08 -10.39
N PHE A 59 -3.37 -3.01 -9.13
CA PHE A 59 -2.43 -3.03 -8.03
C PHE A 59 -1.85 -4.42 -7.78
N ASN A 60 -2.64 -5.45 -8.06
CA ASN A 60 -2.21 -6.82 -7.81
C ASN A 60 -1.13 -7.26 -8.79
N ARG A 61 -1.29 -6.88 -10.06
CA ARG A 61 -0.37 -7.34 -11.10
C ARG A 61 0.90 -6.52 -11.13
N HIS A 62 0.78 -5.23 -10.89
CA HIS A 62 1.93 -4.33 -11.00
C HIS A 62 2.81 -4.35 -9.74
N PHE A 63 2.19 -4.48 -8.58
CA PHE A 63 2.93 -4.43 -7.32
C PHE A 63 2.59 -5.62 -6.43
N VAL A 64 3.43 -5.86 -5.44
CA VAL A 64 3.17 -6.90 -4.46
C VAL A 64 2.30 -6.32 -3.36
N ASN A 65 1.14 -6.92 -3.14
CA ASN A 65 0.19 -6.41 -2.16
C ASN A 65 0.57 -6.84 -0.76
N LEU A 66 1.20 -5.94 -0.03
CA LEU A 66 1.66 -6.22 1.32
C LEU A 66 0.99 -5.29 2.32
N LYS A 67 0.37 -5.86 3.33
CA LYS A 67 -0.23 -5.05 4.37
C LYS A 67 0.64 -5.07 5.62
N MET A 68 0.73 -3.94 6.29
CA MET A 68 1.52 -3.84 7.51
C MET A 68 0.78 -3.06 8.56
N ASP A 69 0.67 -3.62 9.76
CA ASP A 69 0.05 -2.92 10.86
C ASP A 69 0.97 -1.83 11.35
N MET A 70 0.39 -0.85 12.01
CA MET A 70 1.14 0.28 12.51
C MET A 70 1.56 0.07 13.95
N GLU A 71 0.97 -0.94 14.59
CA GLU A 71 1.29 -1.24 15.98
C GLU A 71 1.95 -2.61 16.10
N LYS A 72 1.43 -3.58 15.36
CA LYS A 72 1.93 -4.94 15.43
C LYS A 72 3.14 -5.12 14.52
N GLY A 73 4.22 -5.67 15.08
CA GLY A 73 5.40 -5.96 14.29
C GLY A 73 6.35 -4.79 14.23
N GLU A 74 7.07 -4.66 13.12
CA GLU A 74 7.98 -3.55 12.93
C GLU A 74 7.25 -2.34 12.38
N GLY A 75 5.93 -2.47 12.24
CA GLY A 75 5.10 -1.38 11.76
C GLY A 75 5.23 -0.14 12.61
N VAL A 76 5.45 -0.34 13.91
CA VAL A 76 5.65 0.76 14.85
C VAL A 76 6.86 1.61 14.46
N GLU A 77 7.88 0.96 13.90
CA GLU A 77 9.09 1.65 13.49
C GLU A 77 8.80 2.59 12.33
N LEU A 78 8.13 2.07 11.30
CA LEU A 78 7.79 2.86 10.12
C LEU A 78 6.79 3.97 10.49
N ARG A 79 5.90 3.65 11.42
CA ARG A 79 4.91 4.61 11.91
C ARG A 79 5.59 5.87 12.42
N LYS A 80 6.61 5.66 13.24
CA LYS A 80 7.38 6.75 13.80
C LYS A 80 8.33 7.34 12.77
N LYS A 81 8.86 6.50 11.90
CA LYS A 81 9.88 6.91 10.94
C LYS A 81 9.33 7.89 9.92
N TYR A 82 8.12 7.64 9.45
CA TYR A 82 7.51 8.48 8.43
C TYR A 82 6.78 9.67 9.06
N GLY A 83 6.64 9.63 10.38
CA GLY A 83 5.94 10.70 11.08
C GLY A 83 4.50 10.79 10.67
N VAL A 84 3.74 9.75 10.98
CA VAL A 84 2.36 9.65 10.55
C VAL A 84 1.45 10.60 11.35
N HIS A 85 0.52 11.23 10.65
CA HIS A 85 -0.53 12.03 11.29
C HIS A 85 -1.87 11.68 10.67
N ALA A 86 -1.91 10.53 10.00
CA ALA A 86 -3.13 10.05 9.38
C ALA A 86 -3.34 8.59 9.73
N TYR A 87 -4.52 8.07 9.44
CA TYR A 87 -4.82 6.66 9.69
C TYR A 87 -4.53 5.80 8.46
N PRO A 88 -5.05 6.16 7.27
CA PRO A 88 -4.72 5.46 6.05
C PRO A 88 -3.48 6.05 5.38
N THR A 89 -2.50 5.20 5.10
CA THR A 89 -1.26 5.64 4.49
C THR A 89 -0.78 4.64 3.45
N LEU A 90 -0.50 5.11 2.25
CA LEU A 90 0.00 4.24 1.20
C LEU A 90 1.52 4.34 1.13
N LEU A 91 2.19 3.24 1.39
CA LEU A 91 3.64 3.21 1.40
C LEU A 91 4.18 2.49 0.17
N PHE A 92 5.16 3.10 -0.47
CA PHE A 92 5.77 2.52 -1.65
C PHE A 92 7.24 2.20 -1.38
N ILE A 93 7.53 0.91 -1.22
CA ILE A 93 8.89 0.48 -0.97
C ILE A 93 9.41 -0.31 -2.16
N ASN A 94 10.51 0.15 -2.74
CA ASN A 94 11.04 -0.49 -3.93
C ASN A 94 11.91 -1.68 -3.55
N SER A 95 12.42 -2.40 -4.55
CA SER A 95 13.21 -3.61 -4.32
C SER A 95 14.50 -3.28 -3.56
N SER A 96 14.93 -2.04 -3.64
CA SER A 96 16.16 -1.60 -2.98
C SER A 96 15.92 -1.32 -1.49
N GLY A 97 14.69 -1.52 -1.04
CA GLY A 97 14.35 -1.29 0.35
C GLY A 97 14.32 0.18 0.70
N GLU A 98 13.89 1.00 -0.26
CA GLU A 98 13.85 2.43 -0.06
C GLU A 98 12.45 2.97 -0.31
N VAL A 99 12.13 4.07 0.37
CA VAL A 99 10.86 4.75 0.20
C VAL A 99 10.91 5.60 -1.07
N VAL A 100 10.44 5.02 -2.17
CA VAL A 100 10.46 5.70 -3.46
C VAL A 100 9.41 6.80 -3.49
N TYR A 101 8.30 6.58 -2.80
CA TYR A 101 7.24 7.55 -2.71
C TYR A 101 6.43 7.33 -1.44
N ARG A 102 5.94 8.40 -0.86
CA ARG A 102 5.10 8.31 0.32
C ARG A 102 3.79 9.05 0.09
N LEU A 103 2.68 8.37 0.36
CA LEU A 103 1.37 8.95 0.15
C LEU A 103 0.60 8.98 1.46
N VAL A 104 0.37 10.19 1.97
CA VAL A 104 -0.35 10.36 3.22
C VAL A 104 -1.83 10.59 2.96
N GLY A 105 -2.66 9.72 3.48
CA GLY A 105 -4.09 9.82 3.24
C GLY A 105 -4.51 8.92 2.10
N ALA A 106 -5.79 8.60 2.05
CA ALA A 106 -6.30 7.73 1.00
C ALA A 106 -7.53 8.33 0.36
N GLU A 107 -7.60 8.21 -0.94
CA GLU A 107 -8.65 8.83 -1.72
C GLU A 107 -9.56 7.75 -2.32
N ASP A 108 -10.51 8.16 -3.14
CA ASP A 108 -11.36 7.22 -3.87
C ASP A 108 -10.47 6.34 -4.77
N ALA A 109 -10.94 5.15 -5.11
CA ALA A 109 -10.17 4.23 -5.94
C ALA A 109 -9.60 4.91 -7.20
N PRO A 110 -10.42 5.58 -8.05
CA PRO A 110 -9.91 6.28 -9.24
C PRO A 110 -8.99 7.45 -8.86
N GLU A 111 -9.35 8.15 -7.78
CA GLU A 111 -8.59 9.30 -7.29
C GLU A 111 -7.21 8.86 -6.80
N LEU A 112 -7.15 7.66 -6.24
CA LEU A 112 -5.90 7.08 -5.77
C LEU A 112 -5.00 6.74 -6.95
N LEU A 113 -5.60 6.16 -7.97
CA LEU A 113 -4.87 5.75 -9.18
C LEU A 113 -4.12 6.93 -9.79
N LYS A 114 -4.79 8.06 -9.95
CA LYS A 114 -4.15 9.25 -10.52
C LYS A 114 -3.04 9.78 -9.62
N LYS A 115 -3.28 9.78 -8.32
CA LYS A 115 -2.26 10.18 -7.36
C LYS A 115 -1.01 9.32 -7.49
N VAL A 116 -1.19 8.01 -7.59
CA VAL A 116 -0.07 7.09 -7.73
C VAL A 116 0.62 7.27 -9.08
N LYS A 117 -0.17 7.30 -10.14
CA LYS A 117 0.34 7.42 -11.51
C LYS A 117 1.17 8.68 -11.69
N LEU A 118 0.65 9.80 -11.20
CA LEU A 118 1.34 11.09 -11.33
C LEU A 118 2.49 11.20 -10.32
N GLY A 119 2.33 10.54 -9.18
CA GLY A 119 3.30 10.65 -8.11
C GLY A 119 4.64 10.02 -8.44
N VAL A 120 4.60 8.84 -9.06
CA VAL A 120 5.83 8.12 -9.36
C VAL A 120 6.39 8.49 -10.73
N GLU A 121 5.67 9.35 -11.45
CA GLU A 121 6.11 9.79 -12.76
C GLU A 121 6.14 11.32 -12.84
N SER A 122 7.31 11.89 -12.67
CA SER A 122 7.49 13.31 -12.87
C SER A 122 8.17 13.53 -14.21
N GLU A 123 7.80 14.59 -14.91
CA GLU A 123 8.41 14.88 -16.20
C GLU A 123 9.76 15.57 -16.00
N GLY A 124 10.81 14.77 -16.01
CA GLY A 124 12.14 15.28 -15.76
C GLY A 124 12.61 14.91 -14.37
N ALA A 4 -11.36 -18.16 1.38
CA ALA A 4 -11.77 -18.13 -0.04
C ALA A 4 -12.64 -16.91 -0.33
N GLN A 5 -12.84 -16.07 0.67
CA GLN A 5 -13.65 -14.87 0.50
C GLN A 5 -12.76 -13.66 0.25
N ALA A 6 -12.74 -13.21 -0.99
CA ALA A 6 -11.91 -12.08 -1.38
C ALA A 6 -12.70 -11.16 -2.31
N ASP A 7 -12.46 -9.87 -2.19
CA ASP A 7 -13.20 -8.88 -2.98
C ASP A 7 -12.29 -8.23 -4.00
N GLY A 8 -11.15 -7.76 -3.53
CA GLY A 8 -10.26 -6.99 -4.37
C GLY A 8 -8.81 -7.39 -4.22
N ILE A 9 -7.99 -6.40 -3.93
CA ILE A 9 -6.55 -6.59 -3.78
C ILE A 9 -6.23 -7.58 -2.65
N ALA A 10 -5.26 -8.46 -2.90
CA ALA A 10 -4.86 -9.45 -1.91
C ALA A 10 -3.57 -9.05 -1.21
N PHE A 11 -3.70 -8.55 0.00
CA PHE A 11 -2.55 -8.17 0.80
C PHE A 11 -2.07 -9.35 1.64
N ARG A 12 -0.79 -9.61 1.60
CA ARG A 12 -0.22 -10.74 2.32
C ARG A 12 0.60 -10.26 3.51
N GLU A 13 0.52 -11.00 4.62
CA GLU A 13 1.25 -10.65 5.82
C GLU A 13 2.59 -11.37 5.86
N LEU A 14 3.62 -10.70 5.38
CA LEU A 14 4.98 -11.22 5.45
C LEU A 14 5.86 -10.24 6.19
N SER A 15 7.06 -10.67 6.56
CA SER A 15 8.02 -9.79 7.19
C SER A 15 8.61 -8.83 6.15
N PHE A 16 9.20 -7.75 6.62
CA PHE A 16 9.78 -6.75 5.72
C PHE A 16 10.91 -7.36 4.87
N PRO A 17 11.90 -8.04 5.50
CA PRO A 17 12.95 -8.74 4.73
C PRO A 17 12.37 -9.75 3.74
N GLU A 18 11.35 -10.48 4.18
CA GLU A 18 10.65 -11.44 3.32
C GLU A 18 10.09 -10.74 2.08
N ALA A 19 9.31 -9.70 2.31
CA ALA A 19 8.66 -8.97 1.24
C ALA A 19 9.68 -8.31 0.33
N LEU A 20 10.81 -7.90 0.90
CA LEU A 20 11.89 -7.31 0.13
C LEU A 20 12.47 -8.35 -0.84
N LYS A 21 12.71 -9.54 -0.31
CA LYS A 21 13.18 -10.66 -1.11
C LYS A 21 12.16 -11.02 -2.19
N ARG A 22 10.88 -11.01 -1.82
CA ARG A 22 9.80 -11.24 -2.78
C ARG A 22 9.82 -10.19 -3.90
N ALA A 23 9.93 -8.92 -3.50
CA ALA A 23 9.98 -7.82 -4.44
C ALA A 23 11.17 -7.95 -5.38
N GLU A 24 12.27 -8.45 -4.85
CA GLU A 24 13.48 -8.69 -5.63
C GLU A 24 13.22 -9.76 -6.70
N VAL A 25 12.60 -10.87 -6.30
CA VAL A 25 12.35 -11.98 -7.21
C VAL A 25 11.27 -11.63 -8.25
N GLU A 26 10.15 -11.09 -7.78
CA GLU A 26 9.09 -10.67 -8.69
C GLU A 26 9.58 -9.53 -9.58
N ASP A 27 10.59 -8.81 -9.08
CA ASP A 27 11.19 -7.70 -9.80
C ASP A 27 10.16 -6.62 -10.11
N LYS A 28 9.62 -6.03 -9.06
CA LYS A 28 8.61 -5.00 -9.17
C LYS A 28 8.55 -4.19 -7.88
N LEU A 29 7.74 -3.14 -7.87
CA LEU A 29 7.64 -2.27 -6.71
C LEU A 29 6.86 -2.94 -5.58
N LEU A 30 7.31 -2.71 -4.37
CA LEU A 30 6.67 -3.26 -3.19
C LEU A 30 5.61 -2.29 -2.68
N PHE A 31 4.38 -2.76 -2.60
CA PHE A 31 3.29 -1.93 -2.13
C PHE A 31 2.95 -2.28 -0.69
N VAL A 32 3.24 -1.36 0.22
CA VAL A 32 3.03 -1.59 1.64
C VAL A 32 1.76 -0.93 2.13
N ASP A 33 0.84 -1.75 2.61
CA ASP A 33 -0.40 -1.29 3.22
C ASP A 33 -0.15 -0.91 4.66
N CYS A 34 -0.28 0.37 4.95
CA CYS A 34 -0.18 0.87 6.31
C CYS A 34 -1.44 1.59 6.71
N PHE A 35 -2.06 1.13 7.78
CA PHE A 35 -3.30 1.74 8.25
C PHE A 35 -3.34 1.72 9.77
N THR A 36 -4.09 2.63 10.33
CA THR A 36 -4.36 2.60 11.76
C THR A 36 -5.74 2.00 11.99
N THR A 37 -5.95 1.39 13.16
CA THR A 37 -7.22 0.72 13.47
C THR A 37 -8.38 1.72 13.57
N TRP A 38 -8.08 3.00 13.44
CA TRP A 38 -9.11 4.03 13.42
C TRP A 38 -9.88 3.94 12.11
N CYS A 39 -11.16 3.67 12.19
CA CYS A 39 -11.97 3.42 11.02
C CYS A 39 -12.61 4.70 10.48
N GLY A 40 -11.89 5.38 9.60
CA GLY A 40 -12.40 6.57 8.96
C GLY A 40 -12.15 6.52 7.47
N PRO A 41 -11.20 7.33 6.97
CA PRO A 41 -10.80 7.32 5.55
C PRO A 41 -10.41 5.91 5.07
N CYS A 42 -9.84 5.11 5.96
CA CYS A 42 -9.45 3.75 5.62
C CYS A 42 -10.67 2.90 5.28
N LYS A 43 -11.79 3.18 5.95
CA LYS A 43 -13.03 2.45 5.72
C LYS A 43 -13.64 2.87 4.40
N ARG A 44 -13.50 4.15 4.06
CA ARG A 44 -13.99 4.67 2.79
C ARG A 44 -13.26 4.00 1.64
N LEU A 45 -11.96 3.84 1.81
CA LEU A 45 -11.11 3.18 0.83
C LEU A 45 -11.55 1.73 0.64
N SER A 46 -11.71 1.03 1.76
CA SER A 46 -12.09 -0.37 1.74
C SER A 46 -13.49 -0.57 1.16
N LYS A 47 -14.35 0.43 1.34
CA LYS A 47 -15.73 0.36 0.89
C LYS A 47 -15.81 0.29 -0.64
N VAL A 48 -15.26 1.30 -1.31
CA VAL A 48 -15.44 1.44 -2.75
C VAL A 48 -14.28 0.84 -3.55
N VAL A 49 -13.05 1.13 -3.16
CA VAL A 49 -11.88 0.75 -3.94
C VAL A 49 -11.65 -0.76 -3.92
N PHE A 50 -11.85 -1.36 -2.75
CA PHE A 50 -11.62 -2.80 -2.58
C PHE A 50 -12.80 -3.62 -3.07
N LYS A 51 -13.26 -3.30 -4.28
CA LYS A 51 -14.36 -4.02 -4.91
C LYS A 51 -14.18 -4.05 -6.42
N ASP A 52 -13.70 -2.93 -6.99
CA ASP A 52 -13.51 -2.82 -8.43
C ASP A 52 -12.44 -3.80 -8.92
N SER A 53 -12.78 -4.54 -9.96
CA SER A 53 -11.90 -5.58 -10.48
C SER A 53 -10.65 -4.99 -11.11
N LEU A 54 -10.80 -3.89 -11.83
CA LEU A 54 -9.70 -3.31 -12.60
C LEU A 54 -8.63 -2.71 -11.69
N VAL A 55 -9.06 -1.91 -10.72
CA VAL A 55 -8.12 -1.27 -9.80
C VAL A 55 -7.44 -2.31 -8.93
N ALA A 56 -8.22 -3.30 -8.51
CA ALA A 56 -7.71 -4.40 -7.72
C ALA A 56 -6.67 -5.19 -8.50
N ASP A 57 -7.02 -5.57 -9.72
CA ASP A 57 -6.12 -6.31 -10.60
C ASP A 57 -4.82 -5.55 -10.82
N TYR A 58 -4.95 -4.25 -11.06
CA TYR A 58 -3.81 -3.38 -11.30
C TYR A 58 -2.79 -3.48 -10.16
N PHE A 59 -3.23 -3.19 -8.95
CA PHE A 59 -2.34 -3.17 -7.79
C PHE A 59 -1.92 -4.59 -7.40
N ASN A 60 -2.84 -5.54 -7.51
CA ASN A 60 -2.56 -6.91 -7.07
C ASN A 60 -1.54 -7.60 -7.98
N ARG A 61 -1.60 -7.30 -9.27
CA ARG A 61 -0.70 -7.93 -10.23
C ARG A 61 0.60 -7.14 -10.37
N HIS A 62 0.50 -5.83 -10.55
CA HIS A 62 1.66 -5.00 -10.87
C HIS A 62 2.56 -4.80 -9.66
N PHE A 63 2.00 -4.89 -8.46
CA PHE A 63 2.77 -4.68 -7.25
C PHE A 63 2.66 -5.89 -6.33
N VAL A 64 3.65 -6.07 -5.47
CA VAL A 64 3.57 -7.08 -4.42
C VAL A 64 2.95 -6.43 -3.20
N ASN A 65 1.76 -6.89 -2.83
CA ASN A 65 0.99 -6.25 -1.80
C ASN A 65 1.28 -6.82 -0.42
N LEU A 66 1.94 -6.02 0.38
CA LEU A 66 2.29 -6.38 1.74
C LEU A 66 1.37 -5.65 2.71
N LYS A 67 0.93 -6.33 3.76
CA LYS A 67 0.06 -5.69 4.75
C LYS A 67 0.69 -5.76 6.13
N MET A 68 0.68 -4.63 6.83
CA MET A 68 1.25 -4.54 8.17
C MET A 68 0.47 -3.57 9.04
N ASP A 69 0.58 -3.72 10.34
CA ASP A 69 0.00 -2.76 11.26
C ASP A 69 1.05 -1.78 11.70
N MET A 70 0.60 -0.66 12.19
CA MET A 70 1.47 0.27 12.85
C MET A 70 1.30 0.20 14.36
N GLU A 71 0.39 -0.65 14.81
CA GLU A 71 0.09 -0.76 16.24
C GLU A 71 0.52 -2.13 16.76
N LYS A 72 0.58 -3.10 15.87
CA LYS A 72 1.00 -4.45 16.23
C LYS A 72 2.45 -4.69 15.81
N GLY A 73 3.15 -5.48 16.61
CA GLY A 73 4.49 -5.90 16.27
C GLY A 73 5.48 -4.76 16.18
N GLU A 74 6.30 -4.77 15.14
CA GLU A 74 7.32 -3.77 14.94
C GLU A 74 6.74 -2.53 14.26
N GLY A 75 5.40 -2.49 14.19
CA GLY A 75 4.72 -1.38 13.56
C GLY A 75 5.02 -0.04 14.19
N VAL A 76 5.29 -0.04 15.50
CA VAL A 76 5.57 1.20 16.22
C VAL A 76 6.84 1.88 15.68
N GLU A 77 7.82 1.08 15.29
CA GLU A 77 9.07 1.61 14.76
C GLU A 77 8.86 2.14 13.34
N LEU A 78 8.08 1.40 12.56
CA LEU A 78 7.74 1.83 11.21
C LEU A 78 6.88 3.09 11.26
N ARG A 79 6.09 3.21 12.32
CA ARG A 79 5.24 4.37 12.53
C ARG A 79 6.08 5.64 12.58
N LYS A 80 7.06 5.67 13.49
CA LYS A 80 7.89 6.85 13.65
C LYS A 80 8.85 6.99 12.47
N LYS A 81 9.10 5.88 11.79
CA LYS A 81 9.96 5.87 10.62
C LYS A 81 9.36 6.70 9.49
N TYR A 82 8.04 6.60 9.33
CA TYR A 82 7.35 7.28 8.24
C TYR A 82 6.57 8.49 8.74
N GLY A 83 6.37 8.58 10.06
CA GLY A 83 5.84 9.79 10.65
C GLY A 83 4.46 9.63 11.26
N VAL A 84 3.55 9.04 10.48
CA VAL A 84 2.12 8.99 10.82
C VAL A 84 1.54 10.37 11.11
N HIS A 85 0.80 10.88 10.14
CA HIS A 85 0.03 12.10 10.31
C HIS A 85 -1.43 11.80 10.02
N ALA A 86 -1.66 10.99 8.98
CA ALA A 86 -3.01 10.58 8.62
C ALA A 86 -3.33 9.22 9.23
N TYR A 87 -4.41 8.60 8.78
CA TYR A 87 -4.76 7.25 9.24
C TYR A 87 -4.31 6.19 8.23
N PRO A 88 -4.68 6.32 6.93
CA PRO A 88 -4.22 5.42 5.91
C PRO A 88 -2.96 5.95 5.21
N THR A 89 -2.06 5.04 4.87
CA THR A 89 -0.83 5.41 4.18
C THR A 89 -0.38 4.31 3.23
N LEU A 90 -0.20 4.67 1.97
CA LEU A 90 0.23 3.73 0.96
C LEU A 90 1.72 3.93 0.69
N LEU A 91 2.50 2.90 0.91
CA LEU A 91 3.95 3.00 0.78
C LEU A 91 4.45 2.28 -0.47
N PHE A 92 5.27 2.97 -1.24
CA PHE A 92 5.90 2.39 -2.42
C PHE A 92 7.39 2.19 -2.15
N ILE A 93 7.79 0.94 -2.05
CA ILE A 93 9.18 0.61 -1.72
C ILE A 93 9.88 -0.05 -2.91
N ASN A 94 11.12 0.33 -3.16
CA ASN A 94 11.93 -0.31 -4.18
C ASN A 94 12.39 -1.67 -3.70
N SER A 95 12.80 -2.52 -4.63
CA SER A 95 13.31 -3.85 -4.29
C SER A 95 14.65 -3.74 -3.57
N SER A 96 15.28 -2.59 -3.70
CA SER A 96 16.57 -2.32 -3.06
C SER A 96 16.40 -1.99 -1.58
N GLY A 97 15.16 -1.80 -1.16
CA GLY A 97 14.88 -1.42 0.22
C GLY A 97 14.97 0.07 0.45
N GLU A 98 14.24 0.83 -0.35
CA GLU A 98 14.25 2.28 -0.26
C GLU A 98 12.89 2.81 -0.70
N VAL A 99 12.51 3.99 -0.23
CA VAL A 99 11.18 4.51 -0.50
C VAL A 99 11.14 5.26 -1.84
N VAL A 100 10.08 5.02 -2.59
CA VAL A 100 9.86 5.74 -3.84
C VAL A 100 9.05 6.99 -3.56
N TYR A 101 7.87 6.78 -3.00
CA TYR A 101 6.96 7.87 -2.67
C TYR A 101 6.03 7.42 -1.54
N ARG A 102 5.74 8.33 -0.63
CA ARG A 102 4.82 8.05 0.46
C ARG A 102 3.47 8.69 0.18
N LEU A 103 2.46 7.86 -0.03
CA LEU A 103 1.13 8.36 -0.32
C LEU A 103 0.27 8.34 0.93
N VAL A 104 0.00 9.51 1.48
CA VAL A 104 -0.82 9.61 2.68
C VAL A 104 -2.26 9.97 2.31
N GLY A 105 -3.19 9.41 3.06
CA GLY A 105 -4.60 9.65 2.78
C GLY A 105 -5.15 8.65 1.81
N ALA A 106 -6.42 8.29 1.98
CA ALA A 106 -7.06 7.32 1.11
C ALA A 106 -8.19 7.96 0.34
N GLU A 107 -8.05 8.03 -0.96
CA GLU A 107 -9.03 8.63 -1.82
C GLU A 107 -9.91 7.56 -2.46
N ASP A 108 -10.93 7.97 -3.21
CA ASP A 108 -11.76 7.02 -3.94
C ASP A 108 -11.00 6.48 -5.15
N ALA A 109 -11.58 5.51 -5.85
CA ALA A 109 -10.86 4.80 -6.91
C ALA A 109 -10.22 5.73 -7.95
N PRO A 110 -10.98 6.65 -8.61
CA PRO A 110 -10.41 7.54 -9.63
C PRO A 110 -9.35 8.48 -9.07
N GLU A 111 -9.63 9.03 -7.90
CA GLU A 111 -8.74 9.99 -7.26
C GLU A 111 -7.47 9.30 -6.78
N LEU A 112 -7.61 8.09 -6.24
CA LEU A 112 -6.47 7.30 -5.80
C LEU A 112 -5.53 7.04 -6.97
N LEU A 113 -6.11 6.62 -8.09
CA LEU A 113 -5.37 6.37 -9.31
C LEU A 113 -4.62 7.63 -9.76
N LYS A 114 -5.22 8.78 -9.54
CA LYS A 114 -4.56 10.05 -9.86
C LYS A 114 -3.36 10.25 -8.95
N LYS A 115 -3.57 10.03 -7.64
CA LYS A 115 -2.55 10.26 -6.63
C LYS A 115 -1.34 9.33 -6.83
N VAL A 116 -1.60 8.09 -7.25
CA VAL A 116 -0.51 7.15 -7.49
C VAL A 116 0.24 7.50 -8.78
N LYS A 117 -0.50 7.89 -9.82
CA LYS A 117 0.12 8.25 -11.10
C LYS A 117 1.00 9.48 -10.96
N LEU A 118 0.42 10.57 -10.46
CA LEU A 118 1.15 11.83 -10.34
C LEU A 118 2.23 11.77 -9.26
N GLY A 119 2.22 10.68 -8.48
CA GLY A 119 3.22 10.51 -7.44
C GLY A 119 4.53 9.98 -7.99
N VAL A 120 4.46 9.24 -9.09
CA VAL A 120 5.66 8.67 -9.70
C VAL A 120 5.89 9.27 -11.09
N GLU A 121 4.84 9.21 -11.92
CA GLU A 121 4.86 9.74 -13.28
C GLU A 121 5.82 8.98 -14.19
N SER A 122 5.23 8.36 -15.22
CA SER A 122 5.98 7.65 -16.25
C SER A 122 6.74 6.46 -15.67
N GLU A 123 6.05 5.34 -15.57
CA GLU A 123 6.64 4.10 -15.06
C GLU A 123 7.42 3.39 -16.17
N GLY A 124 7.20 3.83 -17.40
CA GLY A 124 7.84 3.22 -18.54
C GLY A 124 7.75 4.10 -19.76
N ALA A 4 -7.52 -18.43 -7.78
CA ALA A 4 -8.54 -18.79 -6.77
C ALA A 4 -9.60 -17.71 -6.67
N GLN A 5 -9.17 -16.45 -6.60
CA GLN A 5 -10.10 -15.34 -6.44
C GLN A 5 -9.59 -14.09 -7.13
N ALA A 6 -10.50 -13.18 -7.42
CA ALA A 6 -10.18 -11.88 -7.95
C ALA A 6 -11.03 -10.82 -7.28
N ASP A 7 -11.49 -11.16 -6.08
CA ASP A 7 -12.40 -10.31 -5.32
C ASP A 7 -11.64 -9.30 -4.48
N GLY A 8 -11.70 -8.04 -4.90
CA GLY A 8 -11.05 -6.97 -4.18
C GLY A 8 -9.54 -7.06 -4.23
N ILE A 9 -8.88 -6.24 -3.43
CA ILE A 9 -7.43 -6.24 -3.37
C ILE A 9 -6.95 -7.11 -2.22
N ALA A 10 -6.27 -8.20 -2.56
CA ALA A 10 -5.82 -9.17 -1.58
C ALA A 10 -4.42 -8.83 -1.08
N PHE A 11 -4.30 -8.63 0.22
CA PHE A 11 -3.02 -8.30 0.83
C PHE A 11 -2.33 -9.55 1.36
N ARG A 12 -1.01 -9.52 1.31
CA ARG A 12 -0.17 -10.58 1.82
C ARG A 12 0.60 -10.05 3.02
N GLU A 13 0.83 -10.87 4.03
CA GLU A 13 1.59 -10.42 5.19
C GLU A 13 2.77 -11.34 5.47
N LEU A 14 3.91 -10.97 4.92
CA LEU A 14 5.15 -11.68 5.16
C LEU A 14 6.12 -10.77 5.90
N SER A 15 7.20 -11.34 6.41
CA SER A 15 8.25 -10.56 7.07
C SER A 15 8.80 -9.50 6.12
N PHE A 16 9.33 -8.42 6.69
CA PHE A 16 9.84 -7.29 5.91
C PHE A 16 10.86 -7.72 4.85
N PRO A 17 11.95 -8.44 5.23
CA PRO A 17 12.95 -8.91 4.26
C PRO A 17 12.36 -9.88 3.25
N GLU A 18 11.38 -10.66 3.70
CA GLU A 18 10.71 -11.62 2.84
C GLU A 18 9.97 -10.91 1.71
N ALA A 19 9.21 -9.89 2.09
CA ALA A 19 8.38 -9.17 1.13
C ALA A 19 9.25 -8.51 0.05
N LEU A 20 10.37 -7.92 0.47
CA LEU A 20 11.27 -7.24 -0.45
C LEU A 20 11.89 -8.24 -1.43
N LYS A 21 12.37 -9.35 -0.90
CA LYS A 21 12.97 -10.40 -1.69
C LYS A 21 11.96 -10.97 -2.69
N ARG A 22 10.76 -11.26 -2.22
CA ARG A 22 9.70 -11.78 -3.07
C ARG A 22 9.31 -10.77 -4.13
N ALA A 23 9.24 -9.50 -3.74
CA ALA A 23 8.93 -8.42 -4.67
C ALA A 23 9.91 -8.40 -5.83
N GLU A 24 11.19 -8.46 -5.49
CA GLU A 24 12.24 -8.39 -6.49
C GLU A 24 12.14 -9.53 -7.50
N VAL A 25 11.79 -10.71 -7.02
CA VAL A 25 11.80 -11.91 -7.85
C VAL A 25 10.51 -12.07 -8.67
N GLU A 26 9.36 -12.13 -8.00
CA GLU A 26 8.13 -12.52 -8.67
C GLU A 26 7.15 -11.36 -8.83
N ASP A 27 7.52 -10.17 -8.37
CA ASP A 27 6.67 -9.00 -8.53
C ASP A 27 7.52 -7.80 -8.95
N LYS A 28 7.14 -6.59 -8.56
CA LYS A 28 7.92 -5.41 -8.92
C LYS A 28 8.22 -4.55 -7.69
N LEU A 29 7.25 -3.78 -7.26
CA LEU A 29 7.44 -2.87 -6.14
C LEU A 29 6.63 -3.30 -4.94
N LEU A 30 7.04 -2.83 -3.77
CA LEU A 30 6.36 -3.17 -2.53
C LEU A 30 5.35 -2.08 -2.17
N PHE A 31 4.12 -2.49 -1.88
CA PHE A 31 3.09 -1.56 -1.45
C PHE A 31 2.66 -1.91 -0.04
N VAL A 32 3.03 -1.06 0.91
CA VAL A 32 2.69 -1.31 2.31
C VAL A 32 1.49 -0.48 2.72
N ASP A 33 0.44 -1.16 3.15
CA ASP A 33 -0.76 -0.51 3.66
C ASP A 33 -0.63 -0.30 5.16
N CYS A 34 -0.38 0.93 5.55
CA CYS A 34 -0.28 1.28 6.95
C CYS A 34 -1.47 2.12 7.38
N PHE A 35 -2.29 1.56 8.24
CA PHE A 35 -3.45 2.26 8.74
C PHE A 35 -3.44 2.22 10.26
N THR A 36 -4.18 3.12 10.87
CA THR A 36 -4.29 3.16 12.32
C THR A 36 -5.59 2.49 12.75
N THR A 37 -5.71 2.14 14.03
CA THR A 37 -6.87 1.43 14.52
C THR A 37 -8.15 2.29 14.42
N TRP A 38 -7.99 3.58 14.18
CA TRP A 38 -9.12 4.47 14.01
C TRP A 38 -9.94 4.07 12.79
N CYS A 39 -11.25 4.24 12.87
CA CYS A 39 -12.15 3.83 11.80
C CYS A 39 -12.40 4.97 10.83
N GLY A 40 -13.08 4.68 9.73
CA GLY A 40 -13.45 5.72 8.79
C GLY A 40 -12.96 5.46 7.38
N PRO A 41 -12.00 6.28 6.89
CA PRO A 41 -11.55 6.27 5.50
C PRO A 41 -11.17 4.89 4.98
N CYS A 42 -10.46 4.12 5.79
CA CYS A 42 -9.92 2.83 5.37
C CYS A 42 -11.04 1.85 5.00
N LYS A 43 -12.20 1.98 5.63
CA LYS A 43 -13.32 1.11 5.33
C LYS A 43 -14.02 1.56 4.05
N ARG A 44 -14.08 2.88 3.85
CA ARG A 44 -14.67 3.44 2.65
C ARG A 44 -13.88 3.01 1.42
N LEU A 45 -12.57 2.93 1.58
CA LEU A 45 -11.68 2.47 0.52
C LEU A 45 -12.10 1.08 0.04
N SER A 46 -12.38 0.20 0.99
CA SER A 46 -12.77 -1.17 0.68
C SER A 46 -14.02 -1.23 -0.18
N LYS A 47 -14.89 -0.23 -0.05
CA LYS A 47 -16.14 -0.19 -0.78
C LYS A 47 -15.97 0.44 -2.16
N VAL A 48 -14.95 1.28 -2.35
CA VAL A 48 -14.81 1.99 -3.62
C VAL A 48 -13.63 1.49 -4.44
N VAL A 49 -12.43 1.49 -3.88
CA VAL A 49 -11.24 1.12 -4.65
C VAL A 49 -11.03 -0.39 -4.64
N PHE A 50 -11.40 -1.03 -3.54
CA PHE A 50 -11.26 -2.50 -3.41
C PHE A 50 -12.43 -3.21 -4.10
N LYS A 51 -13.15 -2.48 -4.93
CA LYS A 51 -14.33 -3.03 -5.58
C LYS A 51 -14.07 -3.32 -7.06
N ASP A 52 -13.25 -2.49 -7.70
CA ASP A 52 -13.00 -2.61 -9.12
C ASP A 52 -12.05 -3.77 -9.42
N SER A 53 -12.51 -4.68 -10.28
CA SER A 53 -11.76 -5.88 -10.60
C SER A 53 -10.48 -5.56 -11.38
N LEU A 54 -10.52 -4.49 -12.17
CA LEU A 54 -9.35 -4.07 -12.94
C LEU A 54 -8.26 -3.56 -12.01
N VAL A 55 -8.64 -2.62 -11.15
CA VAL A 55 -7.72 -2.05 -10.17
C VAL A 55 -7.21 -3.14 -9.22
N ALA A 56 -8.13 -4.00 -8.80
CA ALA A 56 -7.79 -5.12 -7.92
C ALA A 56 -6.69 -5.99 -8.54
N ASP A 57 -6.82 -6.26 -9.82
CA ASP A 57 -5.83 -7.06 -10.55
C ASP A 57 -4.54 -6.27 -10.76
N TYR A 58 -4.69 -5.01 -11.14
CA TYR A 58 -3.56 -4.15 -11.46
C TYR A 58 -2.56 -4.09 -10.30
N PHE A 59 -3.07 -3.86 -9.10
CA PHE A 59 -2.21 -3.79 -7.92
C PHE A 59 -1.80 -5.18 -7.45
N ASN A 60 -2.69 -6.16 -7.66
CA ASN A 60 -2.43 -7.53 -7.23
C ASN A 60 -1.19 -8.10 -7.92
N ARG A 61 -1.09 -7.89 -9.23
CA ARG A 61 -0.02 -8.45 -10.02
C ARG A 61 1.20 -7.54 -10.11
N HIS A 62 0.99 -6.23 -10.16
CA HIS A 62 2.09 -5.31 -10.41
C HIS A 62 2.82 -4.89 -9.15
N PHE A 63 2.18 -5.08 -7.99
CA PHE A 63 2.78 -4.68 -6.74
C PHE A 63 2.63 -5.79 -5.70
N VAL A 64 3.49 -5.79 -4.70
CA VAL A 64 3.34 -6.67 -3.56
C VAL A 64 2.50 -5.99 -2.51
N ASN A 65 1.29 -6.48 -2.32
CA ASN A 65 0.39 -5.90 -1.34
C ASN A 65 0.75 -6.39 0.06
N LEU A 66 1.38 -5.54 0.83
CA LEU A 66 1.77 -5.88 2.19
C LEU A 66 0.90 -5.12 3.18
N LYS A 67 0.26 -5.85 4.08
CA LYS A 67 -0.58 -5.24 5.10
C LYS A 67 0.12 -5.34 6.45
N MET A 68 0.30 -4.20 7.11
CA MET A 68 0.98 -4.18 8.40
C MET A 68 0.24 -3.28 9.38
N ASP A 69 0.12 -3.73 10.61
CA ASP A 69 -0.47 -2.93 11.67
C ASP A 69 0.59 -2.11 12.35
N MET A 70 0.18 -1.03 12.97
CA MET A 70 1.10 -0.11 13.62
C MET A 70 1.43 -0.55 15.04
N GLU A 71 0.78 -1.62 15.49
CA GLU A 71 0.97 -2.12 16.84
C GLU A 71 1.65 -3.47 16.80
N LYS A 72 1.69 -4.05 15.61
CA LYS A 72 2.24 -5.38 15.41
C LYS A 72 3.65 -5.33 14.84
N GLY A 73 4.59 -5.89 15.57
CA GLY A 73 5.94 -6.08 15.07
C GLY A 73 6.68 -4.78 14.87
N GLU A 74 7.16 -4.57 13.65
CA GLU A 74 7.94 -3.40 13.32
C GLU A 74 7.05 -2.29 12.77
N GLY A 75 5.74 -2.47 12.90
CA GLY A 75 4.81 -1.43 12.50
C GLY A 75 5.04 -0.16 13.29
N VAL A 76 5.45 -0.32 14.54
CA VAL A 76 5.79 0.81 15.41
C VAL A 76 7.06 1.52 14.91
N GLU A 77 7.97 0.75 14.34
CA GLU A 77 9.21 1.30 13.79
C GLU A 77 8.90 2.07 12.51
N LEU A 78 8.11 1.47 11.64
CA LEU A 78 7.73 2.12 10.38
C LEU A 78 6.86 3.36 10.68
N ARG A 79 6.12 3.29 11.77
CA ARG A 79 5.27 4.39 12.20
C ARG A 79 6.10 5.64 12.46
N LYS A 80 7.14 5.50 13.28
CA LYS A 80 8.00 6.62 13.64
C LYS A 80 8.96 6.97 12.51
N LYS A 81 9.36 5.96 11.75
CA LYS A 81 10.33 6.14 10.66
C LYS A 81 9.78 7.07 9.58
N TYR A 82 8.52 6.85 9.22
CA TYR A 82 7.87 7.67 8.20
C TYR A 82 7.18 8.87 8.84
N GLY A 83 6.76 8.72 10.10
CA GLY A 83 6.18 9.83 10.82
C GLY A 83 4.71 10.03 10.49
N VAL A 84 3.87 9.16 10.99
CA VAL A 84 2.44 9.23 10.70
C VAL A 84 1.78 10.35 11.50
N HIS A 85 0.94 11.13 10.82
CA HIS A 85 0.15 12.18 11.47
C HIS A 85 -1.28 12.14 10.96
N ALA A 86 -1.66 10.99 10.42
CA ALA A 86 -2.97 10.81 9.82
C ALA A 86 -3.53 9.45 10.20
N TYR A 87 -4.60 9.02 9.54
CA TYR A 87 -5.14 7.68 9.78
C TYR A 87 -4.55 6.67 8.80
N PRO A 88 -4.70 6.89 7.47
CA PRO A 88 -4.14 6.01 6.46
C PRO A 88 -2.80 6.52 5.91
N THR A 89 -1.96 5.60 5.47
CA THR A 89 -0.71 5.96 4.82
C THR A 89 -0.32 4.90 3.79
N LEU A 90 -0.17 5.34 2.55
CA LEU A 90 0.23 4.44 1.47
C LEU A 90 1.72 4.56 1.21
N LEU A 91 2.45 3.48 1.42
CA LEU A 91 3.89 3.49 1.24
C LEU A 91 4.28 2.82 -0.09
N PHE A 92 5.20 3.45 -0.80
CA PHE A 92 5.71 2.89 -2.04
C PHE A 92 7.22 2.63 -1.91
N ILE A 93 7.57 1.36 -1.80
CA ILE A 93 8.97 0.98 -1.59
C ILE A 93 9.57 0.39 -2.85
N ASN A 94 10.71 0.93 -3.25
CA ASN A 94 11.44 0.45 -4.41
C ASN A 94 12.52 -0.53 -3.98
N SER A 95 13.30 -1.02 -4.95
CA SER A 95 14.34 -2.00 -4.66
C SER A 95 15.47 -1.40 -3.80
N SER A 96 15.55 -0.08 -3.76
CA SER A 96 16.54 0.58 -2.93
C SER A 96 16.07 0.65 -1.48
N GLY A 97 14.75 0.63 -1.30
CA GLY A 97 14.17 0.70 0.03
C GLY A 97 14.23 2.11 0.61
N GLU A 98 14.54 3.08 -0.24
CA GLU A 98 14.74 4.45 0.22
C GLU A 98 13.49 5.30 0.03
N VAL A 99 12.36 4.62 -0.18
CA VAL A 99 11.06 5.27 -0.35
C VAL A 99 11.01 6.08 -1.65
N VAL A 100 10.34 5.54 -2.66
CA VAL A 100 10.21 6.25 -3.93
C VAL A 100 9.14 7.34 -3.81
N TYR A 101 8.14 7.07 -2.99
CA TYR A 101 7.08 8.04 -2.72
C TYR A 101 6.28 7.60 -1.49
N ARG A 102 5.81 8.58 -0.73
CA ARG A 102 4.96 8.31 0.43
C ARG A 102 3.67 9.11 0.29
N LEU A 103 2.55 8.40 0.22
CA LEU A 103 1.26 9.04 0.04
C LEU A 103 0.53 9.17 1.38
N VAL A 104 0.42 10.39 1.86
CA VAL A 104 -0.30 10.67 3.09
C VAL A 104 -1.74 11.06 2.78
N GLY A 105 -2.65 10.13 3.02
CA GLY A 105 -4.05 10.36 2.69
C GLY A 105 -4.54 9.34 1.68
N ALA A 106 -5.82 9.03 1.71
CA ALA A 106 -6.39 8.03 0.82
C ALA A 106 -7.73 8.46 0.25
N GLU A 107 -7.75 8.66 -1.07
CA GLU A 107 -8.98 9.02 -1.77
C GLU A 107 -9.60 7.79 -2.43
N ASP A 108 -10.67 8.02 -3.18
CA ASP A 108 -11.35 6.96 -3.90
C ASP A 108 -10.52 6.49 -5.08
N ALA A 109 -10.96 5.39 -5.70
CA ALA A 109 -10.19 4.70 -6.74
C ALA A 109 -9.57 5.63 -7.80
N PRO A 110 -10.38 6.50 -8.46
CA PRO A 110 -9.87 7.33 -9.56
C PRO A 110 -8.73 8.26 -9.13
N GLU A 111 -8.96 9.03 -8.08
CA GLU A 111 -7.96 10.00 -7.62
C GLU A 111 -6.83 9.33 -6.86
N LEU A 112 -7.10 8.14 -6.32
CA LEU A 112 -6.06 7.37 -5.66
C LEU A 112 -5.02 6.93 -6.68
N LEU A 113 -5.50 6.31 -7.75
CA LEU A 113 -4.64 5.89 -8.85
C LEU A 113 -3.91 7.10 -9.45
N LYS A 114 -4.58 8.25 -9.43
CA LYS A 114 -3.98 9.51 -9.89
C LYS A 114 -2.72 9.83 -9.09
N LYS A 115 -2.85 9.75 -7.77
CA LYS A 115 -1.72 10.02 -6.87
C LYS A 115 -0.67 8.93 -6.97
N VAL A 116 -1.11 7.68 -7.11
CA VAL A 116 -0.19 6.56 -7.19
C VAL A 116 0.72 6.68 -8.42
N LYS A 117 0.12 6.87 -9.58
CA LYS A 117 0.89 6.92 -10.82
C LYS A 117 1.80 8.15 -10.88
N LEU A 118 1.22 9.33 -10.69
CA LEU A 118 1.98 10.58 -10.82
C LEU A 118 2.92 10.79 -9.65
N GLY A 119 2.72 10.03 -8.58
CA GLY A 119 3.56 10.16 -7.41
C GLY A 119 4.86 9.38 -7.54
N VAL A 120 4.81 8.27 -8.27
CA VAL A 120 5.98 7.42 -8.43
C VAL A 120 6.94 8.00 -9.47
N GLU A 121 6.40 8.69 -10.46
CA GLU A 121 7.21 9.29 -11.50
C GLU A 121 7.42 10.78 -11.25
N SER A 122 8.69 11.15 -11.02
CA SER A 122 9.10 12.53 -10.80
C SER A 122 8.70 13.01 -9.41
N GLU A 123 9.70 13.23 -8.56
CA GLU A 123 9.47 13.69 -7.20
C GLU A 123 9.52 15.21 -7.11
N GLY A 124 9.85 15.84 -8.22
CA GLY A 124 9.94 17.28 -8.27
C GLY A 124 10.94 17.74 -9.30
#